data_1X4Z
#
_entry.id   1X4Z
#
_entity_poly.entity_id   1
_entity_poly.type   'polypeptide(L)'
_entity_poly.pdbx_seq_one_letter_code
;GSSGSSGSQPDHGRLSPPEAPDRPTISTASETSVYVTWIPRGNGGFPIQSFRVEYKKLKKVGDWILATSAIPPSRLSVEI
TGLEKGISYKFRVRALNMLGESEPSAPSRPYVVSGSGPSSG
;
_entity_poly.pdbx_strand_id   A
#
# COMPACT_ATOMS: atom_id res chain seq x y z
N GLY A 1 -20.96 2.80 16.17
CA GLY A 1 -20.35 1.51 15.90
C GLY A 1 -21.19 0.63 15.01
N SER A 2 -22.48 0.54 15.31
CA SER A 2 -23.40 -0.28 14.53
C SER A 2 -22.73 -1.57 14.07
N SER A 3 -21.96 -2.19 14.97
CA SER A 3 -21.26 -3.42 14.67
C SER A 3 -22.16 -4.39 13.90
N GLY A 4 -21.56 -5.18 13.01
CA GLY A 4 -22.33 -6.13 12.22
C GLY A 4 -21.99 -7.57 12.57
N SER A 5 -21.74 -8.38 11.54
CA SER A 5 -21.42 -9.78 11.74
C SER A 5 -19.97 -9.95 12.21
N SER A 6 -19.06 -9.27 11.52
CA SER A 6 -17.64 -9.34 11.85
C SER A 6 -17.25 -10.75 12.28
N GLY A 7 -17.75 -11.74 11.56
CA GLY A 7 -17.45 -13.13 11.89
C GLY A 7 -16.61 -13.81 10.82
N SER A 8 -15.49 -14.39 11.22
CA SER A 8 -14.61 -15.07 10.29
C SER A 8 -15.05 -16.51 10.08
N GLN A 9 -15.28 -16.87 8.82
CA GLN A 9 -15.70 -18.23 8.48
C GLN A 9 -15.24 -18.61 7.08
N PRO A 10 -15.03 -19.91 6.85
CA PRO A 10 -14.59 -20.44 5.55
C PRO A 10 -15.68 -20.34 4.49
N ASP A 11 -15.61 -19.30 3.67
CA ASP A 11 -16.59 -19.09 2.61
C ASP A 11 -16.54 -20.23 1.59
N HIS A 12 -17.56 -20.28 0.74
CA HIS A 12 -17.63 -21.32 -0.28
C HIS A 12 -17.81 -20.71 -1.67
N GLY A 13 -18.70 -19.73 -1.77
CA GLY A 13 -18.94 -19.08 -3.04
C GLY A 13 -18.80 -17.58 -2.97
N ARG A 14 -19.65 -16.94 -2.16
CA ARG A 14 -19.61 -15.49 -2.00
C ARG A 14 -18.33 -15.06 -1.29
N LEU A 15 -17.29 -14.78 -2.07
CA LEU A 15 -16.01 -14.35 -1.52
C LEU A 15 -16.03 -12.86 -1.19
N SER A 16 -14.88 -12.34 -0.77
CA SER A 16 -14.77 -10.92 -0.43
C SER A 16 -13.40 -10.38 -0.82
N PRO A 17 -13.30 -9.04 -0.91
CA PRO A 17 -12.06 -8.37 -1.28
C PRO A 17 -11.00 -8.47 -0.19
N PRO A 18 -9.76 -8.07 -0.52
CA PRO A 18 -8.63 -8.10 0.41
C PRO A 18 -8.77 -7.07 1.52
N GLU A 19 -8.15 -7.34 2.66
CA GLU A 19 -8.20 -6.43 3.80
C GLU A 19 -6.94 -5.55 3.85
N ALA A 20 -6.99 -4.51 4.68
CA ALA A 20 -5.85 -3.61 4.83
C ALA A 20 -4.64 -4.34 5.39
N PRO A 21 -3.52 -4.28 4.65
CA PRO A 21 -2.27 -4.93 5.05
C PRO A 21 -1.62 -4.26 6.25
N ASP A 22 -0.68 -4.95 6.87
CA ASP A 22 0.02 -4.41 8.03
C ASP A 22 0.55 -3.00 7.74
N ARG A 23 1.14 -2.38 8.75
CA ARG A 23 1.69 -1.04 8.61
C ARG A 23 3.06 -1.08 7.95
N PRO A 24 3.21 -0.36 6.82
CA PRO A 24 4.47 -0.30 6.08
C PRO A 24 5.54 0.47 6.82
N THR A 25 6.79 0.03 6.69
CA THR A 25 7.91 0.68 7.35
C THR A 25 8.59 1.67 6.42
N ILE A 26 9.46 2.51 6.99
CA ILE A 26 10.17 3.52 6.21
C ILE A 26 11.68 3.40 6.43
N SER A 27 12.41 3.28 5.33
CA SER A 27 13.87 3.16 5.39
C SER A 27 14.53 4.15 4.44
N THR A 28 15.81 4.42 4.70
CA THR A 28 16.56 5.37 3.87
C THR A 28 17.05 4.70 2.58
N ALA A 29 16.38 5.01 1.47
CA ALA A 29 16.75 4.43 0.18
C ALA A 29 17.43 5.47 -0.70
N SER A 30 16.95 6.71 -0.64
CA SER A 30 17.52 7.79 -1.43
C SER A 30 17.04 9.15 -0.92
N GLU A 31 17.55 10.22 -1.53
CA GLU A 31 17.19 11.58 -1.12
C GLU A 31 15.85 11.97 -1.74
N THR A 32 15.43 11.24 -2.76
CA THR A 32 14.16 11.52 -3.43
C THR A 32 13.19 10.35 -3.28
N SER A 33 13.66 9.28 -2.65
CA SER A 33 12.82 8.09 -2.45
C SER A 33 13.11 7.46 -1.09
N VAL A 34 12.34 6.43 -0.76
CA VAL A 34 12.51 5.73 0.52
C VAL A 34 12.06 4.28 0.41
N TYR A 35 12.75 3.41 1.13
CA TYR A 35 12.42 1.98 1.11
C TYR A 35 11.23 1.69 2.02
N VAL A 36 10.16 1.15 1.44
CA VAL A 36 8.97 0.81 2.20
C VAL A 36 8.70 -0.69 2.18
N THR A 37 8.46 -1.26 3.36
CA THR A 37 8.18 -2.68 3.47
C THR A 37 6.91 -2.94 4.27
N TRP A 38 5.95 -3.60 3.64
CA TRP A 38 4.68 -3.91 4.30
C TRP A 38 4.48 -5.41 4.41
N ILE A 39 3.45 -5.82 5.14
CA ILE A 39 3.15 -7.24 5.32
C ILE A 39 1.65 -7.49 5.19
N PRO A 40 1.27 -8.11 4.06
CA PRO A 40 -0.14 -8.44 3.78
C PRO A 40 -0.67 -9.54 4.69
N ARG A 41 -1.94 -9.43 5.07
CA ARG A 41 -2.56 -10.41 5.94
C ARG A 41 -3.65 -11.19 5.19
N GLY A 42 -4.75 -10.50 4.88
CA GLY A 42 -5.84 -11.14 4.17
C GLY A 42 -5.90 -10.73 2.72
N ASN A 43 -6.33 -11.65 1.86
CA ASN A 43 -6.44 -11.38 0.43
C ASN A 43 -7.88 -11.46 -0.03
N GLY A 44 -8.80 -11.59 0.92
CA GLY A 44 -10.21 -11.68 0.59
C GLY A 44 -10.62 -13.06 0.11
N GLY A 45 -9.66 -13.98 0.11
CA GLY A 45 -9.94 -15.34 -0.33
C GLY A 45 -9.27 -15.67 -1.66
N PHE A 46 -9.03 -14.65 -2.46
CA PHE A 46 -8.39 -14.83 -3.76
C PHE A 46 -6.95 -14.34 -3.73
N PRO A 47 -6.15 -14.79 -4.72
CA PRO A 47 -4.74 -14.42 -4.83
C PRO A 47 -4.56 -12.95 -5.23
N ILE A 48 -3.91 -12.19 -4.36
CA ILE A 48 -3.67 -10.78 -4.62
C ILE A 48 -3.11 -10.56 -6.02
N GLN A 49 -3.64 -9.55 -6.71
CA GLN A 49 -3.19 -9.24 -8.06
C GLN A 49 -2.09 -8.19 -8.04
N SER A 50 -2.33 -7.10 -7.32
CA SER A 50 -1.36 -6.02 -7.22
C SER A 50 -1.62 -5.16 -5.98
N PHE A 51 -0.59 -4.45 -5.53
CA PHE A 51 -0.70 -3.60 -4.37
C PHE A 51 -0.69 -2.12 -4.76
N ARG A 52 -0.91 -1.25 -3.79
CA ARG A 52 -0.93 0.18 -4.03
C ARG A 52 -0.34 0.94 -2.85
N VAL A 53 0.61 1.83 -3.13
CA VAL A 53 1.26 2.62 -2.09
C VAL A 53 0.92 4.09 -2.24
N GLU A 54 0.35 4.67 -1.18
CA GLU A 54 -0.02 6.08 -1.20
C GLU A 54 0.61 6.83 -0.02
N TYR A 55 0.74 8.14 -0.16
CA TYR A 55 1.34 8.96 0.88
C TYR A 55 0.48 10.20 1.16
N LYS A 56 0.88 10.98 2.17
CA LYS A 56 0.14 12.18 2.52
C LYS A 56 1.10 13.26 3.05
N LYS A 57 0.94 14.48 2.56
CA LYS A 57 1.78 15.59 2.98
C LYS A 57 1.25 16.22 4.26
N LEU A 58 2.08 16.22 5.30
CA LEU A 58 1.69 16.79 6.59
C LEU A 58 1.90 18.31 6.59
N LYS A 59 3.10 18.73 6.26
CA LYS A 59 3.43 20.15 6.21
C LYS A 59 2.57 20.88 5.20
N LYS A 60 2.24 20.20 4.10
CA LYS A 60 1.41 20.78 3.05
C LYS A 60 0.02 20.14 3.03
N VAL A 61 -1.00 20.97 2.84
CA VAL A 61 -2.37 20.48 2.80
C VAL A 61 -2.66 19.75 1.50
N GLY A 62 -3.25 18.55 1.61
CA GLY A 62 -3.57 17.78 0.43
C GLY A 62 -3.84 16.33 0.76
N ASP A 63 -4.97 15.81 0.27
CA ASP A 63 -5.35 14.42 0.51
C ASP A 63 -4.21 13.48 0.14
N TRP A 64 -4.45 12.18 0.32
CA TRP A 64 -3.44 11.17 0.01
C TRP A 64 -3.17 11.12 -1.49
N ILE A 65 -1.92 10.84 -1.86
CA ILE A 65 -1.54 10.76 -3.26
C ILE A 65 -1.10 9.35 -3.63
N LEU A 66 -0.91 9.11 -4.92
CA LEU A 66 -0.48 7.79 -5.41
C LEU A 66 0.99 7.81 -5.79
N ALA A 67 1.78 6.99 -5.11
CA ALA A 67 3.22 6.91 -5.37
C ALA A 67 3.50 5.89 -6.48
N THR A 68 3.35 4.61 -6.16
CA THR A 68 3.60 3.54 -7.11
C THR A 68 2.37 2.66 -7.28
N SER A 69 2.49 1.63 -8.12
CA SER A 69 1.39 0.71 -8.37
C SER A 69 1.84 -0.44 -9.27
N ALA A 70 0.95 -1.41 -9.47
CA ALA A 70 1.25 -2.56 -10.31
C ALA A 70 2.33 -3.43 -9.69
N ILE A 71 2.39 -3.43 -8.36
CA ILE A 71 3.38 -4.23 -7.64
C ILE A 71 2.94 -5.68 -7.52
N PRO A 72 3.89 -6.60 -7.72
CA PRO A 72 3.62 -8.04 -7.63
C PRO A 72 3.35 -8.50 -6.20
N PRO A 73 2.66 -9.64 -6.06
CA PRO A 73 2.33 -10.21 -4.75
C PRO A 73 3.55 -10.73 -4.01
N SER A 74 4.62 -10.99 -4.76
CA SER A 74 5.85 -11.50 -4.17
C SER A 74 6.72 -10.36 -3.65
N ARG A 75 6.41 -9.14 -4.08
CA ARG A 75 7.16 -7.97 -3.66
C ARG A 75 6.45 -7.25 -2.51
N LEU A 76 6.93 -7.47 -1.29
CA LEU A 76 6.34 -6.85 -0.11
C LEU A 76 7.13 -5.61 0.29
N SER A 77 8.09 -5.22 -0.54
CA SER A 77 8.92 -4.06 -0.25
C SER A 77 9.38 -3.39 -1.55
N VAL A 78 9.23 -2.07 -1.62
CA VAL A 78 9.63 -1.32 -2.81
C VAL A 78 10.13 0.07 -2.42
N GLU A 79 10.82 0.72 -3.36
CA GLU A 79 11.36 2.05 -3.12
C GLU A 79 10.44 3.12 -3.71
N ILE A 80 9.80 3.89 -2.83
CA ILE A 80 8.89 4.94 -3.27
C ILE A 80 9.66 6.18 -3.71
N THR A 81 9.78 6.36 -5.02
CA THR A 81 10.50 7.50 -5.59
C THR A 81 9.53 8.60 -6.01
N GLY A 82 10.06 9.80 -6.23
CA GLY A 82 9.23 10.91 -6.64
C GLY A 82 8.69 11.70 -5.46
N LEU A 83 9.51 11.85 -4.42
CA LEU A 83 9.12 12.58 -3.23
C LEU A 83 9.79 13.95 -3.19
N GLU A 84 9.33 14.80 -2.28
CA GLU A 84 9.89 16.14 -2.13
C GLU A 84 10.60 16.29 -0.79
N LYS A 85 11.86 16.71 -0.85
CA LYS A 85 12.67 16.89 0.35
C LYS A 85 12.09 18.00 1.22
N GLY A 86 12.38 17.93 2.52
CA GLY A 86 11.88 18.94 3.44
C GLY A 86 10.38 18.88 3.62
N ILE A 87 9.77 17.81 3.10
CA ILE A 87 8.33 17.64 3.20
C ILE A 87 7.98 16.34 3.90
N SER A 88 7.49 16.44 5.13
CA SER A 88 7.12 15.27 5.92
C SER A 88 5.83 14.65 5.39
N TYR A 89 5.79 13.32 5.37
CA TYR A 89 4.62 12.60 4.88
C TYR A 89 4.65 11.15 5.33
N LYS A 90 3.51 10.48 5.24
CA LYS A 90 3.40 9.08 5.63
C LYS A 90 3.22 8.18 4.41
N PHE A 91 3.01 6.89 4.66
CA PHE A 91 2.82 5.93 3.58
C PHE A 91 1.83 4.85 3.97
N ARG A 92 1.26 4.18 2.97
CA ARG A 92 0.28 3.12 3.22
C ARG A 92 0.33 2.08 2.11
N VAL A 93 -0.43 1.00 2.30
CA VAL A 93 -0.49 -0.07 1.31
C VAL A 93 -1.91 -0.59 1.13
N ARG A 94 -2.26 -0.92 -0.12
CA ARG A 94 -3.60 -1.41 -0.43
C ARG A 94 -3.52 -2.65 -1.31
N ALA A 95 -4.42 -3.60 -1.08
CA ALA A 95 -4.45 -4.83 -1.85
C ALA A 95 -5.60 -4.81 -2.86
N LEU A 96 -5.27 -5.11 -4.11
CA LEU A 96 -6.27 -5.12 -5.18
C LEU A 96 -6.32 -6.49 -5.86
N ASN A 97 -7.48 -7.14 -5.77
CA ASN A 97 -7.66 -8.46 -6.38
C ASN A 97 -8.83 -8.44 -7.36
N MET A 98 -9.17 -9.62 -7.89
CA MET A 98 -10.27 -9.75 -8.83
C MET A 98 -11.61 -9.45 -8.16
N LEU A 99 -11.56 -9.19 -6.85
CA LEU A 99 -12.77 -8.90 -6.09
C LEU A 99 -12.86 -7.41 -5.78
N GLY A 100 -11.72 -6.74 -5.73
CA GLY A 100 -11.70 -5.31 -5.45
C GLY A 100 -10.45 -4.89 -4.70
N GLU A 101 -10.48 -3.69 -4.15
CA GLU A 101 -9.35 -3.16 -3.39
C GLU A 101 -9.58 -3.30 -1.90
N SER A 102 -8.49 -3.32 -1.13
CA SER A 102 -8.57 -3.44 0.33
C SER A 102 -8.61 -2.08 0.99
N GLU A 103 -8.77 -2.06 2.31
CA GLU A 103 -8.83 -0.82 3.07
C GLU A 103 -7.44 -0.21 3.19
N PRO A 104 -7.41 1.11 3.47
CA PRO A 104 -6.15 1.85 3.61
C PRO A 104 -5.39 1.45 4.88
N SER A 105 -4.28 0.73 4.70
CA SER A 105 -3.47 0.28 5.82
C SER A 105 -3.12 1.45 6.73
N ALA A 106 -2.90 1.15 8.01
CA ALA A 106 -2.55 2.18 8.99
C ALA A 106 -1.43 3.07 8.47
N PRO A 107 -1.57 4.38 8.71
CA PRO A 107 -0.57 5.37 8.27
C PRO A 107 0.73 5.26 9.06
N SER A 108 1.75 4.71 8.41
CA SER A 108 3.06 4.55 9.04
C SER A 108 3.53 5.86 9.65
N ARG A 109 4.63 5.80 10.40
CA ARG A 109 5.19 6.97 11.05
C ARG A 109 5.63 8.00 10.00
N PRO A 110 5.59 9.29 10.38
CA PRO A 110 5.98 10.38 9.49
C PRO A 110 7.48 10.41 9.23
N TYR A 111 7.86 10.30 7.97
CA TYR A 111 9.27 10.31 7.58
C TYR A 111 9.62 11.58 6.82
N VAL A 112 10.56 12.35 7.37
CA VAL A 112 10.99 13.60 6.75
C VAL A 112 12.18 13.37 5.81
N VAL A 113 11.91 13.35 4.52
CA VAL A 113 12.95 13.14 3.52
C VAL A 113 13.89 14.34 3.44
N SER A 114 15.09 14.19 3.97
CA SER A 114 16.08 15.26 3.96
C SER A 114 17.10 15.05 2.86
N GLY A 115 17.69 13.86 2.81
CA GLY A 115 18.67 13.55 1.80
C GLY A 115 18.96 12.06 1.71
N SER A 116 20.19 11.73 1.31
CA SER A 116 20.60 10.33 1.18
C SER A 116 21.11 9.78 2.51
N GLY A 117 20.40 10.10 3.59
CA GLY A 117 20.81 9.64 4.91
C GLY A 117 22.25 9.98 5.22
N PRO A 118 22.89 9.16 6.08
CA PRO A 118 24.27 9.38 6.48
C PRO A 118 25.26 9.12 5.35
N SER A 119 26.55 9.05 5.68
CA SER A 119 27.58 8.81 4.69
C SER A 119 28.58 7.77 5.18
N SER A 120 29.46 7.33 4.30
CA SER A 120 30.47 6.34 4.64
C SER A 120 31.76 7.01 5.08
N GLY A 121 32.14 8.08 4.38
CA GLY A 121 33.36 8.79 4.72
C GLY A 121 33.92 9.56 3.53
N GLY A 1 -45.46 -10.56 3.90
CA GLY A 1 -44.47 -10.49 2.84
C GLY A 1 -43.42 -9.43 3.10
N SER A 2 -43.16 -8.60 2.10
CA SER A 2 -42.17 -7.53 2.22
C SER A 2 -40.88 -8.08 2.83
N SER A 3 -40.48 -9.26 2.39
CA SER A 3 -39.27 -9.90 2.90
C SER A 3 -38.11 -9.70 1.92
N GLY A 4 -36.90 -10.00 2.38
CA GLY A 4 -35.73 -9.85 1.54
C GLY A 4 -35.29 -11.16 0.92
N SER A 5 -33.98 -11.40 0.91
CA SER A 5 -33.44 -12.62 0.33
C SER A 5 -32.18 -13.06 1.08
N SER A 6 -32.30 -14.12 1.88
CA SER A 6 -31.19 -14.63 2.65
C SER A 6 -30.90 -16.09 2.29
N GLY A 7 -29.62 -16.42 2.19
CA GLY A 7 -29.22 -17.78 1.86
C GLY A 7 -27.73 -17.94 1.73
N SER A 8 -27.08 -16.95 1.09
CA SER A 8 -25.64 -16.99 0.90
C SER A 8 -24.93 -17.49 2.15
N GLN A 9 -24.06 -18.49 1.98
CA GLN A 9 -23.33 -19.06 3.10
C GLN A 9 -21.83 -18.94 2.87
N PRO A 10 -21.08 -18.75 3.98
CA PRO A 10 -19.62 -18.62 3.92
C PRO A 10 -18.92 -19.93 3.55
N ASP A 11 -18.61 -20.08 2.27
CA ASP A 11 -17.93 -21.27 1.79
C ASP A 11 -17.56 -21.13 0.31
N HIS A 12 -16.99 -22.19 -0.25
CA HIS A 12 -16.59 -22.19 -1.65
C HIS A 12 -17.63 -21.49 -2.51
N GLY A 13 -17.42 -20.22 -2.80
CA GLY A 13 -18.35 -19.46 -3.61
C GLY A 13 -18.35 -17.99 -3.27
N ARG A 14 -19.17 -17.59 -2.31
CA ARG A 14 -19.26 -16.19 -1.90
C ARG A 14 -17.96 -15.73 -1.24
N LEU A 15 -17.05 -15.20 -2.05
CA LEU A 15 -15.76 -14.73 -1.53
C LEU A 15 -15.84 -13.24 -1.19
N SER A 16 -14.70 -12.67 -0.80
CA SER A 16 -14.63 -11.26 -0.44
C SER A 16 -13.27 -10.67 -0.83
N PRO A 17 -13.21 -9.34 -0.90
CA PRO A 17 -11.98 -8.62 -1.26
C PRO A 17 -10.93 -8.70 -0.16
N PRO A 18 -9.71 -8.25 -0.46
CA PRO A 18 -8.60 -8.26 0.49
C PRO A 18 -8.78 -7.24 1.61
N GLU A 19 -8.13 -7.49 2.74
CA GLU A 19 -8.22 -6.59 3.89
C GLU A 19 -7.00 -5.68 3.97
N ALA A 20 -7.10 -4.65 4.80
CA ALA A 20 -6.00 -3.70 4.97
C ALA A 20 -4.75 -4.39 5.46
N PRO A 21 -3.66 -4.28 4.68
CA PRO A 21 -2.37 -4.90 5.02
C PRO A 21 -1.70 -4.23 6.22
N ASP A 22 -0.74 -4.92 6.81
CA ASP A 22 -0.02 -4.40 7.97
C ASP A 22 0.51 -2.99 7.68
N ARG A 23 1.08 -2.37 8.71
CA ARG A 23 1.63 -1.02 8.57
C ARG A 23 3.00 -1.05 7.90
N PRO A 24 3.12 -0.31 6.78
CA PRO A 24 4.37 -0.24 6.03
C PRO A 24 5.46 0.53 6.77
N THR A 25 6.71 0.07 6.64
CA THR A 25 7.83 0.72 7.31
C THR A 25 8.51 1.72 6.39
N ILE A 26 9.34 2.57 6.97
CA ILE A 26 10.06 3.59 6.19
C ILE A 26 11.56 3.48 6.42
N SER A 27 12.29 3.24 5.34
CA SER A 27 13.75 3.11 5.40
C SER A 27 14.42 4.11 4.48
N THR A 28 15.70 4.36 4.72
CA THR A 28 16.47 5.30 3.90
C THR A 28 16.98 4.63 2.63
N ALA A 29 16.29 4.85 1.52
CA ALA A 29 16.67 4.28 0.25
C ALA A 29 17.44 5.28 -0.59
N SER A 30 16.97 6.53 -0.60
CA SER A 30 17.61 7.58 -1.37
C SER A 30 17.19 8.96 -0.86
N GLU A 31 17.68 10.00 -1.52
CA GLU A 31 17.35 11.37 -1.13
C GLU A 31 16.04 11.81 -1.76
N THR A 32 15.57 11.05 -2.74
CA THR A 32 14.31 11.37 -3.42
C THR A 32 13.33 10.22 -3.30
N SER A 33 13.75 9.14 -2.64
CA SER A 33 12.89 7.97 -2.46
C SER A 33 13.17 7.31 -1.11
N VAL A 34 12.33 6.34 -0.77
CA VAL A 34 12.49 5.62 0.49
C VAL A 34 12.02 4.17 0.36
N TYR A 35 12.67 3.29 1.11
CA TYR A 35 12.34 1.87 1.07
C TYR A 35 11.15 1.57 1.98
N VAL A 36 10.04 1.18 1.38
CA VAL A 36 8.83 0.85 2.13
C VAL A 36 8.55 -0.65 2.12
N THR A 37 8.35 -1.21 3.32
CA THR A 37 8.09 -2.64 3.45
C THR A 37 6.81 -2.89 4.24
N TRP A 38 5.87 -3.59 3.62
CA TRP A 38 4.59 -3.90 4.25
C TRP A 38 4.38 -5.40 4.35
N ILE A 39 3.35 -5.80 5.08
CA ILE A 39 3.03 -7.22 5.24
C ILE A 39 1.54 -7.48 5.10
N PRO A 40 1.14 -8.06 3.97
CA PRO A 40 -0.27 -8.37 3.69
C PRO A 40 -0.80 -9.50 4.57
N ARG A 41 -1.96 -9.25 5.19
CA ARG A 41 -2.57 -10.24 6.06
C ARG A 41 -3.60 -11.08 5.30
N GLY A 42 -4.70 -10.45 4.92
CA GLY A 42 -5.74 -11.16 4.18
C GLY A 42 -5.83 -10.72 2.74
N ASN A 43 -6.16 -11.65 1.85
CA ASN A 43 -6.29 -11.34 0.43
C ASN A 43 -7.73 -11.48 -0.04
N GLY A 44 -8.64 -11.67 0.91
CA GLY A 44 -10.04 -11.81 0.58
C GLY A 44 -10.39 -13.20 0.11
N GLY A 45 -9.38 -14.07 0.03
CA GLY A 45 -9.62 -15.44 -0.42
C GLY A 45 -8.94 -15.73 -1.75
N PHE A 46 -8.70 -14.69 -2.53
CA PHE A 46 -8.06 -14.84 -3.83
C PHE A 46 -6.63 -14.29 -3.81
N PRO A 47 -5.83 -14.70 -4.80
CA PRO A 47 -4.43 -14.26 -4.91
C PRO A 47 -4.30 -12.79 -5.28
N ILE A 48 -3.73 -12.00 -4.38
CA ILE A 48 -3.55 -10.57 -4.61
C ILE A 48 -2.98 -10.32 -6.00
N GLN A 49 -3.67 -9.48 -6.77
CA GLN A 49 -3.23 -9.15 -8.12
C GLN A 49 -2.13 -8.08 -8.10
N SER A 50 -2.41 -6.99 -7.39
CA SER A 50 -1.45 -5.89 -7.28
C SER A 50 -1.71 -5.06 -6.03
N PHE A 51 -0.71 -4.28 -5.63
CA PHE A 51 -0.82 -3.44 -4.44
C PHE A 51 -0.87 -1.96 -4.83
N ARG A 52 -1.01 -1.10 -3.82
CA ARG A 52 -1.07 0.34 -4.05
C ARG A 52 -0.49 1.11 -2.87
N VAL A 53 0.50 1.95 -3.13
CA VAL A 53 1.13 2.75 -2.09
C VAL A 53 0.77 4.22 -2.22
N GLU A 54 0.26 4.81 -1.14
CA GLU A 54 -0.13 6.20 -1.14
C GLU A 54 0.59 6.96 -0.02
N TYR A 55 0.74 8.27 -0.20
CA TYR A 55 1.40 9.11 0.79
C TYR A 55 0.58 10.36 1.09
N LYS A 56 0.84 10.97 2.24
CA LYS A 56 0.12 12.18 2.64
C LYS A 56 1.10 13.24 3.14
N LYS A 57 1.00 14.45 2.56
CA LYS A 57 1.86 15.54 2.94
C LYS A 57 1.36 16.22 4.22
N LEU A 58 2.16 16.14 5.28
CA LEU A 58 1.81 16.75 6.56
C LEU A 58 2.06 18.25 6.54
N LYS A 59 3.33 18.63 6.53
CA LYS A 59 3.70 20.04 6.51
C LYS A 59 2.77 20.84 5.61
N LYS A 60 2.86 20.58 4.31
CA LYS A 60 2.02 21.27 3.33
C LYS A 60 0.62 20.66 3.28
N VAL A 61 -0.38 21.52 3.18
CA VAL A 61 -1.77 21.06 3.13
C VAL A 61 -2.02 20.22 1.89
N GLY A 62 -2.65 19.06 2.08
CA GLY A 62 -2.94 18.18 0.97
C GLY A 62 -3.39 16.80 1.42
N ASP A 63 -4.25 16.17 0.62
CA ASP A 63 -4.76 14.85 0.95
C ASP A 63 -3.79 13.77 0.49
N TRP A 64 -4.19 12.51 0.65
CA TRP A 64 -3.35 11.39 0.25
C TRP A 64 -3.12 11.39 -1.26
N ILE A 65 -2.01 10.78 -1.69
CA ILE A 65 -1.67 10.72 -3.10
C ILE A 65 -1.18 9.32 -3.48
N LEU A 66 -1.10 9.07 -4.79
CA LEU A 66 -0.65 7.78 -5.29
C LEU A 66 0.82 7.82 -5.67
N ALA A 67 1.60 6.90 -5.12
CA ALA A 67 3.03 6.84 -5.39
C ALA A 67 3.33 5.83 -6.51
N THR A 68 3.16 4.55 -6.19
CA THR A 68 3.41 3.49 -7.16
C THR A 68 2.23 2.51 -7.21
N SER A 69 2.20 1.69 -8.26
CA SER A 69 1.15 0.71 -8.43
C SER A 69 1.59 -0.43 -9.35
N ALA A 70 0.75 -1.45 -9.46
CA ALA A 70 1.07 -2.61 -10.30
C ALA A 70 2.16 -3.46 -9.68
N ILE A 71 2.26 -3.42 -8.35
CA ILE A 71 3.28 -4.18 -7.64
C ILE A 71 2.87 -5.66 -7.52
N PRO A 72 3.84 -6.55 -7.72
CA PRO A 72 3.62 -7.99 -7.64
C PRO A 72 3.34 -8.46 -6.21
N PRO A 73 2.64 -9.61 -6.09
CA PRO A 73 2.30 -10.18 -4.79
C PRO A 73 3.52 -10.73 -4.05
N SER A 74 4.58 -11.02 -4.80
CA SER A 74 5.81 -11.55 -4.22
C SER A 74 6.68 -10.42 -3.67
N ARG A 75 6.35 -9.20 -4.04
CA ARG A 75 7.09 -8.03 -3.59
C ARG A 75 6.37 -7.33 -2.44
N LEU A 76 6.90 -7.48 -1.24
CA LEU A 76 6.31 -6.86 -0.06
C LEU A 76 7.08 -5.62 0.35
N SER A 77 8.03 -5.22 -0.49
CA SER A 77 8.85 -4.03 -0.21
C SER A 77 9.32 -3.40 -1.51
N VAL A 78 9.16 -2.08 -1.61
CA VAL A 78 9.58 -1.34 -2.80
C VAL A 78 10.12 0.03 -2.42
N GLU A 79 10.75 0.69 -3.39
CA GLU A 79 11.31 2.02 -3.17
C GLU A 79 10.44 3.09 -3.82
N ILE A 80 9.78 3.89 -2.99
CA ILE A 80 8.92 4.96 -3.49
C ILE A 80 9.73 6.19 -3.87
N THR A 81 9.91 6.39 -5.18
CA THR A 81 10.67 7.53 -5.68
C THR A 81 9.74 8.66 -6.10
N GLY A 82 10.31 9.84 -6.29
CA GLY A 82 9.51 10.99 -6.70
C GLY A 82 8.96 11.76 -5.52
N LEU A 83 9.76 11.89 -4.46
CA LEU A 83 9.34 12.60 -3.26
C LEU A 83 9.96 14.00 -3.21
N GLU A 84 9.52 14.80 -2.25
CA GLU A 84 10.03 16.16 -2.09
C GLU A 84 10.78 16.30 -0.77
N LYS A 85 12.01 16.80 -0.84
CA LYS A 85 12.82 16.99 0.36
C LYS A 85 12.27 18.12 1.23
N GLY A 86 12.50 18.03 2.53
CA GLY A 86 12.02 19.05 3.44
C GLY A 86 10.52 18.98 3.65
N ILE A 87 9.90 17.91 3.16
CA ILE A 87 8.47 17.73 3.29
C ILE A 87 8.13 16.41 3.98
N SER A 88 7.55 16.49 5.16
CA SER A 88 7.18 15.30 5.92
C SER A 88 5.90 14.69 5.38
N TYR A 89 5.87 13.37 5.28
CA TYR A 89 4.71 12.66 4.78
C TYR A 89 4.71 11.21 5.24
N LYS A 90 3.55 10.56 5.17
CA LYS A 90 3.41 9.18 5.58
C LYS A 90 3.24 8.26 4.37
N PHE A 91 3.00 6.98 4.62
CA PHE A 91 2.82 6.02 3.55
C PHE A 91 1.81 4.95 3.95
N ARG A 92 1.22 4.28 2.96
CA ARG A 92 0.23 3.24 3.21
C ARG A 92 0.27 2.18 2.11
N VAL A 93 -0.53 1.14 2.28
CA VAL A 93 -0.59 0.05 1.31
C VAL A 93 -2.01 -0.46 1.13
N ARG A 94 -2.34 -0.88 -0.09
CA ARG A 94 -3.67 -1.40 -0.39
C ARG A 94 -3.59 -2.65 -1.24
N ALA A 95 -4.46 -3.61 -0.95
CA ALA A 95 -4.49 -4.86 -1.69
C ALA A 95 -5.61 -4.87 -2.73
N LEU A 96 -5.25 -5.10 -3.98
CA LEU A 96 -6.23 -5.13 -5.06
C LEU A 96 -6.25 -6.49 -5.75
N ASN A 97 -7.40 -7.15 -5.70
CA ASN A 97 -7.55 -8.47 -6.31
C ASN A 97 -8.70 -8.47 -7.32
N MET A 98 -9.01 -9.65 -7.86
CA MET A 98 -10.08 -9.78 -8.83
C MET A 98 -11.44 -9.55 -8.18
N LEU A 99 -11.43 -9.29 -6.88
CA LEU A 99 -12.67 -9.04 -6.14
C LEU A 99 -12.79 -7.56 -5.77
N GLY A 100 -11.66 -6.87 -5.72
CA GLY A 100 -11.68 -5.46 -5.37
C GLY A 100 -10.45 -5.04 -4.59
N GLU A 101 -10.49 -3.82 -4.04
CA GLU A 101 -9.37 -3.30 -3.26
C GLU A 101 -9.64 -3.44 -1.77
N SER A 102 -8.57 -3.44 -0.98
CA SER A 102 -8.69 -3.57 0.47
C SER A 102 -8.72 -2.19 1.13
N GLU A 103 -8.92 -2.18 2.45
CA GLU A 103 -8.97 -0.93 3.19
C GLU A 103 -7.59 -0.28 3.27
N PRO A 104 -7.58 1.02 3.57
CA PRO A 104 -6.33 1.79 3.68
C PRO A 104 -5.51 1.40 4.90
N SER A 105 -4.37 0.77 4.67
CA SER A 105 -3.49 0.35 5.75
C SER A 105 -3.17 1.52 6.68
N ALA A 106 -2.94 1.20 7.96
CA ALA A 106 -2.61 2.22 8.94
C ALA A 106 -1.54 3.18 8.42
N PRO A 107 -1.70 4.47 8.73
CA PRO A 107 -0.76 5.51 8.30
C PRO A 107 0.58 5.39 9.01
N SER A 108 1.53 4.71 8.38
CA SER A 108 2.86 4.53 8.96
C SER A 108 3.38 5.83 9.56
N ARG A 109 4.42 5.73 10.37
CA ARG A 109 5.01 6.91 11.01
C ARG A 109 5.50 7.91 9.97
N PRO A 110 5.49 9.19 10.35
CA PRO A 110 5.93 10.27 9.46
C PRO A 110 7.43 10.26 9.22
N TYR A 111 7.83 10.44 7.96
CA TYR A 111 9.24 10.44 7.61
C TYR A 111 9.62 11.73 6.88
N VAL A 112 10.65 12.40 7.38
CA VAL A 112 11.11 13.65 6.78
C VAL A 112 12.31 13.41 5.87
N VAL A 113 12.08 13.43 4.56
CA VAL A 113 13.14 13.22 3.58
C VAL A 113 14.08 14.42 3.53
N SER A 114 15.28 14.24 4.06
CA SER A 114 16.27 15.31 4.07
C SER A 114 17.34 15.07 3.01
N GLY A 115 17.91 13.88 3.01
CA GLY A 115 18.95 13.55 2.05
C GLY A 115 19.37 12.10 2.12
N SER A 116 20.66 11.89 2.36
CA SER A 116 21.21 10.54 2.45
C SER A 116 21.31 10.09 3.91
N GLY A 117 20.20 10.24 4.64
CA GLY A 117 20.19 9.85 6.03
C GLY A 117 20.46 11.01 6.97
N PRO A 118 20.56 10.72 8.27
CA PRO A 118 20.82 11.74 9.30
C PRO A 118 22.22 12.30 9.21
N SER A 119 22.38 13.41 8.51
CA SER A 119 23.69 14.05 8.36
C SER A 119 24.52 13.90 9.63
N SER A 120 25.46 12.97 9.61
CA SER A 120 26.32 12.73 10.76
C SER A 120 27.78 13.02 10.42
N GLY A 121 28.28 14.14 10.91
CA GLY A 121 29.65 14.52 10.66
C GLY A 121 30.64 13.64 11.39
N GLY A 1 -37.34 -31.16 -1.64
CA GLY A 1 -36.86 -29.96 -2.31
C GLY A 1 -36.93 -28.73 -1.43
N SER A 2 -36.13 -28.71 -0.38
CA SER A 2 -36.11 -27.58 0.55
C SER A 2 -34.70 -27.03 0.71
N SER A 3 -34.61 -25.83 1.27
CA SER A 3 -33.32 -25.18 1.48
C SER A 3 -32.39 -26.08 2.30
N GLY A 4 -31.14 -26.18 1.86
CA GLY A 4 -30.17 -27.01 2.56
C GLY A 4 -29.40 -26.23 3.61
N SER A 5 -29.69 -26.49 4.88
CA SER A 5 -29.02 -25.81 5.97
C SER A 5 -27.95 -26.70 6.60
N SER A 6 -28.30 -27.97 6.83
CA SER A 6 -27.38 -28.91 7.42
C SER A 6 -25.96 -28.70 6.89
N GLY A 7 -25.80 -28.89 5.58
CA GLY A 7 -24.49 -28.71 4.97
C GLY A 7 -24.28 -27.30 4.45
N SER A 8 -23.19 -26.68 4.87
CA SER A 8 -22.87 -25.32 4.44
C SER A 8 -22.14 -25.33 3.10
N GLN A 9 -22.10 -24.17 2.45
CA GLN A 9 -21.43 -24.05 1.15
C GLN A 9 -19.91 -24.00 1.33
N PRO A 10 -19.18 -24.47 0.32
CA PRO A 10 -17.72 -24.49 0.34
C PRO A 10 -17.11 -23.09 0.25
N ASP A 11 -15.80 -23.03 0.07
CA ASP A 11 -15.10 -21.75 -0.03
C ASP A 11 -15.50 -21.02 -1.32
N HIS A 12 -15.15 -21.60 -2.46
CA HIS A 12 -15.48 -21.00 -3.75
C HIS A 12 -16.93 -20.53 -3.78
N GLY A 13 -17.12 -19.23 -4.00
CA GLY A 13 -18.46 -18.68 -4.05
C GLY A 13 -18.51 -17.24 -3.57
N ARG A 14 -19.38 -16.97 -2.60
CA ARG A 14 -19.52 -15.63 -2.05
C ARG A 14 -18.26 -15.20 -1.31
N LEU A 15 -17.25 -14.78 -2.07
CA LEU A 15 -15.98 -14.35 -1.48
C LEU A 15 -16.00 -12.86 -1.19
N SER A 16 -14.87 -12.33 -0.73
CA SER A 16 -14.76 -10.91 -0.40
C SER A 16 -13.39 -10.36 -0.81
N PRO A 17 -13.30 -9.03 -0.92
CA PRO A 17 -12.06 -8.35 -1.31
C PRO A 17 -11.00 -8.43 -0.21
N PRO A 18 -9.76 -8.02 -0.55
CA PRO A 18 -8.64 -8.04 0.39
C PRO A 18 -8.79 -6.99 1.49
N GLU A 19 -8.14 -7.23 2.62
CA GLU A 19 -8.20 -6.31 3.75
C GLU A 19 -6.94 -5.44 3.81
N ALA A 20 -6.97 -4.45 4.70
CA ALA A 20 -5.83 -3.55 4.86
C ALA A 20 -4.62 -4.29 5.42
N PRO A 21 -3.51 -4.26 4.66
CA PRO A 21 -2.26 -4.93 5.06
C PRO A 21 -1.59 -4.24 6.24
N ASP A 22 -0.65 -4.94 6.85
CA ASP A 22 0.08 -4.39 8.00
C ASP A 22 0.61 -3.00 7.70
N ARG A 23 1.17 -2.35 8.71
CA ARG A 23 1.71 -1.01 8.55
C ARG A 23 3.09 -1.05 7.90
N PRO A 24 3.24 -0.32 6.78
CA PRO A 24 4.50 -0.26 6.04
C PRO A 24 5.57 0.51 6.79
N THR A 25 6.83 0.07 6.64
CA THR A 25 7.95 0.72 7.31
C THR A 25 8.65 1.70 6.38
N ILE A 26 9.51 2.54 6.96
CA ILE A 26 10.25 3.52 6.17
C ILE A 26 11.75 3.38 6.39
N SER A 27 12.51 3.33 5.30
CA SER A 27 13.95 3.19 5.37
C SER A 27 14.64 4.20 4.45
N THR A 28 15.97 4.27 4.54
CA THR A 28 16.74 5.18 3.71
C THR A 28 17.19 4.52 2.42
N ALA A 29 16.54 4.88 1.31
CA ALA A 29 16.87 4.31 0.02
C ALA A 29 17.57 5.34 -0.87
N SER A 30 17.13 6.60 -0.78
CA SER A 30 17.71 7.68 -1.57
C SER A 30 17.32 9.03 -1.00
N GLU A 31 17.74 10.10 -1.69
CA GLU A 31 17.45 11.45 -1.24
C GLU A 31 16.07 11.89 -1.74
N THR A 32 15.54 11.18 -2.72
CA THR A 32 14.23 11.49 -3.28
C THR A 32 13.28 10.30 -3.16
N SER A 33 13.77 9.22 -2.57
CA SER A 33 12.96 8.01 -2.40
C SER A 33 13.30 7.32 -1.10
N VAL A 34 12.44 6.40 -0.67
CA VAL A 34 12.66 5.66 0.56
C VAL A 34 12.16 4.23 0.44
N TYR A 35 12.86 3.30 1.09
CA TYR A 35 12.49 1.89 1.04
C TYR A 35 11.32 1.60 1.97
N VAL A 36 10.21 1.12 1.39
CA VAL A 36 9.02 0.81 2.17
C VAL A 36 8.74 -0.70 2.15
N THR A 37 8.49 -1.26 3.33
CA THR A 37 8.21 -2.68 3.45
C THR A 37 6.93 -2.92 4.26
N TRP A 38 5.98 -3.63 3.64
CA TRP A 38 4.72 -3.93 4.29
C TRP A 38 4.48 -5.44 4.36
N ILE A 39 3.47 -5.84 5.12
CA ILE A 39 3.14 -7.25 5.26
C ILE A 39 1.63 -7.48 5.13
N PRO A 40 1.22 -8.08 4.01
CA PRO A 40 -0.19 -8.37 3.75
C PRO A 40 -0.75 -9.46 4.65
N ARG A 41 -1.97 -9.28 5.11
CA ARG A 41 -2.62 -10.26 5.99
C ARG A 41 -3.71 -11.03 5.24
N GLY A 42 -4.80 -10.35 4.92
CA GLY A 42 -5.89 -10.98 4.20
C GLY A 42 -5.97 -10.54 2.76
N ASN A 43 -6.31 -11.48 1.88
CA ASN A 43 -6.44 -11.18 0.46
C ASN A 43 -7.88 -11.27 -0.01
N GLY A 44 -8.80 -11.45 0.95
CA GLY A 44 -10.21 -11.56 0.62
C GLY A 44 -10.60 -12.95 0.19
N GLY A 45 -9.62 -13.85 0.14
CA GLY A 45 -9.89 -15.21 -0.27
C GLY A 45 -9.21 -15.57 -1.59
N PHE A 46 -8.95 -14.55 -2.40
CA PHE A 46 -8.31 -14.77 -3.70
C PHE A 46 -6.87 -14.27 -3.68
N PRO A 47 -6.07 -14.73 -4.65
CA PRO A 47 -4.66 -14.34 -4.77
C PRO A 47 -4.49 -12.89 -5.20
N ILE A 48 -3.88 -12.09 -4.32
CA ILE A 48 -3.66 -10.68 -4.61
C ILE A 48 -3.13 -10.48 -6.02
N GLN A 49 -3.69 -9.50 -6.72
CA GLN A 49 -3.27 -9.21 -8.08
C GLN A 49 -2.16 -8.15 -8.11
N SER A 50 -2.37 -7.09 -7.34
CA SER A 50 -1.39 -6.01 -7.27
C SER A 50 -1.64 -5.13 -6.04
N PHE A 51 -0.60 -4.41 -5.62
CA PHE A 51 -0.71 -3.54 -4.45
C PHE A 51 -0.68 -2.07 -4.87
N ARG A 52 -0.97 -1.19 -3.92
CA ARG A 52 -0.99 0.24 -4.20
C ARG A 52 -0.48 1.04 -2.99
N VAL A 53 0.60 1.80 -3.20
CA VAL A 53 1.19 2.60 -2.14
C VAL A 53 0.81 4.08 -2.29
N GLU A 54 0.40 4.69 -1.19
CA GLU A 54 0.02 6.09 -1.20
C GLU A 54 0.70 6.85 -0.07
N TYR A 55 0.75 8.17 -0.20
CA TYR A 55 1.38 9.01 0.81
C TYR A 55 0.59 10.32 1.00
N LYS A 56 0.53 10.78 2.25
CA LYS A 56 -0.18 12.01 2.56
C LYS A 56 0.77 13.06 3.13
N LYS A 57 0.66 14.28 2.62
CA LYS A 57 1.51 15.38 3.07
C LYS A 57 1.01 15.95 4.39
N LEU A 58 1.89 15.97 5.39
CA LEU A 58 1.54 16.50 6.71
C LEU A 58 1.71 18.01 6.76
N LYS A 59 2.94 18.46 6.55
CA LYS A 59 3.25 19.89 6.57
C LYS A 59 2.32 20.65 5.62
N LYS A 60 2.18 20.14 4.40
CA LYS A 60 1.33 20.77 3.40
C LYS A 60 -0.09 20.20 3.45
N VAL A 61 -1.05 20.97 2.96
CA VAL A 61 -2.44 20.55 2.94
C VAL A 61 -2.79 19.87 1.61
N GLY A 62 -3.14 18.60 1.69
CA GLY A 62 -3.50 17.85 0.49
C GLY A 62 -3.82 16.40 0.78
N ASP A 63 -4.95 15.93 0.25
CA ASP A 63 -5.38 14.55 0.45
C ASP A 63 -4.25 13.58 0.11
N TRP A 64 -4.50 12.29 0.32
CA TRP A 64 -3.52 11.26 0.02
C TRP A 64 -3.15 11.26 -1.46
N ILE A 65 -1.93 10.83 -1.75
CA ILE A 65 -1.46 10.78 -3.14
C ILE A 65 -1.00 9.38 -3.50
N LEU A 66 -1.01 9.08 -4.80
CA LEU A 66 -0.60 7.76 -5.29
C LEU A 66 0.90 7.75 -5.59
N ALA A 67 1.62 6.86 -4.92
CA ALA A 67 3.06 6.74 -5.12
C ALA A 67 3.38 5.73 -6.22
N THR A 68 2.94 4.49 -6.03
CA THR A 68 3.18 3.45 -7.02
C THR A 68 2.04 2.44 -7.04
N SER A 69 2.09 1.50 -7.98
CA SER A 69 1.05 0.48 -8.10
C SER A 69 1.50 -0.63 -9.05
N ALA A 70 0.66 -1.64 -9.20
CA ALA A 70 0.96 -2.77 -10.07
C ALA A 70 2.09 -3.62 -9.50
N ILE A 71 2.25 -3.57 -8.18
CA ILE A 71 3.30 -4.34 -7.52
C ILE A 71 2.91 -5.80 -7.38
N PRO A 72 3.88 -6.70 -7.62
CA PRO A 72 3.67 -8.15 -7.53
C PRO A 72 3.45 -8.61 -6.09
N PRO A 73 2.79 -9.77 -5.93
CA PRO A 73 2.51 -10.34 -4.61
C PRO A 73 3.77 -10.86 -3.92
N SER A 74 4.80 -11.14 -4.71
CA SER A 74 6.06 -11.65 -4.18
C SER A 74 6.93 -10.50 -3.68
N ARG A 75 6.51 -9.27 -3.99
CA ARG A 75 7.26 -8.09 -3.58
C ARG A 75 6.54 -7.35 -2.46
N LEU A 76 7.02 -7.54 -1.23
CA LEU A 76 6.42 -6.89 -0.07
C LEU A 76 7.22 -5.65 0.34
N SER A 77 8.12 -5.22 -0.53
CA SER A 77 8.95 -4.05 -0.27
C SER A 77 9.38 -3.39 -1.57
N VAL A 78 9.21 -2.07 -1.64
CA VAL A 78 9.60 -1.31 -2.83
C VAL A 78 10.10 0.08 -2.46
N GLU A 79 10.81 0.71 -3.39
CA GLU A 79 11.36 2.04 -3.16
C GLU A 79 10.46 3.11 -3.77
N ILE A 80 9.81 3.89 -2.90
CA ILE A 80 8.92 4.96 -3.36
C ILE A 80 9.71 6.20 -3.76
N THR A 81 9.88 6.40 -5.05
CA THR A 81 10.61 7.56 -5.56
C THR A 81 9.65 8.67 -5.98
N GLY A 82 10.20 9.85 -6.24
CA GLY A 82 9.39 10.98 -6.65
C GLY A 82 8.78 11.71 -5.47
N LEU A 83 9.56 11.85 -4.40
CA LEU A 83 9.09 12.54 -3.20
C LEU A 83 9.63 13.96 -3.14
N GLU A 84 9.12 14.74 -2.19
CA GLU A 84 9.54 16.13 -2.03
C GLU A 84 10.31 16.31 -0.72
N LYS A 85 11.51 16.87 -0.81
CA LYS A 85 12.35 17.10 0.36
C LYS A 85 11.74 18.19 1.25
N GLY A 86 12.02 18.10 2.54
CA GLY A 86 11.51 19.08 3.49
C GLY A 86 10.00 18.98 3.65
N ILE A 87 9.42 17.90 3.15
CA ILE A 87 7.98 17.69 3.24
C ILE A 87 7.66 16.37 3.95
N SER A 88 7.31 16.46 5.23
CA SER A 88 6.98 15.27 6.02
C SER A 88 5.70 14.63 5.51
N TYR A 89 5.74 13.31 5.35
CA TYR A 89 4.59 12.56 4.88
C TYR A 89 4.66 11.11 5.31
N LYS A 90 3.53 10.40 5.23
CA LYS A 90 3.47 9.00 5.61
C LYS A 90 3.26 8.11 4.38
N PHE A 91 3.21 6.80 4.61
CA PHE A 91 3.02 5.85 3.53
C PHE A 91 2.00 4.78 3.92
N ARG A 92 1.35 4.19 2.92
CA ARG A 92 0.36 3.14 3.16
C ARG A 92 0.40 2.09 2.07
N VAL A 93 -0.45 1.07 2.19
CA VAL A 93 -0.51 -0.01 1.22
C VAL A 93 -1.93 -0.50 1.04
N ARG A 94 -2.29 -0.84 -0.21
CA ARG A 94 -3.63 -1.33 -0.52
C ARG A 94 -3.56 -2.57 -1.40
N ALA A 95 -4.38 -3.57 -1.09
CA ALA A 95 -4.42 -4.80 -1.86
C ALA A 95 -5.56 -4.78 -2.87
N LEU A 96 -5.24 -5.12 -4.12
CA LEU A 96 -6.24 -5.14 -5.18
C LEU A 96 -6.30 -6.51 -5.85
N ASN A 97 -7.47 -7.15 -5.77
CA ASN A 97 -7.65 -8.46 -6.37
C ASN A 97 -8.81 -8.45 -7.37
N MET A 98 -9.14 -9.63 -7.88
CA MET A 98 -10.23 -9.75 -8.85
C MET A 98 -11.57 -9.46 -8.19
N LEU A 99 -11.55 -9.20 -6.89
CA LEU A 99 -12.77 -8.89 -6.14
C LEU A 99 -12.85 -7.41 -5.83
N GLY A 100 -11.70 -6.74 -5.79
CA GLY A 100 -11.68 -5.32 -5.50
C GLY A 100 -10.44 -4.90 -4.72
N GLU A 101 -10.45 -3.67 -4.23
CA GLU A 101 -9.32 -3.15 -3.46
C GLU A 101 -9.57 -3.29 -1.97
N SER A 102 -8.49 -3.28 -1.18
CA SER A 102 -8.60 -3.40 0.26
C SER A 102 -8.63 -2.02 0.93
N GLU A 103 -8.82 -2.00 2.24
CA GLU A 103 -8.87 -0.75 2.99
C GLU A 103 -7.48 -0.15 3.12
N PRO A 104 -7.44 1.17 3.40
CA PRO A 104 -6.18 1.90 3.56
C PRO A 104 -5.43 1.51 4.82
N SER A 105 -4.32 0.81 4.66
CA SER A 105 -3.51 0.37 5.80
C SER A 105 -3.18 1.54 6.71
N ALA A 106 -2.86 1.23 7.96
CA ALA A 106 -2.52 2.26 8.94
C ALA A 106 -1.39 3.16 8.41
N PRO A 107 -1.51 4.46 8.69
CA PRO A 107 -0.51 5.45 8.27
C PRO A 107 0.81 5.30 9.00
N SER A 108 1.78 4.68 8.35
CA SER A 108 3.10 4.46 8.95
C SER A 108 3.62 5.75 9.59
N ARG A 109 4.71 5.64 10.33
CA ARG A 109 5.31 6.79 11.00
C ARG A 109 5.71 7.85 9.97
N PRO A 110 5.69 9.12 10.40
CA PRO A 110 6.05 10.25 9.54
C PRO A 110 7.54 10.29 9.22
N TYR A 111 7.87 10.26 7.93
CA TYR A 111 9.26 10.28 7.49
C TYR A 111 9.58 11.61 6.80
N VAL A 112 10.50 12.36 7.40
CA VAL A 112 10.91 13.64 6.84
C VAL A 112 12.12 13.49 5.93
N VAL A 113 11.88 13.53 4.62
CA VAL A 113 12.95 13.40 3.65
C VAL A 113 13.85 14.63 3.64
N SER A 114 15.05 14.49 4.18
CA SER A 114 16.00 15.59 4.23
C SER A 114 17.20 15.33 3.31
N GLY A 115 16.90 14.92 2.08
CA GLY A 115 17.95 14.65 1.11
C GLY A 115 18.70 13.37 1.42
N SER A 116 19.89 13.24 0.86
CA SER A 116 20.71 12.06 1.08
C SER A 116 20.63 11.58 2.52
N GLY A 117 20.77 12.53 3.46
CA GLY A 117 20.71 12.20 4.87
C GLY A 117 22.08 11.99 5.47
N PRO A 118 22.13 11.29 6.61
CA PRO A 118 23.39 11.02 7.32
C PRO A 118 24.29 10.04 6.56
N SER A 119 23.83 9.63 5.38
CA SER A 119 24.59 8.70 4.56
C SER A 119 26.09 9.00 4.63
N SER A 120 26.86 8.02 5.10
CA SER A 120 28.30 8.19 5.22
C SER A 120 29.04 7.00 4.60
N GLY A 121 30.36 7.11 4.51
CA GLY A 121 31.16 6.04 3.93
C GLY A 121 32.43 6.56 3.30
N GLY A 1 -36.90 -7.65 6.84
CA GLY A 1 -36.94 -7.25 5.44
C GLY A 1 -36.23 -8.24 4.54
N SER A 2 -36.48 -9.53 4.76
CA SER A 2 -35.85 -10.57 3.95
C SER A 2 -36.72 -10.94 2.75
N SER A 3 -36.08 -11.13 1.60
CA SER A 3 -36.80 -11.46 0.38
C SER A 3 -36.57 -12.92 0.00
N GLY A 4 -35.31 -13.36 0.09
CA GLY A 4 -34.98 -14.73 -0.24
C GLY A 4 -34.06 -14.83 -1.44
N SER A 5 -33.66 -16.06 -1.78
CA SER A 5 -32.77 -16.28 -2.91
C SER A 5 -32.79 -17.74 -3.34
N SER A 6 -32.93 -17.98 -4.64
CA SER A 6 -32.96 -19.33 -5.17
C SER A 6 -32.09 -19.45 -6.42
N GLY A 7 -31.78 -20.69 -6.81
CA GLY A 7 -30.97 -20.91 -7.99
C GLY A 7 -29.51 -21.14 -7.64
N SER A 8 -28.92 -20.17 -6.93
CA SER A 8 -27.51 -20.27 -6.54
C SER A 8 -27.26 -21.52 -5.70
N GLN A 9 -26.54 -22.47 -6.28
CA GLN A 9 -26.23 -23.72 -5.60
C GLN A 9 -25.65 -23.45 -4.21
N PRO A 10 -25.89 -24.38 -3.28
CA PRO A 10 -25.40 -24.26 -1.90
C PRO A 10 -23.89 -24.41 -1.80
N ASP A 11 -23.23 -24.51 -2.95
CA ASP A 11 -21.78 -24.66 -3.01
C ASP A 11 -21.09 -23.35 -2.67
N HIS A 12 -19.98 -23.44 -1.93
CA HIS A 12 -19.22 -22.26 -1.54
C HIS A 12 -18.83 -21.44 -2.76
N GLY A 13 -18.71 -20.12 -2.57
CA GLY A 13 -18.34 -19.25 -3.66
C GLY A 13 -18.28 -17.79 -3.25
N ARG A 14 -19.33 -17.33 -2.58
CA ARG A 14 -19.39 -15.94 -2.13
C ARG A 14 -18.10 -15.54 -1.42
N LEU A 15 -17.20 -14.91 -2.17
CA LEU A 15 -15.92 -14.48 -1.62
C LEU A 15 -15.94 -12.99 -1.27
N SER A 16 -14.81 -12.46 -0.84
CA SER A 16 -14.70 -11.05 -0.48
C SER A 16 -13.34 -10.50 -0.86
N PRO A 17 -13.24 -9.16 -0.95
CA PRO A 17 -12.00 -8.47 -1.30
C PRO A 17 -10.95 -8.56 -0.19
N PRO A 18 -9.72 -8.14 -0.50
CA PRO A 18 -8.60 -8.18 0.45
C PRO A 18 -8.77 -7.15 1.56
N GLU A 19 -8.16 -7.42 2.71
CA GLU A 19 -8.24 -6.53 3.85
C GLU A 19 -7.01 -5.62 3.93
N ALA A 20 -7.09 -4.60 4.77
CA ALA A 20 -5.98 -3.67 4.94
C ALA A 20 -4.73 -4.37 5.45
N PRO A 21 -3.64 -4.28 4.67
CA PRO A 21 -2.36 -4.91 5.02
C PRO A 21 -1.69 -4.24 6.21
N ASP A 22 -0.77 -4.94 6.85
CA ASP A 22 -0.05 -4.41 8.00
C ASP A 22 0.46 -3.00 7.72
N ARG A 23 1.06 -2.39 8.74
CA ARG A 23 1.60 -1.04 8.60
C ARG A 23 2.98 -1.07 7.93
N PRO A 24 3.10 -0.32 6.81
CA PRO A 24 4.35 -0.25 6.06
C PRO A 24 5.44 0.51 6.80
N THR A 25 6.69 0.06 6.65
CA THR A 25 7.81 0.69 7.32
C THR A 25 8.51 1.67 6.39
N ILE A 26 9.39 2.50 6.95
CA ILE A 26 10.14 3.48 6.17
C ILE A 26 11.64 3.32 6.39
N SER A 27 12.38 3.30 5.28
CA SER A 27 13.84 3.15 5.34
C SER A 27 14.52 4.13 4.39
N THR A 28 15.83 4.27 4.55
CA THR A 28 16.60 5.17 3.70
C THR A 28 17.03 4.49 2.41
N ALA A 29 16.37 4.82 1.31
CA ALA A 29 16.68 4.24 0.02
C ALA A 29 17.39 5.24 -0.88
N SER A 30 16.95 6.49 -0.84
CA SER A 30 17.55 7.55 -1.65
C SER A 30 17.15 8.92 -1.13
N GLU A 31 17.89 9.95 -1.56
CA GLU A 31 17.61 11.31 -1.13
C GLU A 31 16.28 11.80 -1.69
N THR A 32 15.76 11.07 -2.67
CA THR A 32 14.48 11.43 -3.29
C THR A 32 13.47 10.30 -3.18
N SER A 33 13.91 9.19 -2.58
CA SER A 33 13.03 8.03 -2.41
C SER A 33 13.27 7.36 -1.06
N VAL A 34 12.43 6.38 -0.74
CA VAL A 34 12.56 5.67 0.53
C VAL A 34 12.10 4.22 0.38
N TYR A 35 12.71 3.33 1.15
CA TYR A 35 12.37 1.91 1.10
C TYR A 35 11.16 1.62 1.99
N VAL A 36 10.06 1.21 1.36
CA VAL A 36 8.84 0.89 2.09
C VAL A 36 8.57 -0.61 2.08
N THR A 37 8.33 -1.18 3.26
CA THR A 37 8.06 -2.61 3.39
C THR A 37 6.80 -2.85 4.20
N TRP A 38 5.85 -3.57 3.60
CA TRP A 38 4.60 -3.87 4.27
C TRP A 38 4.39 -5.39 4.39
N ILE A 39 3.37 -5.78 5.14
CA ILE A 39 3.07 -7.20 5.32
C ILE A 39 1.58 -7.46 5.17
N PRO A 40 1.19 -8.07 4.04
CA PRO A 40 -0.21 -8.40 3.75
C PRO A 40 -0.74 -9.51 4.64
N ARG A 41 -1.95 -9.34 5.14
CA ARG A 41 -2.57 -10.32 6.01
C ARG A 41 -3.63 -11.13 5.25
N GLY A 42 -4.73 -10.48 4.89
CA GLY A 42 -5.79 -11.15 4.17
C GLY A 42 -5.88 -10.70 2.72
N ASN A 43 -6.26 -11.62 1.85
CA ASN A 43 -6.39 -11.31 0.42
C ASN A 43 -7.83 -11.40 -0.03
N GLY A 44 -8.73 -11.60 0.93
CA GLY A 44 -10.15 -11.69 0.61
C GLY A 44 -10.54 -13.08 0.14
N GLY A 45 -9.56 -13.98 0.07
CA GLY A 45 -9.84 -15.34 -0.37
C GLY A 45 -9.16 -15.67 -1.68
N PHE A 46 -8.87 -14.64 -2.49
CA PHE A 46 -8.23 -14.84 -3.77
C PHE A 46 -6.79 -14.31 -3.73
N PRO A 47 -5.98 -14.76 -4.71
CA PRO A 47 -4.57 -14.35 -4.81
C PRO A 47 -4.42 -12.90 -5.23
N ILE A 48 -3.88 -12.08 -4.31
CA ILE A 48 -3.69 -10.66 -4.59
C ILE A 48 -3.10 -10.44 -5.98
N GLN A 49 -3.69 -9.53 -6.72
CA GLN A 49 -3.22 -9.22 -8.08
C GLN A 49 -2.11 -8.18 -8.04
N SER A 50 -2.33 -7.10 -7.29
CA SER A 50 -1.35 -6.03 -7.18
C SER A 50 -1.61 -5.19 -5.94
N PHE A 51 -0.60 -4.42 -5.54
CA PHE A 51 -0.72 -3.55 -4.37
C PHE A 51 -0.73 -2.08 -4.78
N ARG A 52 -0.90 -1.20 -3.79
CA ARG A 52 -0.93 0.23 -4.05
C ARG A 52 -0.40 1.01 -2.84
N VAL A 53 0.60 1.86 -3.09
CA VAL A 53 1.20 2.66 -2.03
C VAL A 53 0.82 4.13 -2.17
N GLU A 54 0.35 4.72 -1.08
CA GLU A 54 -0.05 6.13 -1.08
C GLU A 54 0.65 6.89 0.04
N TYR A 55 0.79 8.19 -0.16
CA TYR A 55 1.46 9.04 0.83
C TYR A 55 0.67 10.33 1.05
N LYS A 56 0.63 10.79 2.30
CA LYS A 56 -0.08 12.01 2.64
C LYS A 56 0.88 13.09 3.15
N LYS A 57 0.79 14.28 2.57
CA LYS A 57 1.66 15.39 2.97
C LYS A 57 1.17 16.02 4.27
N LEU A 58 2.03 16.03 5.28
CA LEU A 58 1.68 16.61 6.56
C LEU A 58 1.92 18.12 6.57
N LYS A 59 1.52 18.78 7.65
CA LYS A 59 1.68 20.22 7.79
C LYS A 59 1.33 20.93 6.48
N LYS A 60 0.38 20.36 5.74
CA LYS A 60 -0.06 20.93 4.48
C LYS A 60 -1.48 20.51 4.15
N VAL A 61 -2.26 21.44 3.61
CA VAL A 61 -3.65 21.16 3.25
C VAL A 61 -3.73 20.39 1.94
N GLY A 62 -4.35 19.22 1.98
CA GLY A 62 -4.49 18.40 0.79
C GLY A 62 -5.15 17.06 1.07
N ASP A 63 -4.52 16.00 0.59
CA ASP A 63 -5.06 14.65 0.80
C ASP A 63 -4.02 13.59 0.41
N TRP A 64 -4.40 12.32 0.53
CA TRP A 64 -3.51 11.22 0.20
C TRP A 64 -3.21 11.21 -1.30
N ILE A 65 -1.97 10.87 -1.65
CA ILE A 65 -1.55 10.81 -3.05
C ILE A 65 -1.07 9.42 -3.42
N LEU A 66 -1.02 9.14 -4.71
CA LEU A 66 -0.58 7.84 -5.21
C LEU A 66 0.89 7.90 -5.64
N ALA A 67 1.72 7.04 -5.05
CA ALA A 67 3.13 7.00 -5.38
C ALA A 67 3.40 5.98 -6.49
N THR A 68 3.29 4.70 -6.16
CA THR A 68 3.52 3.64 -7.13
C THR A 68 2.33 2.71 -7.22
N SER A 69 2.42 1.71 -8.10
CA SER A 69 1.34 0.74 -8.29
C SER A 69 1.78 -0.38 -9.20
N ALA A 70 0.90 -1.37 -9.38
CA ALA A 70 1.19 -2.51 -10.24
C ALA A 70 2.27 -3.39 -9.63
N ILE A 71 2.37 -3.37 -8.30
CA ILE A 71 3.36 -4.17 -7.59
C ILE A 71 2.92 -5.62 -7.49
N PRO A 72 3.87 -6.55 -7.69
CA PRO A 72 3.60 -7.99 -7.62
C PRO A 72 3.31 -8.45 -6.20
N PRO A 73 2.63 -9.61 -6.07
CA PRO A 73 2.28 -10.18 -4.77
C PRO A 73 3.50 -10.71 -4.03
N SER A 74 4.55 -11.06 -4.77
CA SER A 74 5.76 -11.58 -4.18
C SER A 74 6.62 -10.45 -3.61
N ARG A 75 6.36 -9.23 -4.07
CA ARG A 75 7.11 -8.07 -3.61
C ARG A 75 6.37 -7.38 -2.46
N LEU A 76 6.91 -7.50 -1.26
CA LEU A 76 6.30 -6.89 -0.08
C LEU A 76 7.05 -5.63 0.33
N SER A 77 7.94 -5.17 -0.54
CA SER A 77 8.73 -3.97 -0.28
C SER A 77 9.19 -3.32 -1.58
N VAL A 78 9.07 -2.00 -1.65
CA VAL A 78 9.47 -1.26 -2.83
C VAL A 78 10.04 0.12 -2.46
N GLU A 79 10.70 0.75 -3.42
CA GLU A 79 11.29 2.07 -3.18
C GLU A 79 10.41 3.17 -3.78
N ILE A 80 9.77 3.96 -2.91
CA ILE A 80 8.91 5.04 -3.34
C ILE A 80 9.72 6.27 -3.74
N THR A 81 9.92 6.44 -5.04
CA THR A 81 10.68 7.58 -5.56
C THR A 81 9.75 8.71 -5.99
N GLY A 82 10.33 9.88 -6.26
CA GLY A 82 9.54 11.02 -6.68
C GLY A 82 8.95 11.77 -5.52
N LEU A 83 9.69 11.88 -4.43
CA LEU A 83 9.23 12.58 -3.25
C LEU A 83 9.74 14.02 -3.22
N GLU A 84 9.33 14.76 -2.20
CA GLU A 84 9.75 16.16 -2.06
C GLU A 84 10.51 16.37 -0.76
N LYS A 85 11.76 16.80 -0.88
CA LYS A 85 12.60 17.04 0.29
C LYS A 85 12.00 18.13 1.17
N GLY A 86 12.31 18.08 2.47
CA GLY A 86 11.79 19.08 3.39
C GLY A 86 10.29 18.98 3.57
N ILE A 87 9.72 17.87 3.13
CA ILE A 87 8.28 17.65 3.24
C ILE A 87 7.97 16.35 3.97
N SER A 88 7.38 16.47 5.16
CA SER A 88 7.04 15.31 5.96
C SER A 88 5.75 14.65 5.46
N TYR A 89 5.80 13.34 5.28
CA TYR A 89 4.63 12.60 4.80
C TYR A 89 4.69 11.15 5.27
N LYS A 90 3.55 10.47 5.20
CA LYS A 90 3.45 9.07 5.62
C LYS A 90 3.30 8.15 4.41
N PHE A 91 3.11 6.87 4.67
CA PHE A 91 2.94 5.89 3.61
C PHE A 91 1.92 4.82 4.00
N ARG A 92 1.30 4.22 2.99
CA ARG A 92 0.30 3.18 3.22
C ARG A 92 0.34 2.12 2.13
N VAL A 93 -0.45 1.07 2.30
CA VAL A 93 -0.51 -0.01 1.32
C VAL A 93 -1.93 -0.52 1.14
N ARG A 94 -2.29 -0.88 -0.09
CA ARG A 94 -3.62 -1.38 -0.39
C ARG A 94 -3.54 -2.63 -1.25
N ALA A 95 -4.40 -3.61 -0.96
CA ALA A 95 -4.44 -4.85 -1.71
C ALA A 95 -5.54 -4.83 -2.75
N LEU A 96 -5.20 -5.16 -3.99
CA LEU A 96 -6.17 -5.18 -5.08
C LEU A 96 -6.21 -6.55 -5.75
N ASN A 97 -7.37 -7.19 -5.70
CA ASN A 97 -7.53 -8.52 -6.31
C ASN A 97 -8.67 -8.50 -7.33
N MET A 98 -9.00 -9.69 -7.84
CA MET A 98 -10.07 -9.81 -8.82
C MET A 98 -11.43 -9.55 -8.18
N LEU A 99 -11.42 -9.27 -6.88
CA LEU A 99 -12.65 -8.99 -6.15
C LEU A 99 -12.77 -7.50 -5.81
N GLY A 100 -11.62 -6.83 -5.75
CA GLY A 100 -11.62 -5.40 -5.45
C GLY A 100 -10.38 -4.98 -4.67
N GLU A 101 -10.42 -3.78 -4.12
CA GLU A 101 -9.30 -3.25 -3.35
C GLU A 101 -9.55 -3.38 -1.86
N SER A 102 -8.48 -3.37 -1.07
CA SER A 102 -8.60 -3.48 0.38
C SER A 102 -8.63 -2.10 1.03
N GLU A 103 -8.83 -2.09 2.35
CA GLU A 103 -8.87 -0.84 3.10
C GLU A 103 -7.49 -0.20 3.18
N PRO A 104 -7.46 1.11 3.47
CA PRO A 104 -6.21 1.87 3.59
C PRO A 104 -5.41 1.48 4.83
N SER A 105 -4.31 0.78 4.62
CA SER A 105 -3.46 0.34 5.73
C SER A 105 -3.09 1.51 6.63
N ALA A 106 -2.87 1.21 7.90
CA ALA A 106 -2.53 2.24 8.88
C ALA A 106 -1.44 3.17 8.34
N PRO A 107 -1.57 4.47 8.60
CA PRO A 107 -0.60 5.48 8.15
C PRO A 107 0.74 5.36 8.88
N SER A 108 1.70 4.73 8.23
CA SER A 108 3.03 4.55 8.81
C SER A 108 3.52 5.84 9.46
N ARG A 109 4.53 5.73 10.31
CA ARG A 109 5.08 6.88 11.00
C ARG A 109 5.55 7.94 9.99
N PRO A 110 5.56 9.21 10.42
CA PRO A 110 5.99 10.33 9.57
C PRO A 110 7.48 10.31 9.30
N TYR A 111 7.85 10.42 8.04
CA TYR A 111 9.26 10.42 7.65
C TYR A 111 9.62 11.69 6.88
N VAL A 112 10.53 12.48 7.46
CA VAL A 112 10.95 13.73 6.83
C VAL A 112 12.17 13.51 5.93
N VAL A 113 11.92 13.47 4.63
CA VAL A 113 13.00 13.26 3.66
C VAL A 113 13.94 14.46 3.63
N SER A 114 15.11 14.30 4.25
CA SER A 114 16.11 15.37 4.29
C SER A 114 17.19 15.14 3.24
N GLY A 115 16.77 14.77 2.04
CA GLY A 115 17.73 14.53 0.97
C GLY A 115 18.95 13.76 1.45
N SER A 116 18.75 12.50 1.82
CA SER A 116 19.84 11.67 2.30
C SER A 116 19.99 10.43 1.43
N GLY A 117 21.00 10.44 0.57
CA GLY A 117 21.24 9.30 -0.31
C GLY A 117 22.25 8.33 0.26
N PRO A 118 22.43 7.19 -0.42
CA PRO A 118 23.37 6.15 0.00
C PRO A 118 24.83 6.60 -0.14
N SER A 119 25.10 7.39 -1.17
CA SER A 119 26.46 7.88 -1.43
C SER A 119 27.43 6.73 -1.53
N SER A 120 27.02 5.66 -2.21
CA SER A 120 27.87 4.49 -2.39
C SER A 120 29.17 4.85 -3.09
N GLY A 121 30.27 4.26 -2.62
CA GLY A 121 31.56 4.55 -3.20
C GLY A 121 31.68 4.04 -4.63
N GLY A 1 -29.57 -30.85 -15.30
CA GLY A 1 -29.45 -29.63 -14.53
C GLY A 1 -29.08 -29.89 -13.08
N SER A 2 -28.89 -28.83 -12.32
CA SER A 2 -28.52 -28.95 -10.91
C SER A 2 -28.75 -27.64 -10.17
N SER A 3 -28.58 -27.67 -8.85
CA SER A 3 -28.76 -26.48 -8.03
C SER A 3 -27.67 -26.37 -6.96
N GLY A 4 -27.64 -25.25 -6.26
CA GLY A 4 -26.65 -25.05 -5.22
C GLY A 4 -27.16 -25.45 -3.85
N SER A 5 -26.72 -26.61 -3.37
CA SER A 5 -27.15 -27.10 -2.06
C SER A 5 -26.04 -26.90 -1.03
N SER A 6 -26.41 -27.00 0.25
CA SER A 6 -25.46 -26.83 1.34
C SER A 6 -24.76 -28.15 1.66
N GLY A 7 -23.47 -28.22 1.35
CA GLY A 7 -22.71 -29.42 1.61
C GLY A 7 -21.21 -29.18 1.58
N SER A 8 -20.43 -30.25 1.77
CA SER A 8 -18.97 -30.14 1.76
C SER A 8 -18.50 -29.28 0.59
N GLN A 9 -18.27 -28.01 0.86
CA GLN A 9 -17.81 -27.09 -0.17
C GLN A 9 -17.09 -25.89 0.45
N PRO A 10 -15.94 -25.52 -0.14
CA PRO A 10 -15.13 -24.40 0.33
C PRO A 10 -15.80 -23.05 0.08
N ASP A 11 -15.04 -21.98 0.24
CA ASP A 11 -15.56 -20.63 0.02
C ASP A 11 -15.60 -20.29 -1.46
N HIS A 12 -16.14 -21.22 -2.26
CA HIS A 12 -16.24 -21.02 -3.70
C HIS A 12 -17.60 -20.41 -4.08
N GLY A 13 -17.79 -19.15 -3.72
CA GLY A 13 -19.04 -18.47 -4.02
C GLY A 13 -19.02 -17.01 -3.64
N ARG A 14 -19.65 -16.67 -2.52
CA ARG A 14 -19.70 -15.29 -2.06
C ARG A 14 -18.40 -14.90 -1.34
N LEU A 15 -17.41 -14.49 -2.12
CA LEU A 15 -16.12 -14.09 -1.57
C LEU A 15 -16.10 -12.61 -1.23
N SER A 16 -14.94 -12.11 -0.80
CA SER A 16 -14.79 -10.70 -0.44
C SER A 16 -13.42 -10.19 -0.84
N PRO A 17 -13.30 -8.85 -0.92
CA PRO A 17 -12.03 -8.20 -1.28
C PRO A 17 -10.97 -8.33 -0.20
N PRO A 18 -9.73 -7.95 -0.53
CA PRO A 18 -8.61 -8.01 0.40
C PRO A 18 -8.73 -6.99 1.53
N GLU A 19 -8.08 -7.28 2.66
CA GLU A 19 -8.12 -6.37 3.81
C GLU A 19 -6.87 -5.50 3.85
N ALA A 20 -6.88 -4.51 4.73
CA ALA A 20 -5.75 -3.60 4.88
C ALA A 20 -4.53 -4.33 5.41
N PRO A 21 -3.43 -4.27 4.64
CA PRO A 21 -2.17 -4.92 5.01
C PRO A 21 -1.49 -4.25 6.19
N ASP A 22 -0.57 -4.97 6.83
CA ASP A 22 0.16 -4.43 7.98
C ASP A 22 0.66 -3.02 7.69
N ARG A 23 1.25 -2.40 8.71
CA ARG A 23 1.78 -1.04 8.57
C ARG A 23 3.16 -1.07 7.91
N PRO A 24 3.29 -0.35 6.79
CA PRO A 24 4.55 -0.27 6.04
C PRO A 24 5.61 0.52 6.79
N THR A 25 6.87 0.09 6.65
CA THR A 25 7.98 0.76 7.32
C THR A 25 8.64 1.77 6.39
N ILE A 26 9.50 2.61 6.96
CA ILE A 26 10.20 3.63 6.18
C ILE A 26 11.71 3.53 6.38
N SER A 27 12.44 3.36 5.28
CA SER A 27 13.89 3.25 5.34
C SER A 27 14.54 4.23 4.37
N THR A 28 15.84 4.48 4.57
CA THR A 28 16.59 5.40 3.73
C THR A 28 17.08 4.70 2.47
N ALA A 29 16.34 4.88 1.38
CA ALA A 29 16.70 4.28 0.10
C ALA A 29 17.44 5.27 -0.79
N SER A 30 17.02 6.53 -0.75
CA SER A 30 17.63 7.57 -1.55
C SER A 30 17.27 8.96 -1.02
N GLU A 31 17.76 9.99 -1.69
CA GLU A 31 17.50 11.37 -1.28
C GLU A 31 16.12 11.81 -1.76
N THR A 32 15.60 11.14 -2.77
CA THR A 32 14.29 11.47 -3.31
C THR A 32 13.34 10.28 -3.21
N SER A 33 13.81 9.19 -2.60
CA SER A 33 13.00 7.99 -2.44
C SER A 33 13.32 7.30 -1.11
N VAL A 34 12.46 6.37 -0.71
CA VAL A 34 12.64 5.63 0.52
C VAL A 34 12.18 4.18 0.38
N TYR A 35 12.82 3.29 1.13
CA TYR A 35 12.47 1.87 1.08
C TYR A 35 11.30 1.57 2.01
N VAL A 36 10.19 1.12 1.43
CA VAL A 36 9.00 0.79 2.20
C VAL A 36 8.73 -0.72 2.18
N THR A 37 8.49 -1.29 3.35
CA THR A 37 8.22 -2.71 3.47
C THR A 37 6.95 -2.97 4.28
N TRP A 38 6.01 -3.69 3.68
CA TRP A 38 4.76 -4.01 4.36
C TRP A 38 4.52 -5.51 4.40
N ILE A 39 3.51 -5.93 5.16
CA ILE A 39 3.17 -7.35 5.27
C ILE A 39 1.68 -7.58 5.15
N PRO A 40 1.26 -8.20 4.02
CA PRO A 40 -0.15 -8.49 3.76
C PRO A 40 -0.71 -9.57 4.67
N ARG A 41 -1.98 -9.44 5.05
CA ARG A 41 -2.62 -10.40 5.92
C ARG A 41 -3.72 -11.16 5.18
N GLY A 42 -4.80 -10.45 4.85
CA GLY A 42 -5.91 -11.07 4.15
C GLY A 42 -5.98 -10.64 2.69
N ASN A 43 -6.37 -11.57 1.83
CA ASN A 43 -6.48 -11.28 0.40
C ASN A 43 -7.93 -11.33 -0.06
N GLY A 44 -8.84 -11.44 0.90
CA GLY A 44 -10.26 -11.50 0.58
C GLY A 44 -10.69 -12.88 0.11
N GLY A 45 -9.74 -13.80 0.06
CA GLY A 45 -10.04 -15.16 -0.38
C GLY A 45 -9.37 -15.50 -1.69
N PHE A 46 -9.09 -14.48 -2.49
CA PHE A 46 -8.45 -14.68 -3.79
C PHE A 46 -7.00 -14.21 -3.76
N PRO A 47 -6.20 -14.67 -4.74
CA PRO A 47 -4.79 -14.31 -4.85
C PRO A 47 -4.59 -12.86 -5.24
N ILE A 48 -3.95 -12.10 -4.35
CA ILE A 48 -3.70 -10.68 -4.61
C ILE A 48 -3.10 -10.47 -6.00
N GLN A 49 -3.64 -9.50 -6.73
CA GLN A 49 -3.17 -9.19 -8.07
C GLN A 49 -2.04 -8.17 -8.03
N SER A 50 -2.29 -7.05 -7.36
CA SER A 50 -1.30 -5.99 -7.25
C SER A 50 -1.55 -5.14 -6.01
N PHE A 51 -0.52 -4.42 -5.58
CA PHE A 51 -0.62 -3.56 -4.40
C PHE A 51 -0.59 -2.09 -4.80
N ARG A 52 -0.86 -1.22 -3.83
CA ARG A 52 -0.87 0.23 -4.09
C ARG A 52 -0.32 0.98 -2.88
N VAL A 53 0.72 1.79 -3.11
CA VAL A 53 1.33 2.57 -2.05
C VAL A 53 0.93 4.03 -2.14
N GLU A 54 0.24 4.52 -1.11
CA GLU A 54 -0.20 5.92 -1.09
C GLU A 54 0.46 6.67 0.06
N TYR A 55 0.55 7.98 -0.08
CA TYR A 55 1.17 8.83 0.93
C TYR A 55 0.31 10.05 1.22
N LYS A 56 0.67 10.79 2.26
CA LYS A 56 -0.07 11.99 2.65
C LYS A 56 0.89 13.08 3.14
N LYS A 57 0.71 14.28 2.63
CA LYS A 57 1.55 15.41 3.01
C LYS A 57 1.08 15.99 4.35
N LEU A 58 2.03 16.15 5.28
CA LEU A 58 1.72 16.70 6.59
C LEU A 58 1.90 18.22 6.60
N LYS A 59 1.08 18.91 7.40
CA LYS A 59 1.15 20.35 7.51
C LYS A 59 1.06 21.01 6.13
N LYS A 60 0.33 20.36 5.23
CA LYS A 60 0.15 20.87 3.87
C LYS A 60 -1.28 20.67 3.40
N VAL A 61 -1.54 21.00 2.14
CA VAL A 61 -2.88 20.86 1.56
C VAL A 61 -2.91 19.73 0.54
N GLY A 62 -3.98 18.94 0.58
CA GLY A 62 -4.11 17.83 -0.35
C GLY A 62 -4.33 16.50 0.36
N ASP A 63 -5.17 15.65 -0.23
CA ASP A 63 -5.45 14.35 0.35
C ASP A 63 -4.39 13.33 -0.05
N TRP A 64 -4.58 12.09 0.38
CA TRP A 64 -3.63 11.02 0.07
C TRP A 64 -3.37 10.95 -1.42
N ILE A 65 -2.15 10.58 -1.80
CA ILE A 65 -1.78 10.48 -3.20
C ILE A 65 -1.20 9.09 -3.50
N LEU A 66 -1.29 8.69 -4.77
CA LEU A 66 -0.78 7.39 -5.20
C LEU A 66 0.69 7.50 -5.60
N ALA A 67 1.53 6.72 -4.93
CA ALA A 67 2.97 6.72 -5.23
C ALA A 67 3.28 5.78 -6.39
N THR A 68 3.11 4.48 -6.15
CA THR A 68 3.39 3.48 -7.17
C THR A 68 2.22 2.52 -7.34
N SER A 69 2.36 1.56 -8.24
CA SER A 69 1.30 0.59 -8.50
C SER A 69 1.81 -0.54 -9.40
N ALA A 70 1.00 -1.58 -9.54
CA ALA A 70 1.37 -2.72 -10.37
C ALA A 70 2.46 -3.55 -9.71
N ILE A 71 2.44 -3.60 -8.39
CA ILE A 71 3.44 -4.36 -7.64
C ILE A 71 3.02 -5.82 -7.49
N PRO A 72 3.98 -6.73 -7.66
CA PRO A 72 3.74 -8.17 -7.55
C PRO A 72 3.46 -8.61 -6.13
N PRO A 73 2.78 -9.76 -5.97
CA PRO A 73 2.43 -10.31 -4.66
C PRO A 73 3.66 -10.81 -3.90
N SER A 74 4.70 -11.16 -4.64
CA SER A 74 5.93 -11.66 -4.03
C SER A 74 6.78 -10.52 -3.50
N ARG A 75 6.47 -9.30 -3.93
CA ARG A 75 7.20 -8.13 -3.50
C ARG A 75 6.47 -7.42 -2.36
N LEU A 76 6.98 -7.57 -1.14
CA LEU A 76 6.37 -6.94 0.03
C LEU A 76 7.13 -5.68 0.42
N SER A 77 7.99 -5.20 -0.48
CA SER A 77 8.77 -4.00 -0.22
C SER A 77 9.20 -3.34 -1.53
N VAL A 78 9.10 -2.01 -1.57
CA VAL A 78 9.48 -1.26 -2.77
C VAL A 78 9.97 0.12 -2.40
N GLU A 79 10.68 0.76 -3.33
CA GLU A 79 11.21 2.10 -3.11
C GLU A 79 10.30 3.16 -3.72
N ILE A 80 9.75 4.02 -2.87
CA ILE A 80 8.85 5.07 -3.32
C ILE A 80 9.64 6.32 -3.75
N THR A 81 9.93 6.41 -5.05
CA THR A 81 10.67 7.55 -5.58
C THR A 81 9.73 8.70 -5.96
N GLY A 82 10.32 9.84 -6.30
CA GLY A 82 9.52 11.00 -6.68
C GLY A 82 8.91 11.69 -5.48
N LEU A 83 9.71 11.88 -4.44
CA LEU A 83 9.24 12.54 -3.22
C LEU A 83 9.78 13.96 -3.13
N GLU A 84 9.14 14.78 -2.29
CA GLU A 84 9.57 16.16 -2.11
C GLU A 84 10.27 16.35 -0.77
N LYS A 85 11.50 16.85 -0.82
CA LYS A 85 12.27 17.08 0.40
C LYS A 85 11.61 18.14 1.27
N GLY A 86 11.97 18.16 2.55
CA GLY A 86 11.41 19.13 3.47
C GLY A 86 9.90 19.02 3.58
N ILE A 87 9.34 17.94 3.04
CA ILE A 87 7.90 17.72 3.08
C ILE A 87 7.57 16.41 3.79
N SER A 88 7.30 16.51 5.08
CA SER A 88 6.95 15.33 5.88
C SER A 88 5.68 14.67 5.37
N TYR A 89 5.72 13.35 5.26
CA TYR A 89 4.56 12.60 4.77
C TYR A 89 4.64 11.14 5.21
N LYS A 90 3.51 10.45 5.19
CA LYS A 90 3.44 9.05 5.58
C LYS A 90 3.24 8.15 4.37
N PHE A 91 3.16 6.85 4.60
CA PHE A 91 2.96 5.88 3.53
C PHE A 91 1.99 4.79 3.95
N ARG A 92 1.36 4.15 2.96
CA ARG A 92 0.41 3.08 3.22
C ARG A 92 0.44 2.04 2.11
N VAL A 93 -0.37 1.00 2.27
CA VAL A 93 -0.43 -0.07 1.27
C VAL A 93 -1.87 -0.55 1.09
N ARG A 94 -2.23 -0.84 -0.16
CA ARG A 94 -3.57 -1.30 -0.48
C ARG A 94 -3.53 -2.53 -1.39
N ALA A 95 -4.33 -3.53 -1.08
CA ALA A 95 -4.38 -4.76 -1.88
C ALA A 95 -5.52 -4.71 -2.89
N LEU A 96 -5.20 -5.00 -4.14
CA LEU A 96 -6.20 -4.99 -5.20
C LEU A 96 -6.28 -6.36 -5.89
N ASN A 97 -7.42 -7.02 -5.76
CA ASN A 97 -7.62 -8.33 -6.37
C ASN A 97 -8.79 -8.30 -7.36
N MET A 98 -9.14 -9.47 -7.89
CA MET A 98 -10.24 -9.57 -8.84
C MET A 98 -11.58 -9.27 -8.16
N LEU A 99 -11.53 -9.00 -6.86
CA LEU A 99 -12.73 -8.70 -6.11
C LEU A 99 -12.82 -7.21 -5.78
N GLY A 100 -11.66 -6.56 -5.74
CA GLY A 100 -11.62 -5.14 -5.44
C GLY A 100 -10.37 -4.74 -4.69
N GLU A 101 -10.38 -3.53 -4.13
CA GLU A 101 -9.23 -3.03 -3.38
C GLU A 101 -9.45 -3.20 -1.88
N SER A 102 -8.35 -3.22 -1.12
CA SER A 102 -8.42 -3.37 0.32
C SER A 102 -8.47 -2.03 1.03
N GLU A 103 -8.64 -2.04 2.34
CA GLU A 103 -8.70 -0.82 3.13
C GLU A 103 -7.32 -0.17 3.23
N PRO A 104 -7.30 1.13 3.53
CA PRO A 104 -6.06 1.90 3.66
C PRO A 104 -5.27 1.51 4.90
N SER A 105 -4.21 0.75 4.71
CA SER A 105 -3.36 0.31 5.81
C SER A 105 -3.01 1.47 6.74
N ALA A 106 -2.78 1.16 8.00
CA ALA A 106 -2.43 2.19 8.98
C ALA A 106 -1.36 3.12 8.44
N PRO A 107 -1.49 4.43 8.75
CA PRO A 107 -0.55 5.46 8.29
C PRO A 107 0.81 5.34 8.98
N SER A 108 1.76 4.74 8.28
CA SER A 108 3.10 4.56 8.83
C SER A 108 3.63 5.86 9.43
N ARG A 109 4.58 5.75 10.34
CA ARG A 109 5.17 6.92 11.00
C ARG A 109 5.58 7.96 9.97
N PRO A 110 5.57 9.24 10.38
CA PRO A 110 5.94 10.36 9.51
C PRO A 110 7.43 10.37 9.20
N TYR A 111 7.76 10.48 7.92
CA TYR A 111 9.15 10.50 7.48
C TYR A 111 9.48 11.81 6.79
N VAL A 112 10.48 12.52 7.31
CA VAL A 112 10.89 13.79 6.74
C VAL A 112 12.10 13.62 5.84
N VAL A 113 11.85 13.61 4.52
CA VAL A 113 12.93 13.46 3.55
C VAL A 113 13.82 14.69 3.52
N SER A 114 15.04 14.55 4.06
CA SER A 114 15.98 15.65 4.09
C SER A 114 17.09 15.45 3.06
N GLY A 115 16.79 14.64 2.05
CA GLY A 115 17.76 14.38 1.00
C GLY A 115 18.86 13.44 1.45
N SER A 116 20.11 13.89 1.37
CA SER A 116 21.25 13.07 1.77
C SER A 116 21.46 13.14 3.28
N GLY A 117 20.91 12.17 3.99
CA GLY A 117 21.05 12.13 5.44
C GLY A 117 22.07 11.11 5.90
N PRO A 118 21.94 10.65 7.15
CA PRO A 118 22.85 9.67 7.75
C PRO A 118 22.67 8.29 7.12
N SER A 119 23.79 7.63 6.83
CA SER A 119 23.77 6.30 6.22
C SER A 119 24.45 5.29 7.13
N SER A 120 23.83 4.12 7.29
CA SER A 120 24.37 3.07 8.13
C SER A 120 23.92 1.70 7.65
N GLY A 121 24.58 0.65 8.14
CA GLY A 121 24.24 -0.70 7.74
C GLY A 121 23.63 -1.50 8.88
N GLY A 1 -36.38 0.08 -10.57
CA GLY A 1 -36.19 -1.29 -10.10
C GLY A 1 -34.79 -1.52 -9.55
N SER A 2 -34.59 -2.68 -8.93
CA SER A 2 -33.29 -3.03 -8.37
C SER A 2 -33.24 -4.50 -7.97
N SER A 3 -32.06 -5.08 -8.05
CA SER A 3 -31.87 -6.50 -7.71
C SER A 3 -31.47 -6.66 -6.25
N GLY A 4 -31.70 -7.84 -5.70
CA GLY A 4 -31.35 -8.10 -4.32
C GLY A 4 -29.94 -8.64 -4.16
N SER A 5 -29.65 -9.21 -3.00
CA SER A 5 -28.32 -9.75 -2.73
C SER A 5 -28.43 -11.10 -2.03
N SER A 6 -27.82 -12.11 -2.62
CA SER A 6 -27.84 -13.46 -2.06
C SER A 6 -27.01 -13.52 -0.76
N GLY A 7 -27.39 -14.42 0.13
CA GLY A 7 -26.69 -14.57 1.38
C GLY A 7 -25.46 -15.46 1.26
N SER A 8 -24.98 -15.96 2.39
CA SER A 8 -23.80 -16.82 2.41
C SER A 8 -24.11 -18.17 1.76
N GLN A 9 -23.23 -18.60 0.87
CA GLN A 9 -23.40 -19.88 0.17
C GLN A 9 -22.61 -20.98 0.86
N PRO A 10 -23.24 -22.17 0.97
CA PRO A 10 -22.63 -23.33 1.61
C PRO A 10 -21.47 -23.90 0.79
N ASP A 11 -21.14 -23.23 -0.31
CA ASP A 11 -20.05 -23.67 -1.18
C ASP A 11 -19.25 -22.48 -1.67
N HIS A 12 -17.96 -22.70 -1.91
CA HIS A 12 -17.08 -21.65 -2.39
C HIS A 12 -17.72 -20.87 -3.54
N GLY A 13 -18.02 -19.61 -3.29
CA GLY A 13 -18.64 -18.78 -4.31
C GLY A 13 -18.56 -17.29 -3.99
N ARG A 14 -19.43 -16.84 -3.09
CA ARG A 14 -19.44 -15.43 -2.70
C ARG A 14 -18.25 -15.10 -1.82
N LEU A 15 -17.17 -14.64 -2.44
CA LEU A 15 -15.95 -14.29 -1.71
C LEU A 15 -15.95 -12.80 -1.35
N SER A 16 -14.85 -12.35 -0.76
CA SER A 16 -14.72 -10.95 -0.37
C SER A 16 -13.36 -10.39 -0.78
N PRO A 17 -13.26 -9.05 -0.85
CA PRO A 17 -12.02 -8.37 -1.23
C PRO A 17 -10.95 -8.50 -0.16
N PRO A 18 -9.72 -8.07 -0.51
CA PRO A 18 -8.57 -8.13 0.40
C PRO A 18 -8.69 -7.12 1.55
N GLU A 19 -8.07 -7.45 2.68
CA GLU A 19 -8.12 -6.57 3.84
C GLU A 19 -6.88 -5.68 3.90
N ALA A 20 -6.96 -4.60 4.67
CA ALA A 20 -5.85 -3.67 4.81
C ALA A 20 -4.62 -4.38 5.36
N PRO A 21 -3.50 -4.28 4.62
CA PRO A 21 -2.23 -4.90 5.02
C PRO A 21 -1.60 -4.22 6.23
N ASP A 22 -0.62 -4.88 6.82
CA ASP A 22 0.06 -4.34 7.99
C ASP A 22 0.60 -2.95 7.70
N ARG A 23 1.20 -2.32 8.73
CA ARG A 23 1.75 -0.98 8.58
C ARG A 23 3.12 -1.03 7.91
N PRO A 24 3.25 -0.30 6.79
CA PRO A 24 4.50 -0.24 6.03
C PRO A 24 5.60 0.51 6.77
N THR A 25 6.83 0.05 6.61
CA THR A 25 7.97 0.68 7.27
C THR A 25 8.64 1.70 6.36
N ILE A 26 9.49 2.55 6.93
CA ILE A 26 10.20 3.56 6.17
C ILE A 26 11.69 3.53 6.46
N SER A 27 12.49 3.33 5.42
CA SER A 27 13.94 3.28 5.57
C SER A 27 14.62 4.33 4.67
N THR A 28 15.94 4.32 4.66
CA THR A 28 16.70 5.26 3.85
C THR A 28 17.18 4.61 2.56
N ALA A 29 16.44 4.84 1.47
CA ALA A 29 16.80 4.29 0.17
C ALA A 29 17.53 5.32 -0.68
N SER A 30 17.05 6.55 -0.66
CA SER A 30 17.66 7.62 -1.43
C SER A 30 17.32 8.99 -0.85
N GLU A 31 17.76 10.04 -1.52
CA GLU A 31 17.49 11.41 -1.06
C GLU A 31 16.10 11.86 -1.48
N THR A 32 15.55 11.21 -2.49
CA THR A 32 14.22 11.55 -2.99
C THR A 32 13.28 10.35 -2.90
N SER A 33 13.80 9.23 -2.42
CA SER A 33 13.01 8.01 -2.27
C SER A 33 13.25 7.35 -0.92
N VAL A 34 12.48 6.31 -0.63
CA VAL A 34 12.62 5.58 0.62
C VAL A 34 12.11 4.16 0.50
N TYR A 35 12.80 3.24 1.17
CA TYR A 35 12.43 1.82 1.13
C TYR A 35 11.22 1.56 2.01
N VAL A 36 10.15 1.05 1.40
CA VAL A 36 8.93 0.74 2.13
C VAL A 36 8.63 -0.76 2.10
N THR A 37 8.46 -1.34 3.28
CA THR A 37 8.17 -2.76 3.38
C THR A 37 6.91 -3.01 4.21
N TRP A 38 5.93 -3.67 3.61
CA TRP A 38 4.67 -3.97 4.29
C TRP A 38 4.44 -5.47 4.38
N ILE A 39 3.43 -5.86 5.14
CA ILE A 39 3.11 -7.28 5.30
C ILE A 39 1.61 -7.52 5.15
N PRO A 40 1.22 -8.13 4.02
CA PRO A 40 -0.18 -8.43 3.73
C PRO A 40 -0.73 -9.53 4.63
N ARG A 41 -1.91 -9.28 5.22
CA ARG A 41 -2.54 -10.26 6.10
C ARG A 41 -3.54 -11.11 5.34
N GLY A 42 -4.62 -10.48 4.89
CA GLY A 42 -5.65 -11.21 4.14
C GLY A 42 -5.68 -10.82 2.68
N ASN A 43 -6.30 -11.67 1.85
CA ASN A 43 -6.40 -11.40 0.43
C ASN A 43 -7.86 -11.45 -0.03
N GLY A 44 -8.77 -11.64 0.93
CA GLY A 44 -10.18 -11.71 0.60
C GLY A 44 -10.59 -13.08 0.11
N GLY A 45 -9.64 -14.02 0.11
CA GLY A 45 -9.94 -15.37 -0.34
C GLY A 45 -9.30 -15.70 -1.67
N PHE A 46 -9.05 -14.66 -2.47
CA PHE A 46 -8.43 -14.84 -3.78
C PHE A 46 -6.98 -14.34 -3.78
N PRO A 47 -6.20 -14.78 -4.77
CA PRO A 47 -4.80 -14.39 -4.91
C PRO A 47 -4.64 -12.93 -5.30
N ILE A 48 -4.03 -12.15 -4.41
CA ILE A 48 -3.81 -10.73 -4.66
C ILE A 48 -3.25 -10.50 -6.07
N GLN A 49 -3.80 -9.50 -6.76
CA GLN A 49 -3.36 -9.18 -8.11
C GLN A 49 -2.23 -8.16 -8.08
N SER A 50 -2.42 -7.08 -7.33
CA SER A 50 -1.43 -6.04 -7.22
C SER A 50 -1.67 -5.16 -5.99
N PHE A 51 -0.64 -4.45 -5.55
CA PHE A 51 -0.75 -3.59 -4.38
C PHE A 51 -0.73 -2.12 -4.80
N ARG A 52 -0.91 -1.24 -3.81
CA ARG A 52 -0.92 0.20 -4.07
C ARG A 52 -0.38 0.97 -2.87
N VAL A 53 0.59 1.84 -3.11
CA VAL A 53 1.19 2.65 -2.05
C VAL A 53 0.81 4.11 -2.19
N GLU A 54 0.33 4.71 -1.10
CA GLU A 54 -0.07 6.10 -1.10
C GLU A 54 0.65 6.88 0.00
N TYR A 55 0.74 8.19 -0.17
CA TYR A 55 1.41 9.05 0.80
C TYR A 55 0.64 10.35 1.01
N LYS A 56 0.66 10.86 2.24
CA LYS A 56 -0.04 12.09 2.55
C LYS A 56 0.93 13.14 3.09
N LYS A 57 0.82 14.37 2.60
CA LYS A 57 1.68 15.45 3.03
C LYS A 57 1.18 16.08 4.33
N LEU A 58 2.06 16.19 5.31
CA LEU A 58 1.71 16.76 6.60
C LEU A 58 1.97 18.26 6.62
N LYS A 59 3.25 18.63 6.65
CA LYS A 59 3.64 20.04 6.66
C LYS A 59 2.76 20.86 5.73
N LYS A 60 2.23 20.21 4.71
CA LYS A 60 1.36 20.88 3.74
C LYS A 60 -0.03 20.25 3.73
N VAL A 61 -1.05 21.10 3.63
CA VAL A 61 -2.43 20.64 3.61
C VAL A 61 -2.77 19.98 2.28
N GLY A 62 -3.31 18.76 2.33
CA GLY A 62 -3.67 18.06 1.12
C GLY A 62 -4.22 16.67 1.40
N ASP A 63 -4.58 15.95 0.34
CA ASP A 63 -5.13 14.61 0.49
C ASP A 63 -4.06 13.56 0.18
N TRP A 64 -4.46 12.29 0.19
CA TRP A 64 -3.54 11.20 -0.08
C TRP A 64 -3.22 11.11 -1.56
N ILE A 65 -1.95 10.83 -1.87
CA ILE A 65 -1.51 10.73 -3.26
C ILE A 65 -1.06 9.31 -3.58
N LEU A 66 -0.97 8.98 -4.87
CA LEU A 66 -0.54 7.67 -5.31
C LEU A 66 0.93 7.67 -5.70
N ALA A 67 1.73 6.89 -5.00
CA ALA A 67 3.16 6.80 -5.27
C ALA A 67 3.43 5.81 -6.40
N THR A 68 3.22 4.54 -6.14
CA THR A 68 3.44 3.49 -7.13
C THR A 68 2.22 2.60 -7.27
N SER A 69 2.28 1.65 -8.22
CA SER A 69 1.18 0.74 -8.46
C SER A 69 1.61 -0.40 -9.38
N ALA A 70 0.78 -1.44 -9.46
CA ALA A 70 1.07 -2.59 -10.30
C ALA A 70 2.15 -3.46 -9.68
N ILE A 71 2.26 -3.41 -8.35
CA ILE A 71 3.27 -4.19 -7.63
C ILE A 71 2.84 -5.65 -7.52
N PRO A 72 3.79 -6.56 -7.75
CA PRO A 72 3.53 -8.00 -7.67
C PRO A 72 3.27 -8.48 -6.25
N PRO A 73 2.58 -9.62 -6.12
CA PRO A 73 2.26 -10.20 -4.80
C PRO A 73 3.49 -10.76 -4.10
N SER A 74 4.55 -10.99 -4.87
CA SER A 74 5.79 -11.52 -4.32
C SER A 74 6.68 -10.40 -3.79
N ARG A 75 6.34 -9.17 -4.16
CA ARG A 75 7.11 -8.00 -3.72
C ARG A 75 6.41 -7.28 -2.58
N LEU A 76 6.86 -7.56 -1.35
CA LEU A 76 6.28 -6.93 -0.17
C LEU A 76 7.09 -5.72 0.26
N SER A 77 8.01 -5.29 -0.60
CA SER A 77 8.86 -4.14 -0.31
C SER A 77 9.31 -3.46 -1.60
N VAL A 78 9.17 -2.13 -1.65
CA VAL A 78 9.57 -1.37 -2.82
C VAL A 78 10.11 0.01 -2.42
N GLU A 79 10.79 0.66 -3.35
CA GLU A 79 11.37 1.98 -3.09
C GLU A 79 10.49 3.07 -3.70
N ILE A 80 9.81 3.82 -2.84
CA ILE A 80 8.95 4.91 -3.29
C ILE A 80 9.76 6.12 -3.73
N THR A 81 9.81 6.35 -5.03
CA THR A 81 10.55 7.48 -5.58
C THR A 81 9.62 8.61 -5.99
N GLY A 82 10.19 9.78 -6.22
CA GLY A 82 9.38 10.92 -6.62
C GLY A 82 8.79 11.66 -5.43
N LEU A 83 9.58 11.82 -4.38
CA LEU A 83 9.14 12.50 -3.17
C LEU A 83 9.62 13.95 -3.15
N GLU A 84 9.29 14.67 -2.08
CA GLU A 84 9.69 16.06 -1.94
C GLU A 84 10.44 16.28 -0.63
N LYS A 85 11.68 16.77 -0.74
CA LYS A 85 12.50 17.03 0.44
C LYS A 85 11.87 18.10 1.32
N GLY A 86 12.30 18.15 2.58
CA GLY A 86 11.76 19.14 3.51
C GLY A 86 10.25 19.04 3.65
N ILE A 87 9.68 17.96 3.14
CA ILE A 87 8.24 17.75 3.22
C ILE A 87 7.91 16.44 3.94
N SER A 88 7.39 16.56 5.15
CA SER A 88 7.04 15.38 5.94
C SER A 88 5.77 14.73 5.41
N TYR A 89 5.77 13.41 5.32
CA TYR A 89 4.62 12.67 4.83
C TYR A 89 4.64 11.23 5.31
N LYS A 90 3.53 10.52 5.13
CA LYS A 90 3.42 9.13 5.55
C LYS A 90 3.28 8.21 4.35
N PHE A 91 3.08 6.92 4.61
CA PHE A 91 2.92 5.93 3.55
C PHE A 91 1.91 4.87 3.95
N ARG A 92 1.35 4.19 2.94
CA ARG A 92 0.36 3.15 3.18
C ARG A 92 0.42 2.08 2.09
N VAL A 93 -0.37 1.03 2.26
CA VAL A 93 -0.41 -0.06 1.29
C VAL A 93 -1.83 -0.61 1.14
N ARG A 94 -2.24 -0.83 -0.11
CA ARG A 94 -3.57 -1.35 -0.39
C ARG A 94 -3.49 -2.60 -1.27
N ALA A 95 -4.39 -3.55 -1.02
CA ALA A 95 -4.43 -4.79 -1.80
C ALA A 95 -5.58 -4.78 -2.79
N LEU A 96 -5.27 -5.08 -4.05
CA LEU A 96 -6.29 -5.12 -5.09
C LEU A 96 -6.32 -6.48 -5.78
N ASN A 97 -7.46 -7.17 -5.67
CA ASN A 97 -7.62 -8.48 -6.27
C ASN A 97 -8.77 -8.48 -7.27
N MET A 98 -9.12 -9.66 -7.78
CA MET A 98 -10.20 -9.79 -8.75
C MET A 98 -11.54 -9.53 -8.09
N LEU A 99 -11.52 -9.19 -6.81
CA LEU A 99 -12.74 -8.91 -6.07
C LEU A 99 -12.86 -7.42 -5.74
N GLY A 100 -11.71 -6.76 -5.66
CA GLY A 100 -11.70 -5.34 -5.35
C GLY A 100 -10.45 -4.91 -4.61
N GLU A 101 -10.50 -3.73 -4.01
CA GLU A 101 -9.36 -3.20 -3.27
C GLU A 101 -9.58 -3.33 -1.76
N SER A 102 -8.48 -3.32 -1.00
CA SER A 102 -8.56 -3.44 0.45
C SER A 102 -8.55 -2.07 1.10
N GLU A 103 -8.71 -2.05 2.42
CA GLU A 103 -8.71 -0.80 3.18
C GLU A 103 -7.32 -0.18 3.23
N PRO A 104 -7.27 1.14 3.45
CA PRO A 104 -6.00 1.87 3.52
C PRO A 104 -5.20 1.53 4.78
N SER A 105 -4.14 0.74 4.61
CA SER A 105 -3.31 0.34 5.73
C SER A 105 -2.98 1.54 6.62
N ALA A 106 -2.78 1.27 7.90
CA ALA A 106 -2.45 2.32 8.86
C ALA A 106 -1.42 3.28 8.30
N PRO A 107 -1.58 4.58 8.59
CA PRO A 107 -0.67 5.62 8.12
C PRO A 107 0.70 5.54 8.80
N SER A 108 1.66 4.92 8.12
CA SER A 108 3.01 4.77 8.66
C SER A 108 3.48 6.08 9.29
N ARG A 109 4.40 5.97 10.24
CA ARG A 109 4.94 7.13 10.93
C ARG A 109 5.42 8.18 9.93
N PRO A 110 5.41 9.45 10.36
CA PRO A 110 5.84 10.57 9.52
C PRO A 110 7.34 10.56 9.26
N TYR A 111 7.72 10.51 7.98
CA TYR A 111 9.13 10.50 7.60
C TYR A 111 9.52 11.78 6.89
N VAL A 112 10.47 12.51 7.45
CA VAL A 112 10.93 13.76 6.86
C VAL A 112 12.16 13.53 5.98
N VAL A 113 11.95 13.56 4.67
CA VAL A 113 13.03 13.37 3.71
C VAL A 113 13.95 14.58 3.65
N SER A 114 15.14 14.44 4.23
CA SER A 114 16.11 15.53 4.25
C SER A 114 17.22 15.30 3.23
N GLY A 115 17.72 14.07 3.20
CA GLY A 115 18.78 13.73 2.27
C GLY A 115 18.98 12.24 2.12
N SER A 116 20.01 11.84 1.37
CA SER A 116 20.29 10.43 1.16
C SER A 116 21.16 9.88 2.28
N GLY A 117 20.56 9.08 3.15
CA GLY A 117 21.29 8.50 4.25
C GLY A 117 22.08 9.53 5.04
N PRO A 118 23.13 9.08 5.73
CA PRO A 118 23.99 9.95 6.54
C PRO A 118 24.83 10.89 5.68
N SER A 119 24.62 10.83 4.36
CA SER A 119 25.36 11.68 3.44
C SER A 119 25.67 13.03 4.06
N SER A 120 24.70 13.58 4.79
CA SER A 120 24.86 14.88 5.44
C SER A 120 25.44 14.71 6.84
N GLY A 121 24.68 14.06 7.71
CA GLY A 121 25.12 13.85 9.08
C GLY A 121 24.48 14.82 10.06
N GLY A 1 -41.70 -11.12 -26.01
CA GLY A 1 -40.82 -10.03 -25.65
C GLY A 1 -39.91 -10.38 -24.48
N SER A 2 -39.73 -9.43 -23.57
CA SER A 2 -38.88 -9.64 -22.41
C SER A 2 -39.43 -10.74 -21.52
N SER A 3 -38.59 -11.25 -20.61
CA SER A 3 -39.00 -12.31 -19.70
C SER A 3 -38.76 -11.90 -18.26
N GLY A 4 -37.60 -11.31 -18.00
CA GLY A 4 -37.27 -10.87 -16.66
C GLY A 4 -35.89 -11.33 -16.23
N SER A 5 -35.57 -11.14 -14.94
CA SER A 5 -34.27 -11.53 -14.41
C SER A 5 -33.91 -12.95 -14.85
N SER A 6 -32.77 -13.08 -15.52
CA SER A 6 -32.31 -14.38 -15.98
C SER A 6 -32.03 -15.32 -14.82
N GLY A 7 -31.80 -16.59 -15.13
CA GLY A 7 -31.52 -17.57 -14.09
C GLY A 7 -30.25 -17.23 -13.31
N SER A 8 -29.63 -18.26 -12.74
CA SER A 8 -28.41 -18.08 -11.96
C SER A 8 -27.32 -19.03 -12.44
N GLN A 9 -26.27 -18.47 -13.03
CA GLN A 9 -25.15 -19.27 -13.51
C GLN A 9 -24.83 -20.40 -12.55
N PRO A 10 -24.23 -21.47 -13.09
CA PRO A 10 -23.85 -22.65 -12.29
C PRO A 10 -22.69 -22.36 -11.34
N ASP A 11 -22.27 -21.10 -11.31
CA ASP A 11 -21.17 -20.69 -10.44
C ASP A 11 -21.67 -20.39 -9.03
N HIS A 12 -20.73 -20.25 -8.10
CA HIS A 12 -21.08 -19.97 -6.71
C HIS A 12 -19.83 -19.65 -5.90
N GLY A 13 -20.04 -19.21 -4.65
CA GLY A 13 -18.92 -18.88 -3.79
C GLY A 13 -18.88 -17.40 -3.45
N ARG A 14 -19.61 -17.00 -2.42
CA ARG A 14 -19.64 -15.60 -2.01
C ARG A 14 -18.35 -15.21 -1.32
N LEU A 15 -17.38 -14.73 -2.09
CA LEU A 15 -16.09 -14.32 -1.55
C LEU A 15 -16.09 -12.84 -1.20
N SER A 16 -14.94 -12.33 -0.79
CA SER A 16 -14.81 -10.92 -0.44
C SER A 16 -13.44 -10.38 -0.83
N PRO A 17 -13.32 -9.05 -0.92
CA PRO A 17 -12.08 -8.38 -1.28
C PRO A 17 -11.01 -8.50 -0.19
N PRO A 18 -9.78 -8.09 -0.51
CA PRO A 18 -8.66 -8.14 0.42
C PRO A 18 -8.79 -7.12 1.55
N GLU A 19 -8.13 -7.38 2.66
CA GLU A 19 -8.18 -6.49 3.82
C GLU A 19 -6.96 -5.58 3.85
N ALA A 20 -6.95 -4.64 4.79
CA ALA A 20 -5.84 -3.70 4.93
C ALA A 20 -4.58 -4.42 5.40
N PRO A 21 -3.49 -4.29 4.62
CA PRO A 21 -2.21 -4.92 4.94
C PRO A 21 -1.54 -4.27 6.15
N ASP A 22 -0.59 -5.00 6.74
CA ASP A 22 0.13 -4.49 7.90
C ASP A 22 0.65 -3.08 7.66
N ARG A 23 1.23 -2.47 8.69
CA ARG A 23 1.76 -1.12 8.58
C ARG A 23 3.14 -1.13 7.92
N PRO A 24 3.26 -0.39 6.81
CA PRO A 24 4.52 -0.29 6.06
C PRO A 24 5.58 0.49 6.82
N THR A 25 6.83 0.05 6.70
CA THR A 25 7.95 0.71 7.38
C THR A 25 8.63 1.71 6.45
N ILE A 26 9.47 2.57 7.03
CA ILE A 26 10.18 3.57 6.25
C ILE A 26 11.68 3.51 6.53
N SER A 27 12.46 3.37 5.47
CA SER A 27 13.92 3.30 5.59
C SER A 27 14.59 4.25 4.61
N THR A 28 15.89 4.46 4.81
CA THR A 28 16.66 5.35 3.94
C THR A 28 17.08 4.65 2.66
N ALA A 29 16.43 5.01 1.55
CA ALA A 29 16.75 4.41 0.26
C ALA A 29 17.42 5.42 -0.66
N SER A 30 16.99 6.67 -0.58
CA SER A 30 17.54 7.73 -1.41
C SER A 30 17.16 9.11 -0.87
N GLU A 31 17.61 10.15 -1.56
CA GLU A 31 17.32 11.52 -1.14
C GLU A 31 15.95 11.96 -1.64
N THR A 32 15.45 11.25 -2.65
CA THR A 32 14.14 11.57 -3.22
C THR A 32 13.19 10.39 -3.10
N SER A 33 13.68 9.28 -2.55
CA SER A 33 12.88 8.09 -2.38
C SER A 33 13.17 7.41 -1.05
N VAL A 34 12.37 6.41 -0.70
CA VAL A 34 12.55 5.68 0.55
C VAL A 34 12.09 4.24 0.42
N TYR A 35 12.75 3.34 1.14
CA TYR A 35 12.42 1.92 1.10
C TYR A 35 11.25 1.61 2.03
N VAL A 36 10.17 1.09 1.46
CA VAL A 36 8.98 0.75 2.24
C VAL A 36 8.72 -0.76 2.21
N THR A 37 8.49 -1.33 3.39
CA THR A 37 8.23 -2.76 3.50
C THR A 37 6.96 -3.03 4.31
N TRP A 38 6.00 -3.69 3.67
CA TRP A 38 4.74 -4.00 4.33
C TRP A 38 4.51 -5.51 4.38
N ILE A 39 3.50 -5.94 5.13
CA ILE A 39 3.18 -7.35 5.25
C ILE A 39 1.68 -7.59 5.11
N PRO A 40 1.30 -8.23 3.99
CA PRO A 40 -0.11 -8.54 3.70
C PRO A 40 -0.66 -9.61 4.62
N ARG A 41 -1.89 -9.40 5.08
CA ARG A 41 -2.54 -10.36 5.98
C ARG A 41 -3.58 -11.19 5.22
N GLY A 42 -4.68 -10.55 4.83
CA GLY A 42 -5.73 -11.24 4.10
C GLY A 42 -5.77 -10.86 2.63
N ASN A 43 -6.37 -11.72 1.82
CA ASN A 43 -6.47 -11.48 0.38
C ASN A 43 -7.92 -11.53 -0.06
N GLY A 44 -8.84 -11.66 0.89
CA GLY A 44 -10.25 -11.72 0.57
C GLY A 44 -10.69 -13.09 0.11
N GLY A 45 -9.74 -14.03 0.09
CA GLY A 45 -10.06 -15.38 -0.34
C GLY A 45 -9.47 -15.72 -1.69
N PHE A 46 -9.10 -14.69 -2.45
CA PHE A 46 -8.53 -14.88 -3.77
C PHE A 46 -7.07 -14.40 -3.81
N PRO A 47 -6.32 -14.85 -4.83
CA PRO A 47 -4.92 -14.48 -5.00
C PRO A 47 -4.74 -13.02 -5.39
N ILE A 48 -4.13 -12.24 -4.50
CA ILE A 48 -3.90 -10.83 -4.75
C ILE A 48 -3.34 -10.60 -6.16
N GLN A 49 -3.81 -9.53 -6.80
CA GLN A 49 -3.35 -9.20 -8.15
C GLN A 49 -2.18 -8.23 -8.10
N SER A 50 -2.35 -7.13 -7.37
CA SER A 50 -1.31 -6.13 -7.26
C SER A 50 -1.53 -5.25 -6.03
N PHE A 51 -0.47 -4.58 -5.59
CA PHE A 51 -0.55 -3.71 -4.42
C PHE A 51 -0.46 -2.23 -4.82
N ARG A 52 -0.76 -1.35 -3.88
CA ARG A 52 -0.72 0.09 -4.14
C ARG A 52 -0.21 0.84 -2.93
N VAL A 53 0.66 1.82 -3.16
CA VAL A 53 1.23 2.62 -2.08
C VAL A 53 0.83 4.08 -2.22
N GLU A 54 0.41 4.68 -1.10
CA GLU A 54 0.01 6.08 -1.11
C GLU A 54 0.63 6.84 0.07
N TYR A 55 0.70 8.16 -0.05
CA TYR A 55 1.28 8.99 0.99
C TYR A 55 0.44 10.24 1.23
N LYS A 56 0.81 11.02 2.23
CA LYS A 56 0.09 12.24 2.57
C LYS A 56 1.03 13.29 3.12
N LYS A 57 0.87 14.53 2.65
CA LYS A 57 1.71 15.63 3.10
C LYS A 57 1.20 16.21 4.42
N LEU A 58 2.10 16.34 5.38
CA LEU A 58 1.74 16.87 6.70
C LEU A 58 2.04 18.37 6.78
N LYS A 59 3.33 18.71 6.71
CA LYS A 59 3.75 20.11 6.77
C LYS A 59 2.98 20.96 5.77
N LYS A 60 2.41 20.31 4.75
CA LYS A 60 1.64 20.99 3.73
C LYS A 60 0.28 20.35 3.54
N VAL A 61 -0.77 21.16 3.60
CA VAL A 61 -2.14 20.66 3.43
C VAL A 61 -2.31 19.98 2.08
N GLY A 62 -2.63 18.69 2.12
CA GLY A 62 -2.83 17.94 0.89
C GLY A 62 -3.34 16.53 1.14
N ASP A 63 -4.38 16.15 0.42
CA ASP A 63 -4.96 14.82 0.57
C ASP A 63 -3.94 13.73 0.26
N TRP A 64 -4.38 12.49 0.28
CA TRP A 64 -3.50 11.36 0.00
C TRP A 64 -3.19 11.26 -1.49
N ILE A 65 -1.93 11.03 -1.83
CA ILE A 65 -1.52 10.91 -3.22
C ILE A 65 -1.01 9.51 -3.52
N LEU A 66 -1.00 9.15 -4.80
CA LEU A 66 -0.53 7.84 -5.23
C LEU A 66 0.95 7.87 -5.56
N ALA A 67 1.73 7.03 -4.89
CA ALA A 67 3.16 6.95 -5.12
C ALA A 67 3.49 5.91 -6.18
N THR A 68 3.35 4.64 -5.81
CA THR A 68 3.63 3.55 -6.73
C THR A 68 2.48 2.54 -6.77
N SER A 69 2.49 1.68 -7.78
CA SER A 69 1.45 0.68 -7.95
C SER A 69 1.89 -0.42 -8.89
N ALA A 70 0.98 -1.35 -9.19
CA ALA A 70 1.28 -2.45 -10.09
C ALA A 70 2.35 -3.36 -9.51
N ILE A 71 2.41 -3.43 -8.18
CA ILE A 71 3.39 -4.27 -7.50
C ILE A 71 2.91 -5.71 -7.41
N PRO A 72 3.84 -6.65 -7.66
CA PRO A 72 3.54 -8.09 -7.61
C PRO A 72 3.28 -8.58 -6.19
N PRO A 73 2.57 -9.71 -6.07
CA PRO A 73 2.25 -10.32 -4.78
C PRO A 73 3.48 -10.89 -4.07
N SER A 74 4.58 -10.99 -4.81
CA SER A 74 5.83 -11.51 -4.26
C SER A 74 6.70 -10.40 -3.70
N ARG A 75 6.41 -9.17 -4.12
CA ARG A 75 7.17 -8.01 -3.67
C ARG A 75 6.44 -7.29 -2.53
N LEU A 76 6.92 -7.50 -1.31
CA LEU A 76 6.31 -6.86 -0.14
C LEU A 76 7.10 -5.63 0.29
N SER A 77 8.07 -5.24 -0.53
CA SER A 77 8.90 -4.08 -0.24
C SER A 77 9.36 -3.40 -1.53
N VAL A 78 9.22 -2.08 -1.58
CA VAL A 78 9.62 -1.31 -2.76
C VAL A 78 10.10 0.07 -2.37
N GLU A 79 10.77 0.75 -3.30
CA GLU A 79 11.29 2.09 -3.05
C GLU A 79 10.36 3.15 -3.65
N ILE A 80 9.78 3.97 -2.78
CA ILE A 80 8.87 5.02 -3.23
C ILE A 80 9.64 6.26 -3.66
N THR A 81 9.78 6.43 -4.98
CA THR A 81 10.50 7.58 -5.52
C THR A 81 9.54 8.66 -5.99
N GLY A 82 10.07 9.83 -6.29
CA GLY A 82 9.24 10.94 -6.75
C GLY A 82 8.69 11.77 -5.60
N LEU A 83 9.49 11.90 -4.55
CA LEU A 83 9.08 12.67 -3.37
C LEU A 83 9.75 14.04 -3.37
N GLU A 84 9.44 14.84 -2.36
CA GLU A 84 10.02 16.17 -2.22
C GLU A 84 10.72 16.34 -0.88
N LYS A 85 11.90 16.93 -0.91
CA LYS A 85 12.68 17.15 0.31
C LYS A 85 12.05 18.25 1.16
N GLY A 86 12.35 18.24 2.45
CA GLY A 86 11.81 19.24 3.35
C GLY A 86 10.31 19.12 3.51
N ILE A 87 9.75 18.01 3.05
CA ILE A 87 8.31 17.78 3.14
C ILE A 87 8.01 16.47 3.86
N SER A 88 7.40 16.58 5.04
CA SER A 88 7.05 15.41 5.84
C SER A 88 5.76 14.76 5.33
N TYR A 89 5.75 13.43 5.30
CA TYR A 89 4.58 12.69 4.84
C TYR A 89 4.61 11.25 5.34
N LYS A 90 3.51 10.55 5.14
CA LYS A 90 3.41 9.16 5.57
C LYS A 90 3.27 8.22 4.37
N PHE A 91 3.10 6.93 4.65
CA PHE A 91 2.95 5.94 3.59
C PHE A 91 1.96 4.85 3.99
N ARG A 92 1.35 4.21 2.99
CA ARG A 92 0.38 3.16 3.26
C ARG A 92 0.43 2.11 2.15
N VAL A 93 -0.41 1.08 2.28
CA VAL A 93 -0.47 0.00 1.30
C VAL A 93 -1.88 -0.51 1.13
N ARG A 94 -2.23 -0.87 -0.11
CA ARG A 94 -3.56 -1.38 -0.41
C ARG A 94 -3.48 -2.64 -1.26
N ALA A 95 -4.42 -3.56 -1.05
CA ALA A 95 -4.45 -4.81 -1.80
C ALA A 95 -5.60 -4.81 -2.80
N LEU A 96 -5.29 -5.16 -4.05
CA LEU A 96 -6.30 -5.20 -5.11
C LEU A 96 -6.34 -6.57 -5.77
N ASN A 97 -7.51 -7.22 -5.70
CA ASN A 97 -7.68 -8.54 -6.30
C ASN A 97 -8.82 -8.54 -7.30
N MET A 98 -9.18 -9.73 -7.79
CA MET A 98 -10.26 -9.86 -8.76
C MET A 98 -11.61 -9.56 -8.12
N LEU A 99 -11.58 -9.22 -6.83
CA LEU A 99 -12.80 -8.90 -6.10
C LEU A 99 -12.89 -7.41 -5.80
N GLY A 100 -11.73 -6.76 -5.72
CA GLY A 100 -11.70 -5.33 -5.43
C GLY A 100 -10.46 -4.92 -4.67
N GLU A 101 -10.46 -3.71 -4.14
CA GLU A 101 -9.33 -3.20 -3.38
C GLU A 101 -9.60 -3.28 -1.88
N SER A 102 -8.54 -3.28 -1.10
CA SER A 102 -8.65 -3.37 0.36
C SER A 102 -8.65 -1.98 0.99
N GLU A 103 -8.85 -1.93 2.31
CA GLU A 103 -8.87 -0.66 3.03
C GLU A 103 -7.46 -0.06 3.11
N PRO A 104 -7.39 1.24 3.39
CA PRO A 104 -6.12 1.95 3.50
C PRO A 104 -5.35 1.56 4.76
N SER A 105 -4.27 0.81 4.57
CA SER A 105 -3.44 0.36 5.68
C SER A 105 -3.11 1.52 6.62
N ALA A 106 -2.76 1.18 7.86
CA ALA A 106 -2.43 2.19 8.85
C ALA A 106 -1.35 3.15 8.34
N PRO A 107 -1.53 4.44 8.62
CA PRO A 107 -0.58 5.47 8.19
C PRO A 107 0.75 5.39 8.94
N SER A 108 1.73 4.75 8.31
CA SER A 108 3.05 4.58 8.91
C SER A 108 3.55 5.91 9.47
N ARG A 109 4.52 5.83 10.38
CA ARG A 109 5.09 7.03 11.00
C ARG A 109 5.54 8.02 9.94
N PRO A 110 5.51 9.31 10.28
CA PRO A 110 5.91 10.40 9.38
C PRO A 110 7.41 10.40 9.12
N TYR A 111 7.78 10.43 7.85
CA TYR A 111 9.20 10.44 7.46
C TYR A 111 9.56 11.73 6.72
N VAL A 112 10.50 12.48 7.28
CA VAL A 112 10.93 13.73 6.67
C VAL A 112 12.14 13.51 5.76
N VAL A 113 11.91 13.59 4.46
CA VAL A 113 12.97 13.40 3.48
C VAL A 113 13.91 14.61 3.44
N SER A 114 15.09 14.44 4.03
CA SER A 114 16.08 15.52 4.08
C SER A 114 17.17 15.29 3.04
N GLY A 115 17.68 16.38 2.48
CA GLY A 115 18.73 16.29 1.48
C GLY A 115 19.86 15.37 1.91
N SER A 116 20.42 15.64 3.08
CA SER A 116 21.53 14.83 3.59
C SER A 116 21.09 14.04 4.84
N GLY A 117 21.45 12.77 4.87
CA GLY A 117 21.08 11.93 6.00
C GLY A 117 22.12 10.85 6.28
N PRO A 118 21.83 9.99 7.28
CA PRO A 118 22.73 8.90 7.66
C PRO A 118 22.80 7.81 6.61
N SER A 119 24.02 7.36 6.30
CA SER A 119 24.22 6.32 5.30
C SER A 119 25.13 5.22 5.85
N SER A 120 24.68 3.98 5.74
CA SER A 120 25.46 2.84 6.23
C SER A 120 25.13 1.59 5.42
N GLY A 121 26.11 0.69 5.31
CA GLY A 121 25.90 -0.54 4.56
C GLY A 121 26.16 -1.77 5.41
N GLY A 1 -35.24 -9.76 5.77
CA GLY A 1 -35.12 -10.68 6.88
C GLY A 1 -35.43 -12.10 6.50
N SER A 2 -34.76 -12.59 5.47
CA SER A 2 -34.97 -13.96 4.99
C SER A 2 -33.66 -14.60 4.56
N SER A 3 -33.72 -15.87 4.19
CA SER A 3 -32.54 -16.61 3.77
C SER A 3 -31.91 -15.97 2.53
N GLY A 4 -30.60 -15.80 2.56
CA GLY A 4 -29.89 -15.20 1.44
C GLY A 4 -28.44 -15.60 1.38
N SER A 5 -27.71 -15.35 2.47
CA SER A 5 -26.30 -15.70 2.53
C SER A 5 -26.09 -17.20 2.36
N SER A 6 -24.84 -17.60 2.18
CA SER A 6 -24.50 -19.01 2.00
C SER A 6 -23.93 -19.59 3.28
N GLY A 7 -23.82 -20.92 3.32
CA GLY A 7 -23.30 -21.59 4.50
C GLY A 7 -21.92 -22.17 4.26
N SER A 8 -21.25 -22.56 5.34
CA SER A 8 -19.90 -23.12 5.24
C SER A 8 -19.90 -24.37 4.36
N GLN A 9 -18.98 -24.41 3.41
CA GLN A 9 -18.87 -25.53 2.49
C GLN A 9 -17.50 -25.56 1.82
N PRO A 10 -17.07 -26.76 1.41
CA PRO A 10 -15.77 -26.94 0.74
C PRO A 10 -15.75 -26.35 -0.66
N ASP A 11 -16.85 -25.71 -1.04
CA ASP A 11 -16.96 -25.09 -2.35
C ASP A 11 -17.00 -23.57 -2.24
N HIS A 12 -15.83 -22.95 -2.35
CA HIS A 12 -15.73 -21.49 -2.26
C HIS A 12 -16.81 -20.82 -3.10
N GLY A 13 -17.59 -19.96 -2.46
CA GLY A 13 -18.65 -19.26 -3.17
C GLY A 13 -18.56 -17.75 -3.01
N ARG A 14 -19.46 -17.19 -2.21
CA ARG A 14 -19.48 -15.75 -1.97
C ARG A 14 -18.20 -15.29 -1.29
N LEU A 15 -17.19 -14.95 -2.09
CA LEU A 15 -15.91 -14.50 -1.57
C LEU A 15 -15.94 -13.01 -1.25
N SER A 16 -14.84 -12.48 -0.74
CA SER A 16 -14.74 -11.07 -0.40
C SER A 16 -13.38 -10.50 -0.79
N PRO A 17 -13.30 -9.17 -0.88
CA PRO A 17 -12.06 -8.48 -1.25
C PRO A 17 -11.00 -8.56 -0.14
N PRO A 18 -9.77 -8.14 -0.47
CA PRO A 18 -8.65 -8.16 0.48
C PRO A 18 -8.82 -7.14 1.59
N GLU A 19 -8.18 -7.39 2.73
CA GLU A 19 -8.25 -6.50 3.87
C GLU A 19 -7.04 -5.58 3.92
N ALA A 20 -7.04 -4.64 4.87
CA ALA A 20 -5.94 -3.71 5.03
C ALA A 20 -4.68 -4.41 5.53
N PRO A 21 -3.61 -4.31 4.75
CA PRO A 21 -2.32 -4.95 5.09
C PRO A 21 -1.64 -4.26 6.27
N ASP A 22 -0.69 -4.96 6.89
CA ASP A 22 0.04 -4.42 8.03
C ASP A 22 0.57 -3.02 7.73
N ARG A 23 1.14 -2.38 8.73
CA ARG A 23 1.70 -1.04 8.57
C ARG A 23 3.07 -1.08 7.91
N PRO A 24 3.21 -0.37 6.79
CA PRO A 24 4.47 -0.32 6.04
C PRO A 24 5.55 0.46 6.79
N THR A 25 6.79 0.01 6.66
CA THR A 25 7.92 0.66 7.32
C THR A 25 8.60 1.65 6.39
N ILE A 26 9.45 2.50 6.96
CA ILE A 26 10.16 3.50 6.18
C ILE A 26 11.66 3.45 6.46
N SER A 27 12.45 3.23 5.41
CA SER A 27 13.90 3.15 5.54
C SER A 27 14.57 4.20 4.66
N THR A 28 15.90 4.20 4.66
CA THR A 28 16.67 5.15 3.88
C THR A 28 17.15 4.53 2.57
N ALA A 29 16.43 4.82 1.49
CA ALA A 29 16.78 4.29 0.17
C ALA A 29 17.52 5.34 -0.66
N SER A 30 17.06 6.58 -0.58
CA SER A 30 17.67 7.67 -1.33
C SER A 30 17.25 9.02 -0.78
N GLU A 31 17.73 10.09 -1.40
CA GLU A 31 17.40 11.44 -0.97
C GLU A 31 16.07 11.91 -1.58
N THR A 32 15.62 11.19 -2.59
CA THR A 32 14.37 11.52 -3.26
C THR A 32 13.35 10.40 -3.13
N SER A 33 13.80 9.27 -2.57
CA SER A 33 12.93 8.11 -2.38
C SER A 33 13.25 7.40 -1.08
N VAL A 34 12.41 6.42 -0.72
CA VAL A 34 12.61 5.65 0.50
C VAL A 34 12.12 4.22 0.33
N TYR A 35 12.74 3.30 1.06
CA TYR A 35 12.36 1.89 1.00
C TYR A 35 11.19 1.60 1.93
N VAL A 36 10.09 1.13 1.36
CA VAL A 36 8.91 0.80 2.14
C VAL A 36 8.62 -0.69 2.11
N THR A 37 8.40 -1.28 3.29
CA THR A 37 8.11 -2.70 3.39
C THR A 37 6.85 -2.96 4.21
N TRP A 38 5.90 -3.66 3.62
CA TRP A 38 4.65 -3.97 4.30
C TRP A 38 4.43 -5.47 4.38
N ILE A 39 3.45 -5.89 5.19
CA ILE A 39 3.15 -7.30 5.36
C ILE A 39 1.65 -7.56 5.21
N PRO A 40 1.26 -8.19 4.09
CA PRO A 40 -0.14 -8.51 3.81
C PRO A 40 -0.68 -9.61 4.74
N ARG A 41 -1.94 -9.47 5.13
CA ARG A 41 -2.58 -10.44 6.01
C ARG A 41 -3.67 -11.21 5.28
N GLY A 42 -4.73 -10.52 4.90
CA GLY A 42 -5.83 -11.15 4.19
C GLY A 42 -5.90 -10.73 2.74
N ASN A 43 -6.29 -11.67 1.88
CA ASN A 43 -6.40 -11.39 0.45
C ASN A 43 -7.84 -11.49 -0.03
N GLY A 44 -8.76 -11.60 0.93
CA GLY A 44 -10.17 -11.71 0.60
C GLY A 44 -10.55 -13.10 0.15
N GLY A 45 -9.58 -14.01 0.12
CA GLY A 45 -9.84 -15.37 -0.30
C GLY A 45 -9.21 -15.70 -1.64
N PHE A 46 -8.96 -14.67 -2.43
CA PHE A 46 -8.36 -14.86 -3.75
C PHE A 46 -6.92 -14.34 -3.78
N PRO A 47 -6.15 -14.78 -4.78
CA PRO A 47 -4.75 -14.37 -4.94
C PRO A 47 -4.62 -12.91 -5.35
N ILE A 48 -4.06 -12.10 -4.45
CA ILE A 48 -3.88 -10.67 -4.72
C ILE A 48 -3.27 -10.45 -6.09
N GLN A 49 -3.82 -9.49 -6.83
CA GLN A 49 -3.32 -9.18 -8.16
C GLN A 49 -2.14 -8.22 -8.10
N SER A 50 -2.30 -7.14 -7.35
CA SER A 50 -1.24 -6.14 -7.20
C SER A 50 -1.50 -5.25 -5.99
N PHE A 51 -0.46 -4.56 -5.54
CA PHE A 51 -0.58 -3.67 -4.40
C PHE A 51 -0.50 -2.20 -4.83
N ARG A 52 -0.82 -1.30 -3.91
CA ARG A 52 -0.79 0.13 -4.20
C ARG A 52 -0.32 0.93 -2.99
N VAL A 53 0.64 1.81 -3.20
CA VAL A 53 1.18 2.64 -2.11
C VAL A 53 0.74 4.09 -2.27
N GLU A 54 0.34 4.70 -1.16
CA GLU A 54 -0.10 6.09 -1.18
C GLU A 54 0.65 6.91 -0.13
N TYR A 55 0.72 8.22 -0.34
CA TYR A 55 1.42 9.12 0.58
C TYR A 55 0.65 10.42 0.74
N LYS A 56 0.73 11.01 1.93
CA LYS A 56 0.05 12.27 2.22
C LYS A 56 1.01 13.27 2.85
N LYS A 57 0.89 14.53 2.45
CA LYS A 57 1.74 15.59 2.98
C LYS A 57 1.20 16.12 4.30
N LEU A 58 2.06 16.19 5.31
CA LEU A 58 1.68 16.67 6.63
C LEU A 58 1.77 18.19 6.70
N LYS A 59 2.70 18.76 5.94
CA LYS A 59 2.90 20.20 5.91
C LYS A 59 2.07 20.84 4.80
N LYS A 60 0.89 20.28 4.55
CA LYS A 60 0.01 20.80 3.51
C LYS A 60 -1.40 20.22 3.67
N VAL A 61 -2.30 20.64 2.79
CA VAL A 61 -3.69 20.18 2.82
C VAL A 61 -3.92 19.08 1.80
N GLY A 62 -3.16 19.12 0.71
CA GLY A 62 -3.30 18.12 -0.34
C GLY A 62 -3.62 16.74 0.22
N ASP A 63 -4.73 16.17 -0.22
CA ASP A 63 -5.15 14.86 0.25
C ASP A 63 -4.09 13.80 -0.10
N TRP A 64 -4.41 12.55 0.18
CA TRP A 64 -3.49 11.45 -0.10
C TRP A 64 -3.21 11.34 -1.60
N ILE A 65 -2.04 10.82 -1.94
CA ILE A 65 -1.65 10.67 -3.35
C ILE A 65 -1.15 9.25 -3.62
N LEU A 66 -1.20 8.85 -4.89
CA LEU A 66 -0.75 7.52 -5.28
C LEU A 66 0.76 7.52 -5.54
N ALA A 67 1.50 6.83 -4.67
CA ALA A 67 2.94 6.74 -4.81
C ALA A 67 3.33 5.81 -5.95
N THR A 68 2.94 4.54 -5.84
CA THR A 68 3.25 3.55 -6.86
C THR A 68 2.18 2.45 -6.90
N SER A 69 2.14 1.73 -8.02
CA SER A 69 1.16 0.66 -8.18
C SER A 69 1.69 -0.41 -9.14
N ALA A 70 0.87 -1.43 -9.38
CA ALA A 70 1.26 -2.52 -10.27
C ALA A 70 2.34 -3.40 -9.65
N ILE A 71 2.39 -3.41 -8.33
CA ILE A 71 3.38 -4.21 -7.60
C ILE A 71 2.93 -5.66 -7.49
N PRO A 72 3.87 -6.58 -7.69
CA PRO A 72 3.60 -8.02 -7.61
C PRO A 72 3.32 -8.49 -6.19
N PRO A 73 2.60 -9.61 -6.06
CA PRO A 73 2.25 -10.18 -4.77
C PRO A 73 3.45 -10.76 -4.03
N SER A 74 4.56 -10.90 -4.76
CA SER A 74 5.78 -11.44 -4.18
C SER A 74 6.67 -10.33 -3.65
N ARG A 75 6.41 -9.10 -4.09
CA ARG A 75 7.19 -7.95 -3.67
C ARG A 75 6.50 -7.22 -2.51
N LEU A 76 6.93 -7.51 -1.30
CA LEU A 76 6.35 -6.90 -0.11
C LEU A 76 7.16 -5.67 0.30
N SER A 77 8.03 -5.22 -0.59
CA SER A 77 8.87 -4.05 -0.31
C SER A 77 9.28 -3.35 -1.61
N VAL A 78 9.10 -2.04 -1.65
CA VAL A 78 9.45 -1.26 -2.82
C VAL A 78 9.96 0.12 -2.44
N GLU A 79 10.68 0.77 -3.36
CA GLU A 79 11.23 2.09 -3.11
C GLU A 79 10.33 3.17 -3.68
N ILE A 80 9.77 4.00 -2.81
CA ILE A 80 8.88 5.08 -3.23
C ILE A 80 9.67 6.31 -3.65
N THR A 81 9.74 6.54 -4.96
CA THR A 81 10.46 7.68 -5.50
C THR A 81 9.51 8.80 -5.92
N GLY A 82 10.07 9.95 -6.25
CA GLY A 82 9.26 11.08 -6.66
C GLY A 82 8.71 11.86 -5.49
N LEU A 83 9.53 12.01 -4.45
CA LEU A 83 9.12 12.75 -3.25
C LEU A 83 9.79 14.12 -3.20
N GLU A 84 9.43 14.90 -2.19
CA GLU A 84 9.99 16.24 -2.03
C GLU A 84 10.72 16.36 -0.69
N LYS A 85 11.89 16.98 -0.72
CA LYS A 85 12.69 17.16 0.49
C LYS A 85 12.08 18.23 1.39
N GLY A 86 12.29 18.10 2.69
CA GLY A 86 11.75 19.06 3.63
C GLY A 86 10.25 18.96 3.77
N ILE A 87 9.67 17.90 3.20
CA ILE A 87 8.23 17.69 3.26
C ILE A 87 7.89 16.36 3.93
N SER A 88 7.46 16.43 5.18
CA SER A 88 7.10 15.23 5.94
C SER A 88 5.83 14.60 5.38
N TYR A 89 5.80 13.27 5.36
CA TYR A 89 4.63 12.55 4.86
C TYR A 89 4.67 11.09 5.30
N LYS A 90 3.52 10.42 5.20
CA LYS A 90 3.42 9.02 5.60
C LYS A 90 3.18 8.14 4.38
N PHE A 91 3.28 6.82 4.59
CA PHE A 91 3.07 5.86 3.50
C PHE A 91 2.09 4.78 3.93
N ARG A 92 1.41 4.19 2.94
CA ARG A 92 0.44 3.14 3.20
C ARG A 92 0.47 2.08 2.11
N VAL A 93 -0.39 1.08 2.23
CA VAL A 93 -0.46 0.00 1.26
C VAL A 93 -1.90 -0.49 1.07
N ARG A 94 -2.24 -0.86 -0.16
CA ARG A 94 -3.58 -1.34 -0.46
C ARG A 94 -3.52 -2.59 -1.33
N ALA A 95 -4.39 -3.55 -1.03
CA ALA A 95 -4.44 -4.80 -1.79
C ALA A 95 -5.58 -4.77 -2.81
N LEU A 96 -5.26 -5.16 -4.05
CA LEU A 96 -6.26 -5.19 -5.11
C LEU A 96 -6.31 -6.56 -5.77
N ASN A 97 -7.48 -7.19 -5.71
CA ASN A 97 -7.67 -8.51 -6.31
C ASN A 97 -8.82 -8.51 -7.30
N MET A 98 -9.16 -9.67 -7.81
CA MET A 98 -10.25 -9.80 -8.78
C MET A 98 -11.59 -9.52 -8.13
N LEU A 99 -11.57 -9.24 -6.83
CA LEU A 99 -12.79 -8.94 -6.09
C LEU A 99 -12.89 -7.46 -5.77
N GLY A 100 -11.75 -6.79 -5.70
CA GLY A 100 -11.73 -5.36 -5.40
C GLY A 100 -10.48 -4.94 -4.65
N GLU A 101 -10.52 -3.75 -4.09
CA GLU A 101 -9.39 -3.23 -3.33
C GLU A 101 -9.63 -3.33 -1.83
N SER A 102 -8.56 -3.34 -1.05
CA SER A 102 -8.66 -3.44 0.40
C SER A 102 -8.67 -2.06 1.05
N GLU A 103 -8.86 -2.02 2.36
CA GLU A 103 -8.89 -0.77 3.10
C GLU A 103 -7.49 -0.15 3.18
N PRO A 104 -7.44 1.15 3.46
CA PRO A 104 -6.17 1.89 3.57
C PRO A 104 -5.38 1.49 4.81
N SER A 105 -4.26 0.81 4.61
CA SER A 105 -3.42 0.36 5.71
C SER A 105 -3.06 1.54 6.61
N ALA A 106 -2.81 1.24 7.89
CA ALA A 106 -2.46 2.27 8.86
C ALA A 106 -1.37 3.18 8.31
N PRO A 107 -1.50 4.48 8.58
CA PRO A 107 -0.53 5.49 8.13
C PRO A 107 0.81 5.39 8.85
N SER A 108 1.77 4.77 8.18
CA SER A 108 3.11 4.59 8.76
C SER A 108 3.60 5.89 9.39
N ARG A 109 4.62 5.78 10.23
CA ARG A 109 5.19 6.95 10.90
C ARG A 109 5.64 8.00 9.88
N PRO A 110 5.63 9.27 10.31
CA PRO A 110 6.03 10.39 9.45
C PRO A 110 7.53 10.39 9.16
N TYR A 111 7.88 10.37 7.88
CA TYR A 111 9.28 10.36 7.48
C TYR A 111 9.65 11.66 6.77
N VAL A 112 10.57 12.41 7.36
CA VAL A 112 11.01 13.68 6.78
C VAL A 112 12.22 13.48 5.87
N VAL A 113 11.98 13.48 4.57
CA VAL A 113 13.04 13.29 3.60
C VAL A 113 13.98 14.50 3.58
N SER A 114 15.21 14.29 4.06
CA SER A 114 16.20 15.35 4.11
C SER A 114 17.28 15.14 3.05
N GLY A 115 17.97 16.22 2.69
CA GLY A 115 19.02 16.13 1.69
C GLY A 115 19.87 14.88 1.85
N SER A 116 20.61 14.81 2.95
CA SER A 116 21.47 13.67 3.21
C SER A 116 21.13 13.03 4.56
N GLY A 117 21.80 11.93 4.86
CA GLY A 117 21.55 11.24 6.11
C GLY A 117 22.27 9.90 6.20
N PRO A 118 21.79 9.02 7.09
CA PRO A 118 22.38 7.69 7.28
C PRO A 118 22.13 6.76 6.10
N SER A 119 23.05 6.79 5.13
CA SER A 119 22.92 5.95 3.94
C SER A 119 23.66 4.62 4.13
N SER A 120 23.45 3.71 3.20
CA SER A 120 24.08 2.39 3.26
C SER A 120 24.68 2.02 1.91
N GLY A 121 23.91 2.26 0.84
CA GLY A 121 24.38 1.94 -0.49
C GLY A 121 23.34 1.21 -1.31
N GLY A 1 -0.49 5.12 -30.72
CA GLY A 1 -1.89 4.81 -30.95
C GLY A 1 -2.08 3.42 -31.52
N SER A 2 -2.85 2.60 -30.80
CA SER A 2 -3.12 1.24 -31.23
C SER A 2 -4.36 0.68 -30.54
N SER A 3 -4.72 -0.55 -30.87
CA SER A 3 -5.89 -1.20 -30.29
C SER A 3 -5.62 -2.68 -30.03
N GLY A 4 -6.60 -3.35 -29.44
CA GLY A 4 -6.45 -4.77 -29.15
C GLY A 4 -7.78 -5.45 -28.89
N SER A 5 -7.73 -6.66 -28.35
CA SER A 5 -8.93 -7.42 -28.06
C SER A 5 -8.64 -8.57 -27.09
N SER A 6 -9.36 -8.60 -25.98
CA SER A 6 -9.17 -9.64 -24.97
C SER A 6 -10.50 -10.34 -24.66
N GLY A 7 -10.43 -11.37 -23.82
CA GLY A 7 -11.62 -12.11 -23.46
C GLY A 7 -12.03 -11.87 -22.01
N SER A 8 -12.37 -12.95 -21.31
CA SER A 8 -12.78 -12.86 -19.91
C SER A 8 -12.98 -14.25 -19.32
N GLN A 9 -13.31 -14.29 -18.03
CA GLN A 9 -13.53 -15.55 -17.34
C GLN A 9 -14.61 -15.40 -16.26
N PRO A 10 -15.41 -16.45 -16.08
CA PRO A 10 -16.50 -16.46 -15.08
C PRO A 10 -15.96 -16.50 -13.65
N ASP A 11 -16.87 -16.61 -12.69
CA ASP A 11 -16.49 -16.68 -11.28
C ASP A 11 -17.63 -17.22 -10.43
N HIS A 12 -17.28 -17.90 -9.35
CA HIS A 12 -18.28 -18.47 -8.45
C HIS A 12 -17.76 -18.50 -7.01
N GLY A 13 -18.68 -18.64 -6.06
CA GLY A 13 -18.30 -18.69 -4.66
C GLY A 13 -18.39 -17.33 -3.99
N ARG A 14 -19.12 -17.27 -2.89
CA ARG A 14 -19.30 -16.01 -2.15
C ARG A 14 -18.01 -15.63 -1.42
N LEU A 15 -17.10 -14.99 -2.14
CA LEU A 15 -15.83 -14.58 -1.56
C LEU A 15 -15.87 -13.09 -1.19
N SER A 16 -14.73 -12.58 -0.73
CA SER A 16 -14.63 -11.17 -0.34
C SER A 16 -13.28 -10.59 -0.74
N PRO A 17 -13.20 -9.26 -0.82
CA PRO A 17 -11.97 -8.55 -1.20
C PRO A 17 -10.91 -8.64 -0.11
N PRO A 18 -9.68 -8.21 -0.44
CA PRO A 18 -8.55 -8.23 0.49
C PRO A 18 -8.72 -7.20 1.61
N GLU A 19 -8.11 -7.50 2.75
CA GLU A 19 -8.18 -6.60 3.90
C GLU A 19 -6.98 -5.66 3.95
N ALA A 20 -7.01 -4.69 4.86
CA ALA A 20 -5.93 -3.74 5.01
C ALA A 20 -4.66 -4.42 5.51
N PRO A 21 -3.58 -4.30 4.72
CA PRO A 21 -2.29 -4.90 5.06
C PRO A 21 -1.62 -4.20 6.24
N ASP A 22 -0.66 -4.88 6.86
CA ASP A 22 0.07 -4.32 7.99
C ASP A 22 0.59 -2.93 7.68
N ARG A 23 1.17 -2.28 8.69
CA ARG A 23 1.71 -0.93 8.52
C ARG A 23 3.08 -0.98 7.86
N PRO A 24 3.22 -0.28 6.72
CA PRO A 24 4.48 -0.22 5.97
C PRO A 24 5.56 0.57 6.70
N THR A 25 6.80 0.10 6.58
CA THR A 25 7.92 0.77 7.23
C THR A 25 8.58 1.77 6.29
N ILE A 26 9.39 2.66 6.85
CA ILE A 26 10.10 3.67 6.07
C ILE A 26 11.59 3.65 6.37
N SER A 27 12.39 3.43 5.32
CA SER A 27 13.84 3.39 5.47
C SER A 27 14.50 4.39 4.54
N THR A 28 15.83 4.44 4.57
CA THR A 28 16.59 5.35 3.73
C THR A 28 17.08 4.66 2.46
N ALA A 29 16.35 4.87 1.37
CA ALA A 29 16.72 4.27 0.08
C ALA A 29 17.43 5.28 -0.80
N SER A 30 17.04 6.55 -0.70
CA SER A 30 17.64 7.60 -1.51
C SER A 30 17.30 8.98 -0.93
N GLU A 31 17.71 10.02 -1.65
CA GLU A 31 17.46 11.39 -1.21
C GLU A 31 16.06 11.84 -1.62
N THR A 32 15.49 11.16 -2.61
CA THR A 32 14.17 11.49 -3.11
C THR A 32 13.23 10.29 -3.01
N SER A 33 13.76 9.16 -2.52
CA SER A 33 12.97 7.95 -2.39
C SER A 33 13.29 7.24 -1.07
N VAL A 34 12.42 6.32 -0.68
CA VAL A 34 12.61 5.57 0.55
C VAL A 34 12.11 4.14 0.41
N TYR A 35 12.80 3.21 1.07
CA TYR A 35 12.44 1.79 1.01
C TYR A 35 11.25 1.51 1.92
N VAL A 36 10.14 1.09 1.32
CA VAL A 36 8.93 0.78 2.07
C VAL A 36 8.67 -0.72 2.08
N THR A 37 8.41 -1.26 3.28
CA THR A 37 8.15 -2.69 3.44
C THR A 37 6.87 -2.92 4.24
N TRP A 38 5.92 -3.63 3.63
CA TRP A 38 4.66 -3.92 4.30
C TRP A 38 4.44 -5.43 4.38
N ILE A 39 3.41 -5.83 5.13
CA ILE A 39 3.09 -7.24 5.29
C ILE A 39 1.58 -7.48 5.16
N PRO A 40 1.17 -8.06 4.02
CA PRO A 40 -0.24 -8.36 3.74
C PRO A 40 -0.77 -9.48 4.62
N ARG A 41 -1.92 -9.23 5.25
CA ARG A 41 -2.54 -10.22 6.12
C ARG A 41 -3.54 -11.07 5.35
N GLY A 42 -4.67 -10.45 4.98
CA GLY A 42 -5.69 -11.17 4.24
C GLY A 42 -5.76 -10.74 2.79
N ASN A 43 -6.19 -11.66 1.93
CA ASN A 43 -6.29 -11.38 0.50
C ASN A 43 -7.74 -11.51 0.03
N GLY A 44 -8.66 -11.61 0.98
CA GLY A 44 -10.07 -11.73 0.64
C GLY A 44 -10.44 -13.14 0.20
N GLY A 45 -9.44 -14.00 0.11
CA GLY A 45 -9.70 -15.38 -0.32
C GLY A 45 -9.07 -15.70 -1.66
N PHE A 46 -8.72 -14.66 -2.41
CA PHE A 46 -8.11 -14.84 -3.72
C PHE A 46 -6.68 -14.31 -3.73
N PRO A 47 -5.89 -14.73 -4.73
CA PRO A 47 -4.50 -14.32 -4.87
C PRO A 47 -4.36 -12.85 -5.27
N ILE A 48 -3.79 -12.06 -4.38
CA ILE A 48 -3.60 -10.63 -4.64
C ILE A 48 -3.05 -10.40 -6.04
N GLN A 49 -3.69 -9.49 -6.78
CA GLN A 49 -3.26 -9.17 -8.14
C GLN A 49 -2.16 -8.12 -8.12
N SER A 50 -2.35 -7.07 -7.33
CA SER A 50 -1.38 -5.99 -7.24
C SER A 50 -1.61 -5.16 -5.98
N PHE A 51 -0.60 -4.39 -5.59
CA PHE A 51 -0.69 -3.54 -4.41
C PHE A 51 -0.77 -2.07 -4.80
N ARG A 52 -1.01 -1.21 -3.80
CA ARG A 52 -1.11 0.22 -4.05
C ARG A 52 -0.55 1.01 -2.87
N VAL A 53 0.46 1.83 -3.14
CA VAL A 53 1.08 2.64 -2.11
C VAL A 53 0.67 4.11 -2.22
N GLU A 54 0.20 4.67 -1.11
CA GLU A 54 -0.23 6.06 -1.09
C GLU A 54 0.42 6.82 0.06
N TYR A 55 0.58 8.13 -0.11
CA TYR A 55 1.20 8.96 0.90
C TYR A 55 0.38 10.23 1.14
N LYS A 56 0.78 11.01 2.14
CA LYS A 56 0.09 12.25 2.47
C LYS A 56 1.07 13.27 3.04
N LYS A 57 0.92 14.52 2.61
CA LYS A 57 1.78 15.60 3.08
C LYS A 57 1.27 16.16 4.40
N LEU A 58 2.14 16.20 5.40
CA LEU A 58 1.78 16.72 6.71
C LEU A 58 2.00 18.23 6.79
N LYS A 59 3.26 18.64 6.80
CA LYS A 59 3.61 20.05 6.86
C LYS A 59 2.59 20.89 6.09
N LYS A 60 2.14 20.37 4.95
CA LYS A 60 1.17 21.07 4.12
C LYS A 60 -0.15 20.30 4.06
N VAL A 61 -1.26 20.99 4.28
CA VAL A 61 -2.57 20.37 4.24
C VAL A 61 -2.88 19.83 2.85
N GLY A 62 -3.10 18.52 2.76
CA GLY A 62 -3.41 17.90 1.49
C GLY A 62 -3.92 16.48 1.63
N ASP A 63 -4.61 16.00 0.62
CA ASP A 63 -5.16 14.64 0.64
C ASP A 63 -4.08 13.61 0.32
N TRP A 64 -4.48 12.35 0.21
CA TRP A 64 -3.55 11.27 -0.08
C TRP A 64 -3.25 11.22 -1.58
N ILE A 65 -1.99 10.91 -1.91
CA ILE A 65 -1.58 10.83 -3.31
C ILE A 65 -1.04 9.45 -3.64
N LEU A 66 -1.04 9.11 -4.93
CA LEU A 66 -0.55 7.81 -5.37
C LEU A 66 0.93 7.89 -5.76
N ALA A 67 1.74 7.06 -5.10
CA ALA A 67 3.18 7.03 -5.38
C ALA A 67 3.51 6.02 -6.47
N THR A 68 3.35 4.74 -6.13
CA THR A 68 3.63 3.67 -7.08
C THR A 68 2.44 2.73 -7.22
N SER A 69 2.57 1.73 -8.10
CA SER A 69 1.51 0.76 -8.32
C SER A 69 1.98 -0.35 -9.24
N ALA A 70 1.10 -1.32 -9.49
CA ALA A 70 1.42 -2.45 -10.36
C ALA A 70 2.47 -3.35 -9.71
N ILE A 71 2.46 -3.40 -8.39
CA ILE A 71 3.40 -4.23 -7.65
C ILE A 71 2.92 -5.67 -7.54
N PRO A 72 3.84 -6.63 -7.74
CA PRO A 72 3.53 -8.05 -7.66
C PRO A 72 3.22 -8.51 -6.24
N PRO A 73 2.52 -9.64 -6.12
CA PRO A 73 2.14 -10.21 -4.82
C PRO A 73 3.34 -10.75 -4.05
N SER A 74 4.44 -10.97 -4.76
CA SER A 74 5.66 -11.49 -4.14
C SER A 74 6.51 -10.35 -3.59
N ARG A 75 6.31 -9.15 -4.12
CA ARG A 75 7.05 -7.98 -3.67
C ARG A 75 6.32 -7.27 -2.53
N LEU A 76 6.78 -7.51 -1.31
CA LEU A 76 6.17 -6.90 -0.13
C LEU A 76 6.93 -5.63 0.27
N SER A 77 7.85 -5.20 -0.58
CA SER A 77 8.63 -4.01 -0.31
C SER A 77 9.11 -3.35 -1.61
N VAL A 78 9.00 -2.03 -1.68
CA VAL A 78 9.42 -1.29 -2.86
C VAL A 78 9.96 0.09 -2.49
N GLU A 79 10.67 0.71 -3.42
CA GLU A 79 11.25 2.02 -3.18
C GLU A 79 10.39 3.12 -3.83
N ILE A 80 9.77 3.93 -2.98
CA ILE A 80 8.91 5.01 -3.46
C ILE A 80 9.74 6.23 -3.87
N THR A 81 9.92 6.41 -5.17
CA THR A 81 10.70 7.54 -5.68
C THR A 81 9.78 8.68 -6.09
N GLY A 82 10.38 9.86 -6.29
CA GLY A 82 9.60 11.03 -6.69
C GLY A 82 9.03 11.77 -5.50
N LEU A 83 9.80 11.84 -4.41
CA LEU A 83 9.36 12.53 -3.20
C LEU A 83 9.93 13.95 -3.15
N GLU A 84 9.59 14.67 -2.09
CA GLU A 84 10.07 16.03 -1.91
C GLU A 84 10.75 16.21 -0.56
N LYS A 85 11.99 16.70 -0.59
CA LYS A 85 12.75 16.90 0.64
C LYS A 85 12.10 17.99 1.50
N GLY A 86 12.48 18.04 2.77
CA GLY A 86 11.94 19.03 3.68
C GLY A 86 10.42 18.96 3.75
N ILE A 87 9.85 17.84 3.32
CA ILE A 87 8.41 17.67 3.34
C ILE A 87 8.03 16.34 4.00
N SER A 88 7.53 16.43 5.23
CA SER A 88 7.13 15.24 5.97
C SER A 88 5.85 14.65 5.40
N TYR A 89 5.79 13.31 5.38
CA TYR A 89 4.62 12.62 4.84
C TYR A 89 4.60 11.17 5.30
N LYS A 90 3.44 10.52 5.16
CA LYS A 90 3.29 9.13 5.56
C LYS A 90 3.11 8.23 4.33
N PHE A 91 2.87 6.95 4.57
CA PHE A 91 2.68 5.99 3.50
C PHE A 91 1.69 4.91 3.90
N ARG A 92 1.15 4.21 2.91
CA ARG A 92 0.17 3.15 3.16
C ARG A 92 0.22 2.09 2.06
N VAL A 93 -0.52 1.01 2.24
CA VAL A 93 -0.57 -0.06 1.27
C VAL A 93 -1.98 -0.61 1.11
N ARG A 94 -2.39 -0.84 -0.14
CA ARG A 94 -3.71 -1.36 -0.42
C ARG A 94 -3.64 -2.61 -1.31
N ALA A 95 -4.45 -3.61 -0.98
CA ALA A 95 -4.47 -4.85 -1.74
C ALA A 95 -5.61 -4.85 -2.76
N LEU A 96 -5.28 -5.10 -4.02
CA LEU A 96 -6.27 -5.13 -5.09
C LEU A 96 -6.29 -6.50 -5.77
N ASN A 97 -7.44 -7.17 -5.69
CA ASN A 97 -7.60 -8.48 -6.31
C ASN A 97 -8.76 -8.48 -7.30
N MET A 98 -9.08 -9.67 -7.82
CA MET A 98 -10.18 -9.80 -8.77
C MET A 98 -11.52 -9.55 -8.09
N LEU A 99 -11.48 -9.28 -6.79
CA LEU A 99 -12.69 -9.02 -6.02
C LEU A 99 -12.83 -7.55 -5.70
N GLY A 100 -11.69 -6.86 -5.65
CA GLY A 100 -11.71 -5.44 -5.35
C GLY A 100 -10.46 -4.99 -4.59
N GLU A 101 -10.51 -3.79 -4.02
CA GLU A 101 -9.38 -3.25 -3.28
C GLU A 101 -9.62 -3.36 -1.77
N SER A 102 -8.54 -3.37 -1.01
CA SER A 102 -8.63 -3.48 0.44
C SER A 102 -8.63 -2.10 1.08
N GLU A 103 -8.82 -2.07 2.40
CA GLU A 103 -8.84 -0.82 3.14
C GLU A 103 -7.46 -0.18 3.19
N PRO A 104 -7.41 1.14 3.42
CA PRO A 104 -6.16 1.90 3.50
C PRO A 104 -5.35 1.56 4.75
N SER A 105 -4.31 0.75 4.58
CA SER A 105 -3.47 0.35 5.69
C SER A 105 -3.14 1.54 6.59
N ALA A 106 -2.87 1.26 7.86
CA ALA A 106 -2.55 2.31 8.82
C ALA A 106 -1.46 3.23 8.29
N PRO A 107 -1.59 4.53 8.56
CA PRO A 107 -0.63 5.54 8.12
C PRO A 107 0.71 5.43 8.85
N SER A 108 1.67 4.77 8.20
CA SER A 108 2.99 4.59 8.79
C SER A 108 3.51 5.89 9.39
N ARG A 109 4.35 5.77 10.42
CA ARG A 109 4.91 6.94 11.08
C ARG A 109 5.41 7.96 10.06
N PRO A 110 5.48 9.23 10.48
CA PRO A 110 5.94 10.32 9.62
C PRO A 110 7.43 10.23 9.31
N TYR A 111 7.77 10.36 8.03
CA TYR A 111 9.16 10.29 7.61
C TYR A 111 9.58 11.58 6.90
N VAL A 112 10.49 12.33 7.53
CA VAL A 112 10.98 13.57 6.96
C VAL A 112 12.21 13.34 6.09
N VAL A 113 12.02 13.35 4.78
CA VAL A 113 13.13 13.14 3.85
C VAL A 113 14.08 14.33 3.86
N SER A 114 15.24 14.13 4.48
CA SER A 114 16.25 15.18 4.57
C SER A 114 17.40 14.92 3.60
N GLY A 115 17.06 14.51 2.38
CA GLY A 115 18.07 14.22 1.38
C GLY A 115 19.15 13.29 1.89
N SER A 116 18.78 12.04 2.13
CA SER A 116 19.73 11.05 2.63
C SER A 116 19.65 9.76 1.81
N GLY A 117 20.77 9.41 1.17
CA GLY A 117 20.81 8.20 0.36
C GLY A 117 22.23 7.75 0.08
N PRO A 118 22.40 6.96 -1.00
CA PRO A 118 23.71 6.44 -1.39
C PRO A 118 24.63 7.53 -1.93
N SER A 119 25.90 7.19 -2.12
CA SER A 119 26.88 8.14 -2.62
C SER A 119 27.11 7.93 -4.13
N SER A 120 27.24 6.68 -4.54
CA SER A 120 27.46 6.36 -5.94
C SER A 120 26.59 5.18 -6.36
N GLY A 121 25.61 5.45 -7.21
CA GLY A 121 24.72 4.40 -7.68
C GLY A 121 23.28 4.63 -7.26
N GLY A 1 -33.98 -14.00 -18.76
CA GLY A 1 -33.49 -13.69 -17.43
C GLY A 1 -33.18 -14.93 -16.61
N SER A 2 -32.87 -14.73 -15.34
CA SER A 2 -32.55 -15.85 -14.45
C SER A 2 -32.53 -15.38 -13.00
N SER A 3 -32.47 -16.35 -12.09
CA SER A 3 -32.43 -16.05 -10.66
C SER A 3 -31.54 -17.04 -9.91
N GLY A 4 -31.02 -16.61 -8.77
CA GLY A 4 -30.16 -17.46 -7.97
C GLY A 4 -30.75 -17.79 -6.62
N SER A 5 -30.51 -19.01 -6.14
CA SER A 5 -31.02 -19.44 -4.85
C SER A 5 -30.29 -18.74 -3.70
N SER A 6 -30.77 -18.95 -2.49
CA SER A 6 -30.17 -18.34 -1.31
C SER A 6 -28.74 -18.81 -1.13
N GLY A 7 -27.93 -18.01 -0.43
CA GLY A 7 -26.54 -18.37 -0.19
C GLY A 7 -25.93 -17.57 0.93
N SER A 8 -25.34 -16.43 0.60
CA SER A 8 -24.70 -15.57 1.59
C SER A 8 -23.71 -16.37 2.44
N GLN A 9 -23.15 -17.41 1.85
CA GLN A 9 -22.18 -18.26 2.55
C GLN A 9 -20.77 -18.01 2.02
N PRO A 10 -19.79 -18.02 2.95
CA PRO A 10 -18.38 -17.80 2.61
C PRO A 10 -17.79 -18.97 1.82
N ASP A 11 -18.02 -18.96 0.52
CA ASP A 11 -17.50 -20.02 -0.35
C ASP A 11 -16.83 -19.43 -1.59
N HIS A 12 -16.11 -20.27 -2.33
CA HIS A 12 -15.42 -19.83 -3.53
C HIS A 12 -16.27 -18.82 -4.31
N GLY A 13 -17.53 -19.18 -4.56
CA GLY A 13 -18.42 -18.29 -5.28
C GLY A 13 -18.49 -16.91 -4.67
N ARG A 14 -19.29 -16.77 -3.62
CA ARG A 14 -19.44 -15.48 -2.95
C ARG A 14 -18.25 -15.20 -2.04
N LEU A 15 -17.25 -14.54 -2.59
CA LEU A 15 -16.04 -14.20 -1.84
C LEU A 15 -16.03 -12.72 -1.46
N SER A 16 -14.93 -12.28 -0.87
CA SER A 16 -14.79 -10.89 -0.46
C SER A 16 -13.41 -10.35 -0.86
N PRO A 17 -13.30 -9.01 -0.94
CA PRO A 17 -12.05 -8.34 -1.30
C PRO A 17 -11.00 -8.46 -0.21
N PRO A 18 -9.76 -8.05 -0.53
CA PRO A 18 -8.63 -8.10 0.40
C PRO A 18 -8.76 -7.09 1.53
N GLU A 19 -8.14 -7.40 2.66
CA GLU A 19 -8.19 -6.50 3.82
C GLU A 19 -6.97 -5.58 3.86
N ALA A 20 -6.97 -4.65 4.81
CA ALA A 20 -5.88 -3.72 4.95
C ALA A 20 -4.61 -4.42 5.46
N PRO A 21 -3.53 -4.31 4.68
CA PRO A 21 -2.25 -4.93 5.03
C PRO A 21 -1.58 -4.25 6.21
N ASP A 22 -0.64 -4.95 6.84
CA ASP A 22 0.08 -4.41 7.99
C ASP A 22 0.61 -3.02 7.69
N ARG A 23 1.18 -2.38 8.71
CA ARG A 23 1.73 -1.04 8.55
C ARG A 23 3.11 -1.09 7.91
N PRO A 24 3.26 -0.37 6.78
CA PRO A 24 4.53 -0.32 6.05
C PRO A 24 5.60 0.46 6.80
N THR A 25 6.84 0.00 6.67
CA THR A 25 7.97 0.66 7.34
C THR A 25 8.64 1.67 6.42
N ILE A 26 9.49 2.51 7.00
CA ILE A 26 10.20 3.53 6.23
C ILE A 26 11.70 3.45 6.47
N SER A 27 12.46 3.33 5.37
CA SER A 27 13.90 3.23 5.46
C SER A 27 14.58 4.30 4.60
N THR A 28 15.91 4.32 4.61
CA THR A 28 16.66 5.29 3.83
C THR A 28 17.14 4.68 2.52
N ALA A 29 16.41 4.96 1.43
CA ALA A 29 16.76 4.43 0.12
C ALA A 29 17.42 5.51 -0.73
N SER A 30 16.91 6.73 -0.65
CA SER A 30 17.45 7.85 -1.42
C SER A 30 16.93 9.18 -0.87
N GLU A 31 17.52 10.27 -1.34
CA GLU A 31 17.13 11.61 -0.90
C GLU A 31 15.80 12.01 -1.53
N THR A 32 15.38 11.26 -2.55
CA THR A 32 14.13 11.54 -3.24
C THR A 32 13.16 10.38 -3.10
N SER A 33 13.61 9.29 -2.47
CA SER A 33 12.78 8.11 -2.28
C SER A 33 13.11 7.43 -0.96
N VAL A 34 12.38 6.36 -0.65
CA VAL A 34 12.59 5.62 0.59
C VAL A 34 12.13 4.17 0.44
N TYR A 35 12.78 3.27 1.16
CA TYR A 35 12.45 1.85 1.12
C TYR A 35 11.27 1.54 2.04
N VAL A 36 10.17 1.08 1.45
CA VAL A 36 8.98 0.73 2.21
C VAL A 36 8.70 -0.76 2.18
N THR A 37 8.48 -1.34 3.35
CA THR A 37 8.21 -2.77 3.46
C THR A 37 6.94 -3.03 4.27
N TRP A 38 5.97 -3.68 3.65
CA TRP A 38 4.70 -4.00 4.32
C TRP A 38 4.49 -5.51 4.38
N ILE A 39 3.47 -5.91 5.13
CA ILE A 39 3.15 -7.33 5.28
C ILE A 39 1.65 -7.57 5.13
N PRO A 40 1.25 -8.19 4.00
CA PRO A 40 -0.14 -8.50 3.72
C PRO A 40 -0.70 -9.59 4.63
N ARG A 41 -1.94 -9.43 5.06
CA ARG A 41 -2.58 -10.40 5.94
C ARG A 41 -3.67 -11.16 5.19
N GLY A 42 -4.76 -10.45 4.87
CA GLY A 42 -5.86 -11.07 4.16
C GLY A 42 -5.92 -10.67 2.70
N ASN A 43 -6.38 -11.59 1.86
CA ASN A 43 -6.47 -11.32 0.42
C ASN A 43 -7.93 -11.39 -0.04
N GLY A 44 -8.85 -11.56 0.91
CA GLY A 44 -10.26 -11.65 0.57
C GLY A 44 -10.66 -13.03 0.11
N GLY A 45 -9.72 -13.97 0.17
CA GLY A 45 -10.01 -15.33 -0.25
C GLY A 45 -9.39 -15.66 -1.59
N PHE A 46 -9.01 -14.63 -2.33
CA PHE A 46 -8.41 -14.83 -3.65
C PHE A 46 -6.95 -14.34 -3.66
N PRO A 47 -6.19 -14.78 -4.67
CA PRO A 47 -4.78 -14.41 -4.81
C PRO A 47 -4.61 -12.95 -5.21
N ILE A 48 -3.94 -12.18 -4.34
CA ILE A 48 -3.71 -10.76 -4.60
C ILE A 48 -3.15 -10.54 -5.99
N GLN A 49 -3.73 -9.59 -6.72
CA GLN A 49 -3.30 -9.29 -8.07
C GLN A 49 -2.14 -8.29 -8.05
N SER A 50 -2.33 -7.21 -7.30
CA SER A 50 -1.30 -6.17 -7.21
C SER A 50 -1.53 -5.29 -5.98
N PHE A 51 -0.50 -4.58 -5.56
CA PHE A 51 -0.58 -3.70 -4.40
C PHE A 51 -0.52 -2.23 -4.82
N ARG A 52 -0.77 -1.34 -3.88
CA ARG A 52 -0.76 0.08 -4.15
C ARG A 52 -0.26 0.87 -2.93
N VAL A 53 0.65 1.81 -3.17
CA VAL A 53 1.21 2.62 -2.10
C VAL A 53 0.78 4.08 -2.23
N GLU A 54 0.37 4.67 -1.11
CA GLU A 54 -0.07 6.06 -1.10
C GLU A 54 0.51 6.80 0.11
N TYR A 55 0.80 8.09 -0.09
CA TYR A 55 1.36 8.91 0.97
C TYR A 55 0.51 10.15 1.22
N LYS A 56 0.92 10.97 2.17
CA LYS A 56 0.20 12.19 2.51
C LYS A 56 1.15 13.27 3.01
N LYS A 57 0.95 14.50 2.53
CA LYS A 57 1.79 15.62 2.95
C LYS A 57 1.29 16.22 4.26
N LEU A 58 2.14 16.20 5.27
CA LEU A 58 1.79 16.75 6.58
C LEU A 58 2.16 18.23 6.68
N LYS A 59 3.47 18.50 6.68
CA LYS A 59 3.96 19.87 6.76
C LYS A 59 3.10 20.81 5.92
N LYS A 60 2.56 20.28 4.82
CA LYS A 60 1.72 21.06 3.93
C LYS A 60 0.33 20.46 3.81
N VAL A 61 -0.69 21.30 3.79
CA VAL A 61 -2.07 20.85 3.68
C VAL A 61 -2.30 20.14 2.35
N GLY A 62 -2.89 18.95 2.41
CA GLY A 62 -3.16 18.19 1.21
C GLY A 62 -3.71 16.80 1.51
N ASP A 63 -4.33 16.18 0.51
CA ASP A 63 -4.91 14.86 0.67
C ASP A 63 -3.90 13.77 0.32
N TRP A 64 -4.31 12.53 0.42
CA TRP A 64 -3.43 11.40 0.11
C TRP A 64 -3.14 11.33 -1.38
N ILE A 65 -1.87 11.09 -1.72
CA ILE A 65 -1.46 11.00 -3.11
C ILE A 65 -0.98 9.59 -3.46
N LEU A 66 -0.97 9.28 -4.75
CA LEU A 66 -0.54 7.96 -5.20
C LEU A 66 0.93 7.98 -5.57
N ALA A 67 1.70 7.07 -4.97
CA ALA A 67 3.13 6.98 -5.24
C ALA A 67 3.42 5.95 -6.33
N THR A 68 3.22 4.67 -5.99
CA THR A 68 3.46 3.59 -6.95
C THR A 68 2.28 2.62 -6.98
N SER A 69 2.34 1.68 -7.91
CA SER A 69 1.28 0.69 -8.06
C SER A 69 1.69 -0.43 -9.01
N ALA A 70 0.82 -1.42 -9.17
CA ALA A 70 1.10 -2.54 -10.05
C ALA A 70 2.21 -3.43 -9.49
N ILE A 71 2.33 -3.44 -8.17
CA ILE A 71 3.34 -4.25 -7.50
C ILE A 71 2.91 -5.71 -7.40
N PRO A 72 3.87 -6.62 -7.67
CA PRO A 72 3.62 -8.07 -7.61
C PRO A 72 3.39 -8.56 -6.18
N PRO A 73 2.71 -9.71 -6.05
CA PRO A 73 2.43 -10.33 -4.75
C PRO A 73 3.67 -10.86 -4.07
N SER A 74 4.71 -11.13 -4.86
CA SER A 74 5.96 -11.65 -4.33
C SER A 74 6.83 -10.51 -3.77
N ARG A 75 6.48 -9.28 -4.12
CA ARG A 75 7.22 -8.12 -3.66
C ARG A 75 6.48 -7.42 -2.51
N LEU A 76 7.02 -7.56 -1.31
CA LEU A 76 6.42 -6.94 -0.13
C LEU A 76 7.19 -5.71 0.30
N SER A 77 8.11 -5.25 -0.56
CA SER A 77 8.92 -4.09 -0.27
C SER A 77 9.36 -3.40 -1.55
N VAL A 78 9.20 -2.08 -1.61
CA VAL A 78 9.58 -1.30 -2.78
C VAL A 78 10.09 0.07 -2.38
N GLU A 79 10.75 0.75 -3.32
CA GLU A 79 11.29 2.08 -3.07
C GLU A 79 10.40 3.16 -3.69
N ILE A 80 9.71 3.91 -2.83
CA ILE A 80 8.82 4.97 -3.29
C ILE A 80 9.61 6.22 -3.66
N THR A 81 9.78 6.44 -4.97
CA THR A 81 10.52 7.59 -5.46
C THR A 81 9.56 8.68 -5.97
N GLY A 82 10.10 9.86 -6.21
CA GLY A 82 9.28 10.97 -6.69
C GLY A 82 8.66 11.76 -5.58
N LEU A 83 9.41 11.94 -4.49
CA LEU A 83 8.92 12.70 -3.33
C LEU A 83 9.55 14.08 -3.29
N GLU A 84 9.20 14.86 -2.27
CA GLU A 84 9.74 16.20 -2.11
C GLU A 84 10.52 16.33 -0.80
N LYS A 85 11.76 16.79 -0.91
CA LYS A 85 12.61 16.97 0.26
C LYS A 85 12.08 18.06 1.18
N GLY A 86 12.41 17.97 2.46
CA GLY A 86 11.96 18.97 3.41
C GLY A 86 10.45 18.92 3.63
N ILE A 87 9.82 17.86 3.14
CA ILE A 87 8.38 17.70 3.29
C ILE A 87 8.04 16.38 3.97
N SER A 88 7.50 16.45 5.17
CA SER A 88 7.13 15.25 5.93
C SER A 88 5.86 14.63 5.35
N TYR A 89 5.82 13.30 5.33
CA TYR A 89 4.67 12.58 4.81
C TYR A 89 4.68 11.14 5.28
N LYS A 90 3.53 10.48 5.18
CA LYS A 90 3.39 9.09 5.60
C LYS A 90 3.27 8.17 4.39
N PHE A 91 3.06 6.88 4.66
CA PHE A 91 2.92 5.90 3.58
C PHE A 91 1.93 4.81 3.98
N ARG A 92 1.28 4.22 2.97
CA ARG A 92 0.30 3.17 3.20
C ARG A 92 0.35 2.12 2.10
N VAL A 93 -0.45 1.08 2.25
CA VAL A 93 -0.49 -0.01 1.26
C VAL A 93 -1.91 -0.53 1.08
N ARG A 94 -2.28 -0.81 -0.17
CA ARG A 94 -3.61 -1.32 -0.46
C ARG A 94 -3.54 -2.56 -1.34
N ALA A 95 -4.39 -3.53 -1.06
CA ALA A 95 -4.41 -4.78 -1.81
C ALA A 95 -5.56 -4.79 -2.82
N LEU A 96 -5.24 -5.10 -4.07
CA LEU A 96 -6.24 -5.14 -5.13
C LEU A 96 -6.28 -6.52 -5.79
N ASN A 97 -7.44 -7.16 -5.72
CA ASN A 97 -7.61 -8.49 -6.31
C ASN A 97 -8.77 -8.49 -7.32
N MET A 98 -9.10 -9.67 -7.82
CA MET A 98 -10.19 -9.81 -8.78
C MET A 98 -11.54 -9.52 -8.12
N LEU A 99 -11.51 -9.19 -6.84
CA LEU A 99 -12.73 -8.88 -6.10
C LEU A 99 -12.82 -7.39 -5.79
N GLY A 100 -11.67 -6.74 -5.72
CA GLY A 100 -11.65 -5.32 -5.43
C GLY A 100 -10.41 -4.90 -4.67
N GLU A 101 -10.42 -3.67 -4.14
CA GLU A 101 -9.29 -3.15 -3.38
C GLU A 101 -9.52 -3.30 -1.89
N SER A 102 -8.43 -3.29 -1.12
CA SER A 102 -8.52 -3.43 0.32
C SER A 102 -8.56 -2.06 1.00
N GLU A 103 -8.73 -2.06 2.31
CA GLU A 103 -8.78 -0.82 3.08
C GLU A 103 -7.40 -0.16 3.16
N PRO A 104 -7.39 1.14 3.42
CA PRO A 104 -6.14 1.91 3.53
C PRO A 104 -5.35 1.55 4.78
N SER A 105 -4.30 0.77 4.61
CA SER A 105 -3.46 0.35 5.73
C SER A 105 -3.12 1.54 6.63
N ALA A 106 -2.84 1.25 7.90
CA ALA A 106 -2.49 2.29 8.85
C ALA A 106 -1.46 3.25 8.28
N PRO A 107 -1.59 4.54 8.61
CA PRO A 107 -0.68 5.59 8.13
C PRO A 107 0.72 5.47 8.76
N SER A 108 1.60 4.76 8.07
CA SER A 108 2.96 4.57 8.55
C SER A 108 3.51 5.86 9.17
N ARG A 109 4.34 5.70 10.19
CA ARG A 109 4.93 6.86 10.87
C ARG A 109 5.42 7.89 9.86
N PRO A 110 5.41 9.17 10.28
CA PRO A 110 5.84 10.27 9.42
C PRO A 110 7.35 10.27 9.20
N TYR A 111 7.76 10.26 7.93
CA TYR A 111 9.17 10.25 7.57
C TYR A 111 9.56 11.53 6.84
N VAL A 112 10.51 12.27 7.41
CA VAL A 112 10.96 13.51 6.81
C VAL A 112 12.19 13.28 5.93
N VAL A 113 11.99 13.35 4.62
CA VAL A 113 13.08 13.14 3.66
C VAL A 113 14.03 14.33 3.66
N SER A 114 15.18 14.16 4.31
CA SER A 114 16.18 15.22 4.38
C SER A 114 17.17 15.10 3.24
N GLY A 115 17.88 13.97 3.18
CA GLY A 115 18.86 13.76 2.13
C GLY A 115 19.31 12.31 2.06
N SER A 116 20.34 12.07 1.26
CA SER A 116 20.88 10.72 1.10
C SER A 116 21.66 10.29 2.32
N GLY A 117 21.10 9.36 3.09
CA GLY A 117 21.77 8.88 4.28
C GLY A 117 23.12 8.25 3.99
N PRO A 118 23.69 7.57 5.00
CA PRO A 118 25.00 6.92 4.86
C PRO A 118 24.94 5.70 3.94
N SER A 119 23.76 5.45 3.38
CA SER A 119 23.58 4.32 2.47
C SER A 119 23.54 3.00 3.26
N SER A 120 22.69 2.96 4.28
CA SER A 120 22.55 1.77 5.11
C SER A 120 21.10 1.31 5.18
N GLY A 121 20.87 0.04 4.90
CA GLY A 121 19.52 -0.50 4.95
C GLY A 121 18.95 -0.75 3.55
N GLY A 1 -49.35 -22.47 -14.38
CA GLY A 1 -48.98 -23.34 -13.27
C GLY A 1 -47.81 -22.80 -12.48
N SER A 2 -47.36 -23.55 -11.49
CA SER A 2 -46.24 -23.14 -10.64
C SER A 2 -45.67 -24.33 -9.87
N SER A 3 -44.36 -24.33 -9.68
CA SER A 3 -43.69 -25.41 -8.96
C SER A 3 -42.37 -24.92 -8.36
N GLY A 4 -41.71 -25.81 -7.63
CA GLY A 4 -40.44 -25.46 -7.00
C GLY A 4 -40.03 -26.44 -5.93
N SER A 5 -39.55 -25.92 -4.80
CA SER A 5 -39.12 -26.76 -3.70
C SER A 5 -37.95 -27.63 -4.11
N SER A 6 -36.97 -27.03 -4.78
CA SER A 6 -35.79 -27.76 -5.25
C SER A 6 -34.53 -27.21 -4.59
N GLY A 7 -33.54 -28.09 -4.41
CA GLY A 7 -32.29 -27.67 -3.80
C GLY A 7 -31.08 -28.09 -4.61
N SER A 8 -29.93 -27.49 -4.30
CA SER A 8 -28.69 -27.80 -5.01
C SER A 8 -27.53 -27.91 -4.04
N GLN A 9 -26.43 -28.52 -4.50
CA GLN A 9 -25.25 -28.70 -3.68
C GLN A 9 -24.58 -27.36 -3.40
N PRO A 10 -24.09 -27.18 -2.17
CA PRO A 10 -23.41 -25.95 -1.75
C PRO A 10 -22.05 -25.78 -2.42
N ASP A 11 -21.99 -24.92 -3.42
CA ASP A 11 -20.74 -24.66 -4.15
C ASP A 11 -20.19 -23.27 -3.82
N HIS A 12 -19.23 -23.22 -2.90
CA HIS A 12 -18.64 -21.96 -2.50
C HIS A 12 -18.52 -21.01 -3.68
N GLY A 13 -18.52 -19.71 -3.40
CA GLY A 13 -18.43 -18.72 -4.46
C GLY A 13 -18.40 -17.30 -3.91
N ARG A 14 -19.40 -16.94 -3.14
CA ARG A 14 -19.49 -15.61 -2.56
C ARG A 14 -18.24 -15.29 -1.73
N LEU A 15 -17.29 -14.61 -2.35
CA LEU A 15 -16.04 -14.25 -1.68
C LEU A 15 -16.04 -12.77 -1.31
N SER A 16 -14.92 -12.30 -0.78
CA SER A 16 -14.77 -10.91 -0.39
C SER A 16 -13.42 -10.35 -0.79
N PRO A 17 -13.32 -9.02 -0.87
CA PRO A 17 -12.08 -8.34 -1.25
C PRO A 17 -11.00 -8.46 -0.17
N PRO A 18 -9.77 -8.04 -0.52
CA PRO A 18 -8.63 -8.08 0.41
C PRO A 18 -8.76 -7.07 1.54
N GLU A 19 -8.09 -7.35 2.65
CA GLU A 19 -8.14 -6.47 3.81
C GLU A 19 -6.90 -5.57 3.87
N ALA A 20 -6.93 -4.57 4.73
CA ALA A 20 -5.81 -3.65 4.88
C ALA A 20 -4.57 -4.38 5.42
N PRO A 21 -3.47 -4.29 4.65
CA PRO A 21 -2.21 -4.93 5.03
C PRO A 21 -1.55 -4.26 6.23
N ASP A 22 -0.57 -4.94 6.83
CA ASP A 22 0.13 -4.41 7.99
C ASP A 22 0.66 -3.00 7.71
N ARG A 23 1.24 -2.38 8.73
CA ARG A 23 1.80 -1.04 8.58
C ARG A 23 3.16 -1.08 7.92
N PRO A 24 3.30 -0.36 6.80
CA PRO A 24 4.55 -0.29 6.05
C PRO A 24 5.64 0.48 6.79
N THR A 25 6.88 0.03 6.66
CA THR A 25 8.01 0.68 7.33
C THR A 25 8.69 1.68 6.39
N ILE A 26 9.52 2.54 6.97
CA ILE A 26 10.23 3.55 6.19
C ILE A 26 11.73 3.48 6.44
N SER A 27 12.50 3.35 5.36
CA SER A 27 13.95 3.26 5.47
C SER A 27 14.62 4.27 4.55
N THR A 28 15.95 4.32 4.59
CA THR A 28 16.71 5.25 3.76
C THR A 28 17.17 4.58 2.48
N ALA A 29 16.47 4.87 1.39
CA ALA A 29 16.81 4.29 0.08
C ALA A 29 17.54 5.32 -0.78
N SER A 30 17.06 6.56 -0.75
CA SER A 30 17.66 7.62 -1.53
C SER A 30 17.31 9.00 -0.97
N GLU A 31 17.72 10.05 -1.67
CA GLU A 31 17.45 11.41 -1.22
C GLU A 31 16.06 11.86 -1.68
N THR A 32 15.51 11.15 -2.66
CA THR A 32 14.19 11.47 -3.19
C THR A 32 13.24 10.30 -3.07
N SER A 33 13.73 9.20 -2.49
CA SER A 33 12.91 8.01 -2.32
C SER A 33 13.25 7.30 -1.00
N VAL A 34 12.42 6.34 -0.62
CA VAL A 34 12.63 5.59 0.61
C VAL A 34 12.14 4.16 0.48
N TYR A 35 12.84 3.24 1.14
CA TYR A 35 12.48 1.82 1.09
C TYR A 35 11.29 1.53 1.99
N VAL A 36 10.19 1.08 1.38
CA VAL A 36 8.98 0.77 2.14
C VAL A 36 8.71 -0.73 2.13
N THR A 37 8.48 -1.30 3.30
CA THR A 37 8.20 -2.73 3.42
C THR A 37 6.93 -2.97 4.24
N TRP A 38 5.98 -3.69 3.64
CA TRP A 38 4.72 -3.99 4.31
C TRP A 38 4.50 -5.50 4.38
N ILE A 39 3.49 -5.91 5.15
CA ILE A 39 3.17 -7.32 5.31
C ILE A 39 1.67 -7.56 5.15
N PRO A 40 1.28 -8.16 4.02
CA PRO A 40 -0.12 -8.46 3.73
C PRO A 40 -0.67 -9.57 4.62
N ARG A 41 -1.88 -9.37 5.13
CA ARG A 41 -2.52 -10.35 6.01
C ARG A 41 -3.55 -11.17 5.23
N GLY A 42 -4.65 -10.54 4.87
CA GLY A 42 -5.69 -11.23 4.13
C GLY A 42 -5.73 -10.81 2.67
N ASN A 43 -6.35 -11.66 1.84
CA ASN A 43 -6.46 -11.38 0.41
C ASN A 43 -7.91 -11.42 -0.04
N GLY A 44 -8.82 -11.60 0.91
CA GLY A 44 -10.23 -11.67 0.59
C GLY A 44 -10.66 -13.04 0.11
N GLY A 45 -9.71 -13.98 0.07
CA GLY A 45 -10.01 -15.33 -0.36
C GLY A 45 -9.39 -15.65 -1.71
N PHE A 46 -9.11 -14.61 -2.50
CA PHE A 46 -8.52 -14.79 -3.81
C PHE A 46 -7.07 -14.32 -3.82
N PRO A 47 -6.31 -14.76 -4.83
CA PRO A 47 -4.90 -14.40 -4.99
C PRO A 47 -4.71 -12.93 -5.36
N ILE A 48 -4.08 -12.18 -4.47
CA ILE A 48 -3.83 -10.76 -4.70
C ILE A 48 -3.27 -10.52 -6.10
N GLN A 49 -3.80 -9.52 -6.79
CA GLN A 49 -3.34 -9.19 -8.14
C GLN A 49 -2.14 -8.25 -8.09
N SER A 50 -2.29 -7.14 -7.36
CA SER A 50 -1.22 -6.16 -7.24
C SER A 50 -1.44 -5.28 -6.01
N PHE A 51 -0.37 -4.60 -5.59
CA PHE A 51 -0.44 -3.73 -4.42
C PHE A 51 -0.32 -2.27 -4.84
N ARG A 52 -0.63 -1.37 -3.92
CA ARG A 52 -0.57 0.06 -4.19
C ARG A 52 -0.06 0.83 -2.98
N VAL A 53 0.73 1.86 -3.22
CA VAL A 53 1.29 2.68 -2.14
C VAL A 53 0.85 4.13 -2.27
N GLU A 54 0.49 4.74 -1.15
CA GLU A 54 0.05 6.13 -1.14
C GLU A 54 0.72 6.91 -0.01
N TYR A 55 0.70 8.23 -0.11
CA TYR A 55 1.31 9.08 0.90
C TYR A 55 0.46 10.34 1.15
N LYS A 56 0.66 10.95 2.30
CA LYS A 56 -0.08 12.16 2.66
C LYS A 56 0.86 13.26 3.15
N LYS A 57 0.72 14.44 2.58
CA LYS A 57 1.56 15.58 2.96
C LYS A 57 1.06 16.22 4.26
N LEU A 58 1.92 16.24 5.27
CA LEU A 58 1.56 16.82 6.55
C LEU A 58 1.75 18.34 6.54
N LYS A 59 2.82 18.79 5.90
CA LYS A 59 3.11 20.21 5.81
C LYS A 59 2.51 20.81 4.54
N LYS A 60 1.34 20.31 4.16
CA LYS A 60 0.65 20.80 2.96
C LYS A 60 -0.77 20.25 2.89
N VAL A 61 -1.61 20.91 2.11
CA VAL A 61 -3.00 20.50 1.95
C VAL A 61 -3.15 19.55 0.76
N GLY A 62 -4.16 18.68 0.83
CA GLY A 62 -4.41 17.74 -0.24
C GLY A 62 -4.49 16.30 0.25
N ASP A 63 -5.59 15.64 -0.07
CA ASP A 63 -5.79 14.26 0.35
C ASP A 63 -4.58 13.40 0.00
N TRP A 64 -4.66 12.11 0.32
CA TRP A 64 -3.56 11.19 0.03
C TRP A 64 -3.25 11.15 -1.45
N ILE A 65 -2.05 10.69 -1.79
CA ILE A 65 -1.62 10.61 -3.19
C ILE A 65 -1.11 9.21 -3.52
N LEU A 66 -1.08 8.89 -4.80
CA LEU A 66 -0.61 7.59 -5.26
C LEU A 66 0.83 7.67 -5.76
N ALA A 67 1.74 6.98 -5.07
CA ALA A 67 3.14 6.98 -5.45
C ALA A 67 3.42 5.94 -6.53
N THR A 68 3.33 4.67 -6.16
CA THR A 68 3.58 3.59 -7.11
C THR A 68 2.43 2.59 -7.10
N SER A 69 2.40 1.71 -8.10
CA SER A 69 1.36 0.70 -8.21
C SER A 69 1.79 -0.43 -9.15
N ALA A 70 0.91 -1.42 -9.30
CA ALA A 70 1.20 -2.56 -10.17
C ALA A 70 2.29 -3.45 -9.57
N ILE A 71 2.38 -3.43 -8.24
CA ILE A 71 3.38 -4.24 -7.54
C ILE A 71 2.95 -5.70 -7.47
N PRO A 72 3.90 -6.62 -7.68
CA PRO A 72 3.64 -8.06 -7.64
C PRO A 72 3.36 -8.55 -6.22
N PRO A 73 2.66 -9.69 -6.11
CA PRO A 73 2.32 -10.28 -4.82
C PRO A 73 3.54 -10.86 -4.11
N SER A 74 4.61 -11.07 -4.85
CA SER A 74 5.84 -11.62 -4.29
C SER A 74 6.73 -10.51 -3.74
N ARG A 75 6.40 -9.27 -4.10
CA ARG A 75 7.17 -8.12 -3.65
C ARG A 75 6.47 -7.41 -2.48
N LEU A 76 6.98 -7.62 -1.28
CA LEU A 76 6.40 -7.00 -0.09
C LEU A 76 7.19 -5.77 0.33
N SER A 77 8.08 -5.32 -0.54
CA SER A 77 8.91 -4.15 -0.26
C SER A 77 9.35 -3.47 -1.56
N VAL A 78 9.19 -2.16 -1.61
CA VAL A 78 9.57 -1.38 -2.79
C VAL A 78 10.06 0.00 -2.40
N GLU A 79 10.72 0.68 -3.34
CA GLU A 79 11.23 2.02 -3.10
C GLU A 79 10.31 3.08 -3.69
N ILE A 80 9.76 3.93 -2.83
CA ILE A 80 8.86 4.99 -3.28
C ILE A 80 9.63 6.24 -3.69
N THR A 81 9.86 6.39 -4.98
CA THR A 81 10.58 7.55 -5.51
C THR A 81 9.63 8.67 -5.90
N GLY A 82 10.19 9.81 -6.27
CA GLY A 82 9.38 10.94 -6.67
C GLY A 82 8.80 11.70 -5.48
N LEU A 83 9.61 11.86 -4.45
CA LEU A 83 9.18 12.55 -3.24
C LEU A 83 9.71 13.99 -3.22
N GLU A 84 9.39 14.73 -2.16
CA GLU A 84 9.83 16.10 -2.03
C GLU A 84 10.58 16.31 -0.71
N LYS A 85 11.76 16.92 -0.79
CA LYS A 85 12.57 17.18 0.39
C LYS A 85 11.94 18.28 1.24
N GLY A 86 12.20 18.23 2.56
CA GLY A 86 11.66 19.23 3.46
C GLY A 86 10.15 19.12 3.61
N ILE A 87 9.59 18.02 3.11
CA ILE A 87 8.15 17.81 3.20
C ILE A 87 7.84 16.49 3.92
N SER A 88 7.25 16.60 5.10
CA SER A 88 6.91 15.43 5.90
C SER A 88 5.64 14.77 5.37
N TYR A 89 5.64 13.44 5.32
CA TYR A 89 4.48 12.69 4.83
C TYR A 89 4.54 11.24 5.29
N LYS A 90 3.40 10.56 5.24
CA LYS A 90 3.32 9.17 5.65
C LYS A 90 3.15 8.26 4.44
N PHE A 91 3.12 6.95 4.69
CA PHE A 91 2.96 5.97 3.61
C PHE A 91 1.95 4.90 4.01
N ARG A 92 1.39 4.22 3.01
CA ARG A 92 0.41 3.18 3.25
C ARG A 92 0.45 2.13 2.13
N VAL A 93 -0.37 1.09 2.27
CA VAL A 93 -0.43 0.03 1.29
C VAL A 93 -1.85 -0.49 1.10
N ARG A 94 -2.21 -0.80 -0.14
CA ARG A 94 -3.55 -1.30 -0.45
C ARG A 94 -3.47 -2.54 -1.33
N ALA A 95 -4.38 -3.48 -1.09
CA ALA A 95 -4.43 -4.72 -1.86
C ALA A 95 -5.59 -4.71 -2.85
N LEU A 96 -5.30 -5.05 -4.10
CA LEU A 96 -6.33 -5.08 -5.13
C LEU A 96 -6.37 -6.46 -5.80
N ASN A 97 -7.54 -7.10 -5.73
CA ASN A 97 -7.72 -8.42 -6.33
C ASN A 97 -8.88 -8.40 -7.32
N MET A 98 -9.23 -9.59 -7.82
CA MET A 98 -10.33 -9.72 -8.77
C MET A 98 -11.67 -9.43 -8.10
N LEU A 99 -11.63 -9.11 -6.82
CA LEU A 99 -12.84 -8.81 -6.05
C LEU A 99 -12.92 -7.32 -5.74
N GLY A 100 -11.77 -6.67 -5.67
CA GLY A 100 -11.74 -5.25 -5.37
C GLY A 100 -10.49 -4.84 -4.61
N GLU A 101 -10.49 -3.63 -4.06
CA GLU A 101 -9.36 -3.12 -3.31
C GLU A 101 -9.59 -3.27 -1.81
N SER A 102 -8.50 -3.26 -1.04
CA SER A 102 -8.58 -3.39 0.40
C SER A 102 -8.57 -2.02 1.08
N GLU A 103 -8.75 -2.01 2.40
CA GLU A 103 -8.76 -0.77 3.16
C GLU A 103 -7.36 -0.15 3.22
N PRO A 104 -7.30 1.16 3.47
CA PRO A 104 -6.03 1.89 3.57
C PRO A 104 -5.23 1.52 4.82
N SER A 105 -4.18 0.72 4.63
CA SER A 105 -3.34 0.29 5.73
C SER A 105 -3.04 1.45 6.67
N ALA A 106 -2.82 1.14 7.95
CA ALA A 106 -2.51 2.16 8.95
C ALA A 106 -1.45 3.12 8.43
N PRO A 107 -1.64 4.42 8.73
CA PRO A 107 -0.71 5.47 8.30
C PRO A 107 0.62 5.40 9.04
N SER A 108 1.61 4.77 8.42
CA SER A 108 2.93 4.63 9.01
C SER A 108 3.42 5.97 9.57
N ARG A 109 4.38 5.91 10.48
CA ARG A 109 4.93 7.11 11.09
C ARG A 109 5.39 8.10 10.01
N PRO A 110 5.37 9.39 10.37
CA PRO A 110 5.77 10.47 9.45
C PRO A 110 7.27 10.45 9.16
N TYR A 111 7.62 10.54 7.89
CA TYR A 111 9.02 10.53 7.48
C TYR A 111 9.40 11.85 6.79
N VAL A 112 10.35 12.57 7.37
CA VAL A 112 10.80 13.84 6.81
C VAL A 112 12.03 13.64 5.93
N VAL A 113 11.82 13.64 4.61
CA VAL A 113 12.90 13.47 3.66
C VAL A 113 13.83 14.70 3.65
N SER A 114 15.01 14.54 4.23
CA SER A 114 15.98 15.62 4.29
C SER A 114 17.22 15.29 3.47
N GLY A 115 17.01 14.86 2.22
CA GLY A 115 18.12 14.52 1.36
C GLY A 115 18.97 13.41 1.93
N SER A 116 20.25 13.70 2.16
CA SER A 116 21.17 12.71 2.70
C SER A 116 20.96 12.53 4.20
N GLY A 117 20.65 11.30 4.60
CA GLY A 117 20.42 11.01 6.00
C GLY A 117 21.54 10.19 6.62
N PRO A 118 21.48 9.99 7.94
CA PRO A 118 22.49 9.22 8.68
C PRO A 118 22.43 7.73 8.35
N SER A 119 23.57 7.17 7.94
CA SER A 119 23.64 5.77 7.60
C SER A 119 24.98 5.17 8.03
N SER A 120 25.04 3.85 8.10
CA SER A 120 26.26 3.15 8.52
C SER A 120 26.24 1.70 8.04
N GLY A 121 27.43 1.09 7.97
CA GLY A 121 27.52 -0.29 7.53
C GLY A 121 28.09 -0.41 6.13
N GLY A 1 -31.41 -9.14 -15.76
CA GLY A 1 -30.34 -8.19 -15.55
C GLY A 1 -30.68 -7.17 -14.47
N SER A 2 -29.83 -7.08 -13.46
CA SER A 2 -30.04 -6.16 -12.36
C SER A 2 -28.74 -5.85 -11.63
N SER A 3 -28.71 -4.74 -10.91
CA SER A 3 -27.52 -4.33 -10.18
C SER A 3 -27.51 -4.95 -8.78
N GLY A 4 -26.40 -4.76 -8.05
CA GLY A 4 -26.29 -5.30 -6.72
C GLY A 4 -27.38 -4.80 -5.79
N SER A 5 -27.91 -5.69 -4.96
CA SER A 5 -28.98 -5.33 -4.03
C SER A 5 -29.08 -6.36 -2.90
N SER A 6 -29.95 -6.08 -1.94
CA SER A 6 -30.15 -6.98 -0.80
C SER A 6 -30.65 -8.34 -1.26
N GLY A 7 -29.82 -9.36 -1.12
CA GLY A 7 -30.20 -10.69 -1.53
C GLY A 7 -29.00 -11.57 -1.83
N SER A 8 -28.89 -12.70 -1.14
CA SER A 8 -27.78 -13.62 -1.34
C SER A 8 -28.21 -15.05 -1.09
N GLN A 9 -27.55 -16.00 -1.76
CA GLN A 9 -27.87 -17.41 -1.61
C GLN A 9 -26.66 -18.19 -1.08
N PRO A 10 -26.93 -19.18 -0.23
CA PRO A 10 -25.88 -20.02 0.36
C PRO A 10 -25.23 -20.94 -0.66
N ASP A 11 -23.99 -20.64 -1.02
CA ASP A 11 -23.25 -21.44 -1.99
C ASP A 11 -21.77 -21.07 -1.98
N HIS A 12 -20.91 -22.07 -2.17
CA HIS A 12 -19.47 -21.83 -2.20
C HIS A 12 -19.08 -20.98 -3.39
N GLY A 13 -18.88 -19.69 -3.15
CA GLY A 13 -18.50 -18.78 -4.22
C GLY A 13 -18.42 -17.34 -3.75
N ARG A 14 -19.49 -16.85 -3.15
CA ARG A 14 -19.55 -15.48 -2.66
C ARG A 14 -18.29 -15.15 -1.86
N LEU A 15 -17.28 -14.63 -2.53
CA LEU A 15 -16.03 -14.26 -1.88
C LEU A 15 -16.02 -12.78 -1.50
N SER A 16 -14.89 -12.32 -0.99
CA SER A 16 -14.75 -10.92 -0.58
C SER A 16 -13.37 -10.39 -0.93
N PRO A 17 -13.24 -9.05 -1.00
CA PRO A 17 -11.98 -8.39 -1.31
C PRO A 17 -10.95 -8.52 -0.20
N PRO A 18 -9.70 -8.14 -0.49
CA PRO A 18 -8.60 -8.21 0.47
C PRO A 18 -8.75 -7.19 1.60
N GLU A 19 -8.11 -7.46 2.73
CA GLU A 19 -8.17 -6.56 3.87
C GLU A 19 -6.93 -5.67 3.94
N ALA A 20 -7.02 -4.59 4.72
CA ALA A 20 -5.90 -3.67 4.87
C ALA A 20 -4.67 -4.39 5.41
N PRO A 21 -3.57 -4.31 4.65
CA PRO A 21 -2.30 -4.94 5.03
C PRO A 21 -1.65 -4.26 6.22
N ASP A 22 -0.69 -4.95 6.85
CA ASP A 22 0.02 -4.40 8.00
C ASP A 22 0.52 -3.00 7.72
N ARG A 23 1.15 -2.38 8.72
CA ARG A 23 1.68 -1.03 8.57
C ARG A 23 3.06 -1.06 7.91
N PRO A 24 3.20 -0.32 6.81
CA PRO A 24 4.46 -0.24 6.06
C PRO A 24 5.54 0.52 6.83
N THR A 25 6.79 0.12 6.64
CA THR A 25 7.92 0.76 7.31
C THR A 25 8.62 1.76 6.39
N ILE A 26 9.44 2.62 6.97
CA ILE A 26 10.17 3.62 6.20
C ILE A 26 11.66 3.49 6.42
N SER A 27 12.40 3.20 5.34
CA SER A 27 13.84 3.05 5.42
C SER A 27 14.54 4.04 4.49
N THR A 28 15.85 4.21 4.69
CA THR A 28 16.64 5.12 3.87
C THR A 28 17.07 4.46 2.56
N ALA A 29 16.40 4.84 1.47
CA ALA A 29 16.72 4.28 0.16
C ALA A 29 17.42 5.32 -0.72
N SER A 30 16.98 6.57 -0.61
CA SER A 30 17.55 7.65 -1.40
C SER A 30 17.12 9.00 -0.85
N GLU A 31 17.66 10.07 -1.44
CA GLU A 31 17.34 11.43 -1.01
C GLU A 31 16.00 11.86 -1.59
N THR A 32 15.54 11.15 -2.61
CA THR A 32 14.26 11.48 -3.26
C THR A 32 13.28 10.32 -3.14
N SER A 33 13.76 9.20 -2.61
CA SER A 33 12.92 8.01 -2.45
C SER A 33 13.18 7.34 -1.10
N VAL A 34 12.36 6.35 -0.77
CA VAL A 34 12.51 5.63 0.49
C VAL A 34 12.03 4.18 0.35
N TYR A 35 12.70 3.28 1.06
CA TYR A 35 12.34 1.86 1.02
C TYR A 35 11.17 1.56 1.94
N VAL A 36 10.05 1.15 1.35
CA VAL A 36 8.86 0.83 2.11
C VAL A 36 8.59 -0.67 2.12
N THR A 37 8.43 -1.23 3.31
CA THR A 37 8.17 -2.66 3.46
C THR A 37 6.91 -2.91 4.27
N TRP A 38 5.96 -3.61 3.67
CA TRP A 38 4.70 -3.92 4.35
C TRP A 38 4.47 -5.42 4.43
N ILE A 39 3.46 -5.84 5.18
CA ILE A 39 3.14 -7.25 5.33
C ILE A 39 1.65 -7.49 5.20
N PRO A 40 1.24 -8.09 4.06
CA PRO A 40 -0.17 -8.39 3.79
C PRO A 40 -0.69 -9.51 4.68
N ARG A 41 -1.93 -9.35 5.15
CA ARG A 41 -2.56 -10.35 6.00
C ARG A 41 -3.56 -11.18 5.23
N GLY A 42 -4.69 -10.57 4.85
CA GLY A 42 -5.71 -11.27 4.11
C GLY A 42 -5.76 -10.85 2.64
N ASN A 43 -6.34 -11.70 1.81
CA ASN A 43 -6.44 -11.42 0.38
C ASN A 43 -7.90 -11.45 -0.08
N GLY A 44 -8.80 -11.63 0.88
CA GLY A 44 -10.22 -11.69 0.55
C GLY A 44 -10.65 -13.06 0.08
N GLY A 45 -9.71 -13.99 -0.01
CA GLY A 45 -10.01 -15.33 -0.46
C GLY A 45 -9.37 -15.66 -1.80
N PHE A 46 -9.06 -14.62 -2.57
CA PHE A 46 -8.44 -14.80 -3.88
C PHE A 46 -6.99 -14.32 -3.87
N PRO A 47 -6.21 -14.76 -4.87
CA PRO A 47 -4.81 -14.38 -5.00
C PRO A 47 -4.63 -12.91 -5.37
N ILE A 48 -4.04 -12.14 -4.47
CA ILE A 48 -3.81 -10.72 -4.71
C ILE A 48 -3.20 -10.48 -6.09
N GLN A 49 -3.78 -9.54 -6.82
CA GLN A 49 -3.29 -9.22 -8.17
C GLN A 49 -2.14 -8.22 -8.10
N SER A 50 -2.34 -7.13 -7.36
CA SER A 50 -1.31 -6.10 -7.22
C SER A 50 -1.58 -5.25 -5.99
N PHE A 51 -0.55 -4.51 -5.56
CA PHE A 51 -0.66 -3.66 -4.39
C PHE A 51 -0.66 -2.18 -4.79
N ARG A 52 -0.94 -1.32 -3.82
CA ARG A 52 -0.98 0.12 -4.08
C ARG A 52 -0.41 0.90 -2.88
N VAL A 53 0.53 1.80 -3.17
CA VAL A 53 1.14 2.60 -2.13
C VAL A 53 0.74 4.07 -2.25
N GLU A 54 0.34 4.66 -1.13
CA GLU A 54 -0.07 6.07 -1.11
C GLU A 54 0.54 6.80 0.07
N TYR A 55 0.74 8.11 -0.09
CA TYR A 55 1.32 8.94 0.96
C TYR A 55 0.47 10.16 1.24
N LYS A 56 0.85 10.94 2.24
CA LYS A 56 0.13 12.15 2.60
C LYS A 56 1.07 13.22 3.14
N LYS A 57 0.93 14.44 2.65
CA LYS A 57 1.76 15.54 3.07
C LYS A 57 1.25 16.14 4.39
N LEU A 58 2.13 16.22 5.38
CA LEU A 58 1.77 16.77 6.68
C LEU A 58 2.03 18.28 6.73
N LYS A 59 3.30 18.65 6.57
CA LYS A 59 3.68 20.06 6.59
C LYS A 59 2.63 20.93 5.92
N LYS A 60 2.02 20.40 4.86
CA LYS A 60 0.99 21.12 4.13
C LYS A 60 -0.27 20.28 3.98
N VAL A 61 -1.43 20.89 4.20
CA VAL A 61 -2.70 20.20 4.09
C VAL A 61 -2.91 19.65 2.69
N GLY A 62 -3.01 18.33 2.57
CA GLY A 62 -3.19 17.70 1.28
C GLY A 62 -3.60 16.25 1.40
N ASP A 63 -4.68 15.88 0.70
CA ASP A 63 -5.17 14.51 0.73
C ASP A 63 -4.06 13.52 0.40
N TRP A 64 -4.41 12.25 0.32
CA TRP A 64 -3.44 11.20 0.03
C TRP A 64 -3.16 11.13 -1.48
N ILE A 65 -1.90 10.88 -1.84
CA ILE A 65 -1.51 10.78 -3.23
C ILE A 65 -1.01 9.39 -3.57
N LEU A 66 -0.94 9.08 -4.86
CA LEU A 66 -0.47 7.77 -5.31
C LEU A 66 1.01 7.82 -5.68
N ALA A 67 1.80 6.95 -5.06
CA ALA A 67 3.23 6.89 -5.33
C ALA A 67 3.55 5.88 -6.42
N THR A 68 3.28 4.60 -6.13
CA THR A 68 3.53 3.54 -7.09
C THR A 68 2.32 2.61 -7.22
N SER A 69 2.44 1.62 -8.07
CA SER A 69 1.36 0.66 -8.30
C SER A 69 1.81 -0.48 -9.20
N ALA A 70 0.91 -1.43 -9.44
CA ALA A 70 1.23 -2.58 -10.28
C ALA A 70 2.32 -3.44 -9.67
N ILE A 71 2.36 -3.48 -8.34
CA ILE A 71 3.36 -4.27 -7.63
C ILE A 71 2.92 -5.72 -7.50
N PRO A 72 3.87 -6.65 -7.69
CA PRO A 72 3.62 -8.08 -7.60
C PRO A 72 3.35 -8.52 -6.17
N PRO A 73 2.65 -9.66 -6.01
CA PRO A 73 2.31 -10.22 -4.70
C PRO A 73 3.54 -10.76 -3.97
N SER A 74 4.60 -11.03 -4.73
CA SER A 74 5.83 -11.56 -4.16
C SER A 74 6.71 -10.43 -3.63
N ARG A 75 6.40 -9.20 -4.04
CA ARG A 75 7.16 -8.04 -3.60
C ARG A 75 6.45 -7.31 -2.46
N LEU A 76 6.93 -7.54 -1.24
CA LEU A 76 6.34 -6.92 -0.06
C LEU A 76 7.11 -5.65 0.33
N SER A 77 8.04 -5.24 -0.53
CA SER A 77 8.85 -4.06 -0.27
C SER A 77 9.28 -3.40 -1.58
N VAL A 78 9.13 -2.08 -1.64
CA VAL A 78 9.51 -1.33 -2.84
C VAL A 78 10.05 0.05 -2.47
N GLU A 79 10.76 0.67 -3.41
CA GLU A 79 11.33 1.99 -3.18
C GLU A 79 10.43 3.08 -3.78
N ILE A 80 9.80 3.86 -2.91
CA ILE A 80 8.92 4.93 -3.36
C ILE A 80 9.70 6.16 -3.76
N THR A 81 9.73 6.45 -5.06
CA THR A 81 10.45 7.61 -5.57
C THR A 81 9.49 8.70 -6.02
N GLY A 82 10.03 9.89 -6.25
CA GLY A 82 9.21 11.01 -6.68
C GLY A 82 8.67 11.82 -5.51
N LEU A 83 9.47 11.92 -4.44
CA LEU A 83 9.06 12.67 -3.26
C LEU A 83 9.74 14.03 -3.22
N GLU A 84 9.31 14.88 -2.29
CA GLU A 84 9.88 16.21 -2.16
C GLU A 84 10.61 16.36 -0.83
N LYS A 85 11.82 16.90 -0.87
CA LYS A 85 12.61 17.09 0.33
C LYS A 85 11.99 18.16 1.23
N GLY A 86 12.32 18.11 2.52
CA GLY A 86 11.78 19.06 3.46
C GLY A 86 10.27 18.97 3.60
N ILE A 87 9.70 17.90 3.05
CA ILE A 87 8.26 17.70 3.10
C ILE A 87 7.91 16.39 3.82
N SER A 88 7.47 16.50 5.07
CA SER A 88 7.12 15.32 5.85
C SER A 88 5.83 14.69 5.33
N TYR A 89 5.81 13.36 5.30
CA TYR A 89 4.63 12.63 4.83
C TYR A 89 4.68 11.18 5.28
N LYS A 90 3.54 10.51 5.21
CA LYS A 90 3.44 9.10 5.61
C LYS A 90 3.25 8.21 4.40
N PHE A 91 3.07 6.91 4.64
CA PHE A 91 2.87 5.94 3.56
C PHE A 91 1.83 4.89 3.97
N ARG A 92 1.34 4.16 2.98
CA ARG A 92 0.34 3.12 3.22
C ARG A 92 0.35 2.09 2.09
N VAL A 93 -0.37 0.99 2.31
CA VAL A 93 -0.45 -0.07 1.31
C VAL A 93 -1.88 -0.59 1.17
N ARG A 94 -2.29 -0.87 -0.06
CA ARG A 94 -3.64 -1.36 -0.33
C ARG A 94 -3.59 -2.61 -1.20
N ALA A 95 -4.38 -3.61 -0.85
CA ALA A 95 -4.43 -4.86 -1.60
C ALA A 95 -5.54 -4.82 -2.64
N LEU A 96 -5.19 -5.15 -3.88
CA LEU A 96 -6.16 -5.15 -4.97
C LEU A 96 -6.20 -6.52 -5.66
N ASN A 97 -7.37 -7.15 -5.65
CA ASN A 97 -7.54 -8.45 -6.26
C ASN A 97 -8.66 -8.42 -7.30
N MET A 98 -9.01 -9.60 -7.83
CA MET A 98 -10.06 -9.70 -8.83
C MET A 98 -11.42 -9.41 -8.21
N LEU A 99 -11.44 -9.10 -6.92
CA LEU A 99 -12.68 -8.81 -6.22
C LEU A 99 -12.77 -7.32 -5.89
N GLY A 100 -11.62 -6.67 -5.76
CA GLY A 100 -11.61 -5.25 -5.45
C GLY A 100 -10.37 -4.85 -4.65
N GLU A 101 -10.43 -3.68 -4.02
CA GLU A 101 -9.32 -3.18 -3.23
C GLU A 101 -9.63 -3.28 -1.74
N SER A 102 -8.58 -3.31 -0.92
CA SER A 102 -8.74 -3.40 0.52
C SER A 102 -8.67 -2.02 1.16
N GLU A 103 -8.91 -1.97 2.47
CA GLU A 103 -8.88 -0.71 3.21
C GLU A 103 -7.46 -0.15 3.28
N PRO A 104 -7.35 1.17 3.50
CA PRO A 104 -6.06 1.85 3.60
C PRO A 104 -5.29 1.48 4.86
N SER A 105 -4.19 0.75 4.69
CA SER A 105 -3.38 0.32 5.82
C SER A 105 -3.04 1.50 6.73
N ALA A 106 -2.79 1.21 8.01
CA ALA A 106 -2.47 2.25 8.98
C ALA A 106 -1.40 3.19 8.42
N PRO A 107 -1.56 4.49 8.72
CA PRO A 107 -0.61 5.53 8.27
C PRO A 107 0.74 5.43 8.96
N SER A 108 1.69 4.80 8.29
CA SER A 108 3.03 4.63 8.85
C SER A 108 3.52 5.94 9.47
N ARG A 109 4.58 5.84 10.27
CA ARG A 109 5.16 7.01 10.93
C ARG A 109 5.59 8.05 9.90
N PRO A 110 5.58 9.33 10.31
CA PRO A 110 5.97 10.44 9.43
C PRO A 110 7.47 10.44 9.14
N TYR A 111 7.81 10.40 7.86
CA TYR A 111 9.21 10.39 7.44
C TYR A 111 9.57 11.69 6.73
N VAL A 112 10.55 12.40 7.26
CA VAL A 112 10.99 13.67 6.67
C VAL A 112 12.19 13.45 5.75
N VAL A 113 11.94 13.51 4.45
CA VAL A 113 13.00 13.32 3.46
C VAL A 113 13.89 14.56 3.37
N SER A 114 15.12 14.42 3.88
CA SER A 114 16.07 15.53 3.86
C SER A 114 17.18 15.27 2.84
N GLY A 115 17.92 16.33 2.51
CA GLY A 115 19.00 16.20 1.54
C GLY A 115 19.87 14.99 1.80
N SER A 116 20.37 14.88 3.04
CA SER A 116 21.22 13.76 3.42
C SER A 116 20.78 12.47 2.73
N GLY A 117 21.73 11.70 2.23
CA GLY A 117 21.42 10.45 1.56
C GLY A 117 22.63 9.79 0.96
N PRO A 118 22.50 8.51 0.60
CA PRO A 118 23.59 7.74 0.00
C PRO A 118 23.92 8.20 -1.42
N SER A 119 24.74 7.42 -2.11
CA SER A 119 25.13 7.75 -3.48
C SER A 119 24.83 6.59 -4.43
N SER A 120 24.33 6.92 -5.62
CA SER A 120 24.00 5.91 -6.61
C SER A 120 25.25 5.45 -7.36
N GLY A 121 26.00 6.41 -7.90
CA GLY A 121 27.20 6.08 -8.63
C GLY A 121 27.05 6.31 -10.12
N GLY A 1 -37.50 -9.40 -16.29
CA GLY A 1 -36.53 -8.93 -15.30
C GLY A 1 -37.17 -8.66 -13.95
N SER A 2 -36.67 -9.35 -12.93
CA SER A 2 -37.19 -9.19 -11.57
C SER A 2 -36.32 -9.93 -10.56
N SER A 3 -36.52 -9.62 -9.28
CA SER A 3 -35.75 -10.25 -8.22
C SER A 3 -36.64 -11.15 -7.36
N GLY A 4 -36.00 -11.91 -6.48
CA GLY A 4 -36.75 -12.81 -5.61
C GLY A 4 -35.93 -13.31 -4.44
N SER A 5 -36.60 -13.85 -3.43
CA SER A 5 -35.92 -14.36 -2.24
C SER A 5 -34.99 -15.51 -2.61
N SER A 6 -33.84 -15.57 -1.94
CA SER A 6 -32.87 -16.62 -2.19
C SER A 6 -33.13 -17.83 -1.31
N GLY A 7 -32.62 -18.99 -1.72
CA GLY A 7 -32.81 -20.21 -0.96
C GLY A 7 -31.64 -20.51 -0.05
N SER A 8 -30.97 -21.64 -0.31
CA SER A 8 -29.82 -22.05 0.49
C SER A 8 -28.64 -22.42 -0.40
N GLN A 9 -27.54 -21.68 -0.24
CA GLN A 9 -26.34 -21.94 -1.04
C GLN A 9 -25.16 -22.30 -0.13
N PRO A 10 -24.31 -23.21 -0.63
CA PRO A 10 -23.13 -23.67 0.12
C PRO A 10 -22.06 -22.58 0.23
N ASP A 11 -21.06 -22.83 1.07
CA ASP A 11 -19.98 -21.87 1.26
C ASP A 11 -19.00 -21.92 0.10
N HIS A 12 -19.37 -21.28 -1.01
CA HIS A 12 -18.52 -21.26 -2.20
C HIS A 12 -19.00 -20.20 -3.18
N GLY A 13 -18.06 -19.54 -3.84
CA GLY A 13 -18.40 -18.51 -4.80
C GLY A 13 -18.46 -17.13 -4.18
N ARG A 14 -19.29 -16.97 -3.16
CA ARG A 14 -19.43 -15.68 -2.47
C ARG A 14 -18.19 -15.37 -1.66
N LEU A 15 -17.25 -14.67 -2.27
CA LEU A 15 -16.00 -14.30 -1.60
C LEU A 15 -16.00 -12.82 -1.23
N SER A 16 -14.88 -12.34 -0.71
CA SER A 16 -14.75 -10.95 -0.32
C SER A 16 -13.40 -10.39 -0.73
N PRO A 17 -13.30 -9.05 -0.80
CA PRO A 17 -12.07 -8.36 -1.20
C PRO A 17 -10.98 -8.47 -0.13
N PRO A 18 -9.77 -8.06 -0.48
CA PRO A 18 -8.61 -8.10 0.43
C PRO A 18 -8.74 -7.10 1.56
N GLU A 19 -8.11 -7.40 2.70
CA GLU A 19 -8.14 -6.53 3.85
C GLU A 19 -6.88 -5.67 3.93
N ALA A 20 -6.97 -4.57 4.68
CA ALA A 20 -5.84 -3.66 4.83
C ALA A 20 -4.62 -4.40 5.36
N PRO A 21 -3.51 -4.32 4.60
CA PRO A 21 -2.25 -4.99 4.97
C PRO A 21 -1.58 -4.33 6.17
N ASP A 22 -0.61 -5.01 6.75
CA ASP A 22 0.11 -4.50 7.91
C ASP A 22 0.63 -3.08 7.65
N ARG A 23 1.19 -2.46 8.68
CA ARG A 23 1.72 -1.10 8.55
C ARG A 23 3.10 -1.11 7.90
N PRO A 24 3.22 -0.38 6.78
CA PRO A 24 4.48 -0.28 6.04
C PRO A 24 5.54 0.50 6.79
N THR A 25 6.79 0.06 6.69
CA THR A 25 7.89 0.73 7.36
C THR A 25 8.57 1.74 6.44
N ILE A 26 9.41 2.58 7.02
CA ILE A 26 10.12 3.61 6.25
C ILE A 26 11.63 3.54 6.50
N SER A 27 12.39 3.41 5.43
CA SER A 27 13.84 3.32 5.53
C SER A 27 14.51 4.34 4.60
N THR A 28 15.83 4.41 4.67
CA THR A 28 16.59 5.35 3.83
C THR A 28 17.09 4.66 2.57
N ALA A 29 16.40 4.91 1.46
CA ALA A 29 16.77 4.32 0.18
C ALA A 29 17.49 5.33 -0.70
N SER A 30 16.99 6.56 -0.70
CA SER A 30 17.59 7.63 -1.50
C SER A 30 17.26 9.00 -0.93
N GLU A 31 17.72 10.05 -1.61
CA GLU A 31 17.46 11.41 -1.16
C GLU A 31 16.07 11.87 -1.59
N THR A 32 15.52 11.20 -2.60
CA THR A 32 14.19 11.55 -3.11
C THR A 32 13.25 10.36 -3.01
N SER A 33 13.73 9.27 -2.42
CA SER A 33 12.92 8.06 -2.27
C SER A 33 13.13 7.43 -0.90
N VAL A 34 12.39 6.37 -0.62
CA VAL A 34 12.50 5.67 0.65
C VAL A 34 12.06 4.21 0.52
N TYR A 35 12.74 3.33 1.24
CA TYR A 35 12.42 1.91 1.20
C TYR A 35 11.22 1.59 2.09
N VAL A 36 10.15 1.10 1.46
CA VAL A 36 8.93 0.76 2.18
C VAL A 36 8.69 -0.74 2.19
N THR A 37 8.46 -1.29 3.37
CA THR A 37 8.22 -2.72 3.51
C THR A 37 6.95 -3.00 4.30
N TRP A 38 5.98 -3.65 3.67
CA TRP A 38 4.72 -3.97 4.33
C TRP A 38 4.50 -5.47 4.38
N ILE A 39 3.50 -5.89 5.15
CA ILE A 39 3.19 -7.31 5.29
C ILE A 39 1.69 -7.56 5.15
N PRO A 40 1.30 -8.18 4.02
CA PRO A 40 -0.10 -8.49 3.74
C PRO A 40 -0.64 -9.59 4.64
N ARG A 41 -1.90 -9.45 5.06
CA ARG A 41 -2.53 -10.43 5.92
C ARG A 41 -3.60 -11.21 5.17
N GLY A 42 -4.70 -10.54 4.85
CA GLY A 42 -5.79 -11.18 4.13
C GLY A 42 -5.88 -10.74 2.68
N ASN A 43 -6.29 -11.64 1.81
CA ASN A 43 -6.42 -11.33 0.39
C ASN A 43 -7.87 -11.39 -0.06
N GLY A 44 -8.77 -11.64 0.90
CA GLY A 44 -10.18 -11.71 0.59
C GLY A 44 -10.60 -13.08 0.10
N GLY A 45 -9.66 -14.01 0.09
CA GLY A 45 -9.96 -15.36 -0.36
C GLY A 45 -9.37 -15.67 -1.72
N PHE A 46 -8.95 -14.63 -2.44
CA PHE A 46 -8.38 -14.78 -3.77
C PHE A 46 -6.94 -14.27 -3.79
N PRO A 47 -6.18 -14.69 -4.81
CA PRO A 47 -4.78 -14.29 -4.98
C PRO A 47 -4.64 -12.83 -5.36
N ILE A 48 -4.02 -12.05 -4.47
CA ILE A 48 -3.82 -10.62 -4.71
C ILE A 48 -3.26 -10.38 -6.10
N GLN A 49 -3.87 -9.45 -6.82
CA GLN A 49 -3.44 -9.12 -8.17
C GLN A 49 -2.28 -8.13 -8.14
N SER A 50 -2.42 -7.07 -7.36
CA SER A 50 -1.38 -6.06 -7.23
C SER A 50 -1.60 -5.19 -6.01
N PHE A 51 -0.57 -4.46 -5.60
CA PHE A 51 -0.65 -3.59 -4.44
C PHE A 51 -0.65 -2.12 -4.86
N ARG A 52 -0.84 -1.23 -3.88
CA ARG A 52 -0.85 0.20 -4.16
C ARG A 52 -0.34 0.99 -2.95
N VAL A 53 0.67 1.81 -3.17
CA VAL A 53 1.26 2.62 -2.11
C VAL A 53 0.90 4.09 -2.28
N GLU A 54 0.54 4.74 -1.17
CA GLU A 54 0.16 6.14 -1.20
C GLU A 54 0.78 6.89 -0.01
N TYR A 55 1.01 8.17 -0.19
CA TYR A 55 1.60 9.00 0.86
C TYR A 55 0.74 10.25 1.12
N LYS A 56 0.67 10.65 2.38
CA LYS A 56 -0.10 11.83 2.76
C LYS A 56 0.81 12.94 3.28
N LYS A 57 0.64 14.13 2.73
CA LYS A 57 1.45 15.28 3.15
C LYS A 57 0.97 15.83 4.49
N LEU A 58 1.91 16.14 5.36
CA LEU A 58 1.58 16.68 6.68
C LEU A 58 1.89 18.17 6.75
N LYS A 59 3.17 18.50 6.78
CA LYS A 59 3.60 19.89 6.84
C LYS A 59 2.74 20.77 5.93
N LYS A 60 2.33 20.22 4.80
CA LYS A 60 1.50 20.96 3.85
C LYS A 60 0.20 20.20 3.56
N VAL A 61 -0.93 20.85 3.82
CA VAL A 61 -2.23 20.23 3.57
C VAL A 61 -2.27 19.54 2.22
N GLY A 62 -2.64 18.26 2.22
CA GLY A 62 -2.72 17.51 0.99
C GLY A 62 -3.12 16.06 1.21
N ASP A 63 -4.30 15.69 0.74
CA ASP A 63 -4.80 14.33 0.90
C ASP A 63 -3.75 13.32 0.45
N TRP A 64 -4.11 12.04 0.52
CA TRP A 64 -3.20 10.97 0.12
C TRP A 64 -2.79 11.13 -1.34
N ILE A 65 -1.61 10.61 -1.68
CA ILE A 65 -1.11 10.68 -3.04
C ILE A 65 -0.54 9.35 -3.50
N LEU A 66 -0.77 9.01 -4.76
CA LEU A 66 -0.29 7.76 -5.33
C LEU A 66 1.19 7.86 -5.67
N ALA A 67 1.99 6.92 -5.15
CA ALA A 67 3.42 6.90 -5.41
C ALA A 67 3.78 5.85 -6.45
N THR A 68 3.44 4.60 -6.17
CA THR A 68 3.72 3.51 -7.09
C THR A 68 2.52 2.57 -7.21
N SER A 69 2.55 1.72 -8.24
CA SER A 69 1.47 0.76 -8.46
C SER A 69 1.93 -0.38 -9.37
N ALA A 70 1.05 -1.35 -9.57
CA ALA A 70 1.36 -2.50 -10.40
C ALA A 70 2.41 -3.40 -9.74
N ILE A 71 2.46 -3.36 -8.41
CA ILE A 71 3.41 -4.17 -7.67
C ILE A 71 2.93 -5.61 -7.53
N PRO A 72 3.86 -6.55 -7.71
CA PRO A 72 3.57 -7.99 -7.62
C PRO A 72 3.25 -8.42 -6.20
N PRO A 73 2.56 -9.56 -6.06
CA PRO A 73 2.18 -10.11 -4.76
C PRO A 73 3.39 -10.64 -3.98
N SER A 74 4.44 -11.02 -4.71
CA SER A 74 5.65 -11.54 -4.09
C SER A 74 6.49 -10.41 -3.50
N ARG A 75 6.33 -9.21 -4.06
CA ARG A 75 7.08 -8.05 -3.59
C ARG A 75 6.36 -7.37 -2.43
N LEU A 76 6.89 -7.53 -1.23
CA LEU A 76 6.31 -6.94 -0.04
C LEU A 76 7.06 -5.69 0.38
N SER A 77 7.97 -5.23 -0.48
CA SER A 77 8.78 -4.05 -0.20
C SER A 77 9.27 -3.41 -1.49
N VAL A 78 9.19 -2.08 -1.56
CA VAL A 78 9.64 -1.35 -2.73
C VAL A 78 10.15 0.04 -2.36
N GLU A 79 10.79 0.71 -3.31
CA GLU A 79 11.33 2.04 -3.08
C GLU A 79 10.44 3.10 -3.72
N ILE A 80 9.84 3.95 -2.88
CA ILE A 80 8.97 5.01 -3.37
C ILE A 80 9.78 6.22 -3.83
N THR A 81 9.91 6.36 -5.15
CA THR A 81 10.66 7.48 -5.71
C THR A 81 9.73 8.60 -6.15
N GLY A 82 10.30 9.78 -6.37
CA GLY A 82 9.49 10.92 -6.78
C GLY A 82 8.88 11.65 -5.61
N LEU A 83 9.59 11.68 -4.49
CA LEU A 83 9.10 12.34 -3.29
C LEU A 83 9.48 13.82 -3.29
N GLU A 84 9.15 14.51 -2.20
CA GLU A 84 9.46 15.93 -2.07
C GLU A 84 10.23 16.21 -0.78
N LYS A 85 11.42 16.79 -0.92
CA LYS A 85 12.25 17.10 0.23
C LYS A 85 11.62 18.20 1.08
N GLY A 86 11.98 18.24 2.35
CA GLY A 86 11.43 19.25 3.24
C GLY A 86 9.92 19.15 3.39
N ILE A 87 9.37 18.02 2.96
CA ILE A 87 7.93 17.79 3.04
C ILE A 87 7.61 16.48 3.76
N SER A 88 7.18 16.60 5.01
CA SER A 88 6.85 15.42 5.82
C SER A 88 5.58 14.76 5.30
N TYR A 89 5.61 13.43 5.24
CA TYR A 89 4.45 12.67 4.76
C TYR A 89 4.50 11.24 5.27
N LYS A 90 3.40 10.52 5.11
CA LYS A 90 3.31 9.13 5.55
C LYS A 90 3.23 8.18 4.35
N PHE A 91 3.08 6.89 4.64
CA PHE A 91 3.00 5.89 3.58
C PHE A 91 2.05 4.75 4.00
N ARG A 92 1.30 4.24 3.03
CA ARG A 92 0.37 3.16 3.28
C ARG A 92 0.40 2.13 2.15
N VAL A 93 -0.39 1.07 2.30
CA VAL A 93 -0.46 0.02 1.28
C VAL A 93 -1.88 -0.48 1.11
N ARG A 94 -2.24 -0.79 -0.13
CA ARG A 94 -3.58 -1.28 -0.44
C ARG A 94 -3.51 -2.54 -1.31
N ALA A 95 -4.40 -3.49 -1.02
CA ALA A 95 -4.45 -4.74 -1.77
C ALA A 95 -5.61 -4.75 -2.76
N LEU A 96 -5.29 -5.04 -4.02
CA LEU A 96 -6.31 -5.07 -5.06
C LEU A 96 -6.35 -6.45 -5.74
N ASN A 97 -7.50 -7.10 -5.67
CA ASN A 97 -7.67 -8.42 -6.27
C ASN A 97 -8.83 -8.42 -7.27
N MET A 98 -9.18 -9.60 -7.77
CA MET A 98 -10.27 -9.74 -8.72
C MET A 98 -11.62 -9.47 -8.05
N LEU A 99 -11.58 -9.13 -6.77
CA LEU A 99 -12.80 -8.85 -6.02
C LEU A 99 -12.89 -7.36 -5.69
N GLY A 100 -11.75 -6.70 -5.61
CA GLY A 100 -11.73 -5.28 -5.30
C GLY A 100 -10.49 -4.86 -4.54
N GLU A 101 -10.51 -3.67 -3.97
CA GLU A 101 -9.37 -3.16 -3.22
C GLU A 101 -9.62 -3.26 -1.72
N SER A 102 -8.54 -3.27 -0.94
CA SER A 102 -8.64 -3.38 0.51
C SER A 102 -8.55 -1.99 1.16
N GLU A 103 -8.73 -1.95 2.48
CA GLU A 103 -8.68 -0.70 3.21
C GLU A 103 -7.26 -0.15 3.25
N PRO A 104 -7.15 1.18 3.45
CA PRO A 104 -5.85 1.86 3.51
C PRO A 104 -5.05 1.50 4.76
N SER A 105 -4.03 0.65 4.58
CA SER A 105 -3.20 0.23 5.69
C SER A 105 -2.88 1.39 6.62
N ALA A 106 -2.69 1.08 7.90
CA ALA A 106 -2.38 2.10 8.89
C ALA A 106 -1.36 3.10 8.35
N PRO A 107 -1.56 4.38 8.68
CA PRO A 107 -0.67 5.47 8.23
C PRO A 107 0.70 5.40 8.92
N SER A 108 1.62 4.66 8.31
CA SER A 108 2.96 4.52 8.87
C SER A 108 3.47 5.85 9.41
N ARG A 109 4.37 5.79 10.38
CA ARG A 109 4.93 6.99 10.98
C ARG A 109 5.42 7.97 9.92
N PRO A 110 5.40 9.26 10.24
CA PRO A 110 5.83 10.32 9.32
C PRO A 110 7.34 10.29 9.08
N TYR A 111 7.74 10.62 7.86
CA TYR A 111 9.15 10.63 7.49
C TYR A 111 9.51 11.92 6.74
N VAL A 112 10.37 12.72 7.35
CA VAL A 112 10.80 13.99 6.75
C VAL A 112 12.03 13.78 5.87
N VAL A 113 11.80 13.76 4.56
CA VAL A 113 12.88 13.58 3.60
C VAL A 113 13.75 14.84 3.49
N SER A 114 14.98 14.73 3.97
CA SER A 114 15.90 15.87 3.93
C SER A 114 17.00 15.64 2.88
N GLY A 115 17.83 16.66 2.67
CA GLY A 115 18.90 16.56 1.71
C GLY A 115 19.98 15.60 2.15
N SER A 116 21.24 16.01 2.00
CA SER A 116 22.38 15.18 2.38
C SER A 116 22.04 14.35 3.61
N GLY A 117 22.18 13.03 3.48
CA GLY A 117 21.89 12.14 4.59
C GLY A 117 22.86 10.98 4.67
N PRO A 118 22.46 9.92 5.38
CA PRO A 118 23.29 8.72 5.55
C PRO A 118 23.43 7.92 4.26
N SER A 119 24.22 6.85 4.32
CA SER A 119 24.44 6.01 3.15
C SER A 119 23.85 4.62 3.37
N SER A 120 23.71 3.86 2.28
CA SER A 120 23.16 2.51 2.35
C SER A 120 23.73 1.63 1.25
N GLY A 121 24.37 0.53 1.64
CA GLY A 121 24.94 -0.37 0.67
C GLY A 121 23.90 -1.09 -0.16
N GLY A 1 -38.10 -13.16 -6.29
CA GLY A 1 -38.23 -14.58 -6.59
C GLY A 1 -39.57 -15.14 -6.19
N SER A 2 -39.75 -16.44 -6.35
CA SER A 2 -41.00 -17.10 -6.00
C SER A 2 -40.76 -18.53 -5.55
N SER A 3 -41.63 -19.02 -4.66
CA SER A 3 -41.51 -20.38 -4.15
C SER A 3 -41.49 -21.39 -5.29
N GLY A 4 -41.07 -22.62 -4.98
CA GLY A 4 -41.01 -23.66 -5.99
C GLY A 4 -39.64 -24.29 -6.09
N SER A 5 -39.43 -25.08 -7.14
CA SER A 5 -38.14 -25.75 -7.34
C SER A 5 -37.03 -24.72 -7.59
N SER A 6 -35.80 -25.11 -7.23
CA SER A 6 -34.66 -24.23 -7.42
C SER A 6 -33.51 -24.97 -8.08
N GLY A 7 -33.10 -26.08 -7.47
CA GLY A 7 -32.00 -26.86 -8.02
C GLY A 7 -30.68 -26.57 -7.34
N SER A 8 -29.83 -27.58 -7.25
CA SER A 8 -28.52 -27.43 -6.62
C SER A 8 -27.66 -26.43 -7.38
N GLN A 9 -27.15 -25.42 -6.68
CA GLN A 9 -26.31 -24.39 -7.29
C GLN A 9 -24.96 -24.97 -7.68
N PRO A 10 -24.47 -24.58 -8.87
CA PRO A 10 -23.17 -25.04 -9.39
C PRO A 10 -22.00 -24.46 -8.60
N ASP A 11 -20.79 -24.89 -8.96
CA ASP A 11 -19.59 -24.42 -8.29
C ASP A 11 -19.67 -22.92 -8.02
N HIS A 12 -19.99 -22.57 -6.77
CA HIS A 12 -20.09 -21.17 -6.39
C HIS A 12 -19.46 -20.93 -5.02
N GLY A 13 -19.50 -19.68 -4.56
CA GLY A 13 -18.92 -19.35 -3.27
C GLY A 13 -18.78 -17.86 -3.08
N ARG A 14 -19.59 -17.30 -2.17
CA ARG A 14 -19.56 -15.88 -1.89
C ARG A 14 -18.24 -15.48 -1.23
N LEU A 15 -17.36 -14.86 -2.00
CA LEU A 15 -16.06 -14.43 -1.50
C LEU A 15 -16.08 -12.94 -1.15
N SER A 16 -14.91 -12.42 -0.75
CA SER A 16 -14.80 -11.02 -0.39
C SER A 16 -13.43 -10.48 -0.79
N PRO A 17 -13.33 -9.13 -0.87
CA PRO A 17 -12.08 -8.46 -1.24
C PRO A 17 -11.02 -8.58 -0.15
N PRO A 18 -9.78 -8.16 -0.49
CA PRO A 18 -8.65 -8.21 0.44
C PRO A 18 -8.79 -7.19 1.57
N GLU A 19 -8.13 -7.48 2.70
CA GLU A 19 -8.19 -6.59 3.85
C GLU A 19 -6.94 -5.71 3.92
N ALA A 20 -6.98 -4.70 4.77
CA ALA A 20 -5.86 -3.79 4.94
C ALA A 20 -4.63 -4.52 5.46
N PRO A 21 -3.53 -4.45 4.69
CA PRO A 21 -2.27 -5.10 5.06
C PRO A 21 -1.60 -4.44 6.24
N ASP A 22 -0.67 -5.15 6.87
CA ASP A 22 0.05 -4.62 8.03
C ASP A 22 0.56 -3.21 7.76
N ARG A 23 1.13 -2.58 8.77
CA ARG A 23 1.65 -1.22 8.64
C ARG A 23 3.03 -1.24 7.96
N PRO A 24 3.15 -0.49 6.86
CA PRO A 24 4.40 -0.40 6.10
C PRO A 24 5.48 0.37 6.85
N THR A 25 6.72 -0.11 6.75
CA THR A 25 7.84 0.54 7.43
C THR A 25 8.54 1.52 6.50
N ILE A 26 9.22 2.50 7.09
CA ILE A 26 9.94 3.51 6.33
C ILE A 26 11.44 3.45 6.61
N SER A 27 12.23 3.37 5.54
CA SER A 27 13.69 3.31 5.66
C SER A 27 14.36 4.29 4.72
N THR A 28 15.68 4.38 4.80
CA THR A 28 16.44 5.28 3.96
C THR A 28 16.94 4.57 2.70
N ALA A 29 16.38 4.94 1.56
CA ALA A 29 16.76 4.34 0.29
C ALA A 29 17.49 5.36 -0.60
N SER A 30 17.03 6.60 -0.56
CA SER A 30 17.64 7.66 -1.37
C SER A 30 17.26 9.03 -0.83
N GLU A 31 17.73 10.08 -1.51
CA GLU A 31 17.45 11.45 -1.08
C GLU A 31 16.10 11.91 -1.65
N THR A 32 15.59 11.17 -2.63
CA THR A 32 14.32 11.52 -3.25
C THR A 32 13.31 10.37 -3.12
N SER A 33 13.75 9.29 -2.47
CA SER A 33 12.88 8.13 -2.27
C SER A 33 13.17 7.46 -0.93
N VAL A 34 12.36 6.48 -0.57
CA VAL A 34 12.53 5.75 0.68
C VAL A 34 12.06 4.30 0.55
N TYR A 35 12.73 3.41 1.27
CA TYR A 35 12.38 2.00 1.23
C TYR A 35 11.14 1.71 2.07
N VAL A 36 10.12 1.14 1.44
CA VAL A 36 8.88 0.82 2.14
C VAL A 36 8.60 -0.68 2.10
N THR A 37 8.43 -1.28 3.27
CA THR A 37 8.15 -2.71 3.38
C THR A 37 6.90 -2.97 4.20
N TRP A 38 5.93 -3.66 3.61
CA TRP A 38 4.69 -3.98 4.29
C TRP A 38 4.48 -5.49 4.37
N ILE A 39 3.48 -5.90 5.13
CA ILE A 39 3.17 -7.32 5.29
C ILE A 39 1.66 -7.58 5.16
N PRO A 40 1.26 -8.15 4.02
CA PRO A 40 -0.15 -8.47 3.75
C PRO A 40 -0.66 -9.60 4.62
N ARG A 41 -1.92 -9.49 5.05
CA ARG A 41 -2.54 -10.51 5.90
C ARG A 41 -3.63 -11.25 5.13
N GLY A 42 -4.74 -10.57 4.88
CA GLY A 42 -5.84 -11.18 4.16
C GLY A 42 -5.95 -10.69 2.74
N ASN A 43 -6.33 -11.58 1.83
CA ASN A 43 -6.48 -11.24 0.43
C ASN A 43 -7.93 -11.37 -0.03
N GLY A 44 -8.84 -11.42 0.93
CA GLY A 44 -10.25 -11.55 0.62
C GLY A 44 -10.62 -12.96 0.19
N GLY A 45 -9.61 -13.83 0.05
CA GLY A 45 -9.86 -15.20 -0.35
C GLY A 45 -9.22 -15.53 -1.67
N PHE A 46 -8.88 -14.52 -2.45
CA PHE A 46 -8.25 -14.72 -3.75
C PHE A 46 -6.82 -14.22 -3.75
N PRO A 47 -6.03 -14.65 -4.75
CA PRO A 47 -4.63 -14.26 -4.87
C PRO A 47 -4.47 -12.79 -5.26
N ILE A 48 -3.87 -12.02 -4.37
CA ILE A 48 -3.65 -10.60 -4.63
C ILE A 48 -3.05 -10.37 -6.01
N GLN A 49 -3.72 -9.55 -6.81
CA GLN A 49 -3.25 -9.24 -8.16
C GLN A 49 -2.13 -8.21 -8.13
N SER A 50 -2.34 -7.15 -7.36
CA SER A 50 -1.34 -6.08 -7.25
C SER A 50 -1.61 -5.22 -6.02
N PHE A 51 -0.60 -4.47 -5.60
CA PHE A 51 -0.72 -3.60 -4.43
C PHE A 51 -0.74 -2.14 -4.85
N ARG A 52 -0.96 -1.25 -3.88
CA ARG A 52 -1.01 0.19 -4.14
C ARG A 52 -0.47 0.98 -2.95
N VAL A 53 0.58 1.75 -3.19
CA VAL A 53 1.19 2.56 -2.14
C VAL A 53 0.80 4.02 -2.29
N GLU A 54 0.37 4.63 -1.18
CA GLU A 54 -0.03 6.04 -1.19
C GLU A 54 0.63 6.80 -0.04
N TYR A 55 0.67 8.11 -0.16
CA TYR A 55 1.27 8.95 0.87
C TYR A 55 0.43 10.22 1.11
N LYS A 56 0.84 11.02 2.09
CA LYS A 56 0.13 12.24 2.41
C LYS A 56 1.11 13.32 2.89
N LYS A 57 0.95 14.53 2.37
CA LYS A 57 1.81 15.64 2.76
C LYS A 57 1.34 16.27 4.06
N LEU A 58 2.20 16.22 5.07
CA LEU A 58 1.87 16.79 6.37
C LEU A 58 2.21 18.28 6.42
N LYS A 59 3.36 18.64 5.87
CA LYS A 59 3.80 20.04 5.85
C LYS A 59 3.22 20.76 4.64
N LYS A 60 1.97 20.43 4.29
CA LYS A 60 1.31 21.06 3.16
C LYS A 60 -0.15 20.62 3.10
N VAL A 61 -0.86 21.10 2.07
CA VAL A 61 -2.26 20.75 1.88
C VAL A 61 -2.42 19.53 0.99
N GLY A 62 -3.40 18.69 1.31
CA GLY A 62 -3.64 17.49 0.53
C GLY A 62 -3.93 16.29 1.39
N ASP A 63 -4.86 15.45 0.94
CA ASP A 63 -5.24 14.25 1.68
C ASP A 63 -4.22 13.13 1.47
N TRP A 64 -4.25 12.53 0.28
CA TRP A 64 -3.33 11.46 -0.05
C TRP A 64 -3.08 11.39 -1.55
N ILE A 65 -1.89 10.94 -1.92
CA ILE A 65 -1.52 10.82 -3.33
C ILE A 65 -0.93 9.45 -3.63
N LEU A 66 -1.10 9.00 -4.87
CA LEU A 66 -0.58 7.70 -5.29
C LEU A 66 0.88 7.82 -5.73
N ALA A 67 1.71 6.89 -5.27
CA ALA A 67 3.12 6.90 -5.62
C ALA A 67 3.43 5.84 -6.68
N THR A 68 3.32 4.57 -6.29
CA THR A 68 3.59 3.47 -7.21
C THR A 68 2.40 2.51 -7.27
N SER A 69 2.32 1.75 -8.36
CA SER A 69 1.23 0.80 -8.55
C SER A 69 1.66 -0.35 -9.45
N ALA A 70 0.83 -1.39 -9.52
CA ALA A 70 1.13 -2.54 -10.35
C ALA A 70 2.20 -3.42 -9.71
N ILE A 71 2.33 -3.33 -8.39
CA ILE A 71 3.32 -4.12 -7.67
C ILE A 71 2.88 -5.56 -7.52
N PRO A 72 3.82 -6.49 -7.70
CA PRO A 72 3.56 -7.93 -7.60
C PRO A 72 3.28 -8.36 -6.16
N PRO A 73 2.60 -9.50 -5.99
CA PRO A 73 2.26 -10.05 -4.67
C PRO A 73 3.48 -10.56 -3.93
N SER A 74 4.52 -10.91 -4.67
CA SER A 74 5.74 -11.43 -4.09
C SER A 74 6.60 -10.29 -3.53
N ARG A 75 6.47 -9.12 -4.12
CA ARG A 75 7.22 -7.95 -3.68
C ARG A 75 6.52 -7.26 -2.51
N LEU A 76 7.03 -7.49 -1.31
CA LEU A 76 6.46 -6.90 -0.11
C LEU A 76 7.26 -5.68 0.33
N SER A 77 8.15 -5.22 -0.55
CA SER A 77 8.98 -4.05 -0.25
C SER A 77 9.41 -3.35 -1.54
N VAL A 78 9.21 -2.04 -1.59
CA VAL A 78 9.58 -1.26 -2.76
C VAL A 78 10.05 0.14 -2.36
N GLU A 79 10.78 0.80 -3.26
CA GLU A 79 11.29 2.14 -3.01
C GLU A 79 10.40 3.19 -3.66
N ILE A 80 9.72 3.98 -2.84
CA ILE A 80 8.84 5.02 -3.34
C ILE A 80 9.63 6.24 -3.78
N THR A 81 9.80 6.39 -5.09
CA THR A 81 10.54 7.52 -5.65
C THR A 81 9.59 8.63 -6.09
N GLY A 82 10.15 9.82 -6.27
CA GLY A 82 9.35 10.95 -6.69
C GLY A 82 8.80 11.74 -5.53
N LEU A 83 9.62 11.93 -4.50
CA LEU A 83 9.21 12.67 -3.31
C LEU A 83 9.86 14.06 -3.29
N GLU A 84 9.52 14.84 -2.26
CA GLU A 84 10.06 16.19 -2.13
C GLU A 84 10.76 16.36 -0.77
N LYS A 85 12.00 16.84 -0.81
CA LYS A 85 12.77 17.05 0.41
C LYS A 85 12.17 18.16 1.25
N GLY A 86 12.45 18.12 2.55
CA GLY A 86 11.91 19.14 3.45
C GLY A 86 10.41 19.06 3.58
N ILE A 87 9.83 17.96 3.15
CA ILE A 87 8.38 17.76 3.22
C ILE A 87 8.04 16.43 3.89
N SER A 88 7.44 16.52 5.08
CA SER A 88 7.06 15.34 5.83
C SER A 88 5.79 14.71 5.25
N TYR A 89 5.74 13.39 5.23
CA TYR A 89 4.60 12.67 4.70
C TYR A 89 4.60 11.21 5.18
N LYS A 90 3.43 10.58 5.12
CA LYS A 90 3.30 9.19 5.54
C LYS A 90 3.12 8.27 4.34
N PHE A 91 2.99 6.97 4.61
CA PHE A 91 2.82 5.99 3.55
C PHE A 91 1.82 4.91 3.97
N ARG A 92 1.28 4.20 2.99
CA ARG A 92 0.30 3.14 3.25
C ARG A 92 0.35 2.08 2.16
N VAL A 93 -0.51 1.08 2.27
CA VAL A 93 -0.57 0.00 1.30
C VAL A 93 -2.00 -0.48 1.10
N ARG A 94 -2.32 -0.89 -0.12
CA ARG A 94 -3.65 -1.38 -0.45
C ARG A 94 -3.58 -2.61 -1.35
N ALA A 95 -4.38 -3.62 -1.03
CA ALA A 95 -4.41 -4.85 -1.81
C ALA A 95 -5.56 -4.85 -2.80
N LEU A 96 -5.25 -5.14 -4.06
CA LEU A 96 -6.25 -5.16 -5.12
C LEU A 96 -6.31 -6.53 -5.78
N ASN A 97 -7.47 -7.17 -5.72
CA ASN A 97 -7.66 -8.48 -6.33
C ASN A 97 -8.81 -8.47 -7.32
N MET A 98 -9.17 -9.65 -7.83
CA MET A 98 -10.26 -9.77 -8.78
C MET A 98 -11.61 -9.49 -8.11
N LEU A 99 -11.56 -9.18 -6.82
CA LEU A 99 -12.78 -8.89 -6.07
C LEU A 99 -12.86 -7.40 -5.72
N GLY A 100 -11.71 -6.75 -5.67
CA GLY A 100 -11.68 -5.33 -5.35
C GLY A 100 -10.44 -4.94 -4.56
N GLU A 101 -10.42 -3.71 -4.05
CA GLU A 101 -9.29 -3.22 -3.28
C GLU A 101 -9.54 -3.40 -1.78
N SER A 102 -8.45 -3.41 -1.01
CA SER A 102 -8.54 -3.58 0.43
C SER A 102 -8.55 -2.23 1.13
N GLU A 103 -8.74 -2.25 2.46
CA GLU A 103 -8.76 -1.03 3.25
C GLU A 103 -7.38 -0.38 3.30
N PRO A 104 -7.36 0.93 3.58
CA PRO A 104 -6.11 1.70 3.67
C PRO A 104 -5.29 1.32 4.90
N SER A 105 -4.21 0.57 4.67
CA SER A 105 -3.34 0.13 5.76
C SER A 105 -3.00 1.30 6.68
N ALA A 106 -2.81 1.00 7.96
CA ALA A 106 -2.49 2.02 8.95
C ALA A 106 -1.39 2.95 8.43
N PRO A 107 -1.56 4.26 8.66
CA PRO A 107 -0.59 5.27 8.22
C PRO A 107 0.71 5.22 9.01
N SER A 108 1.72 4.58 8.41
CA SER A 108 3.02 4.45 9.06
C SER A 108 3.48 5.79 9.63
N ARG A 109 4.55 5.76 10.41
CA ARG A 109 5.10 6.97 11.02
C ARG A 109 5.53 7.96 9.94
N PRO A 110 5.44 9.26 10.27
CA PRO A 110 5.82 10.34 9.36
C PRO A 110 7.32 10.40 9.11
N TYR A 111 7.72 10.29 7.85
CA TYR A 111 9.13 10.34 7.49
C TYR A 111 9.47 11.64 6.78
N VAL A 112 10.43 12.38 7.32
CA VAL A 112 10.86 13.65 6.75
C VAL A 112 12.11 13.47 5.89
N VAL A 113 11.92 13.52 4.57
CA VAL A 113 13.03 13.37 3.64
C VAL A 113 13.86 14.63 3.57
N SER A 114 15.06 14.58 4.14
CA SER A 114 15.96 15.73 4.16
C SER A 114 17.14 15.50 3.20
N GLY A 115 17.67 14.28 3.21
CA GLY A 115 18.78 13.95 2.35
C GLY A 115 20.08 13.78 3.12
N SER A 116 20.31 12.56 3.61
CA SER A 116 21.52 12.27 4.37
C SER A 116 22.44 11.32 3.60
N GLY A 117 21.92 10.15 3.27
CA GLY A 117 22.70 9.17 2.54
C GLY A 117 22.81 7.84 3.26
N PRO A 118 23.35 6.82 2.56
CA PRO A 118 23.52 5.49 3.13
C PRO A 118 24.59 5.44 4.21
N SER A 119 24.21 4.97 5.40
CA SER A 119 25.13 4.88 6.53
C SER A 119 25.89 3.56 6.49
N SER A 120 25.15 2.47 6.36
CA SER A 120 25.75 1.13 6.32
C SER A 120 26.02 0.70 4.89
N GLY A 121 27.24 0.95 4.43
CA GLY A 121 27.61 0.57 3.07
C GLY A 121 28.93 -0.17 3.00
N GLY A 1 -2.03 -8.74 -30.36
CA GLY A 1 -1.07 -9.82 -30.49
C GLY A 1 -1.64 -11.17 -30.11
N SER A 2 -0.77 -12.12 -29.78
CA SER A 2 -1.21 -13.46 -29.40
C SER A 2 -1.80 -13.46 -28.00
N SER A 3 -3.06 -13.91 -27.90
CA SER A 3 -3.74 -13.96 -26.61
C SER A 3 -3.50 -15.29 -25.91
N GLY A 4 -3.39 -15.24 -24.59
CA GLY A 4 -3.15 -16.45 -23.81
C GLY A 4 -3.60 -16.31 -22.38
N SER A 5 -4.90 -16.13 -22.18
CA SER A 5 -5.47 -15.98 -20.84
C SER A 5 -6.77 -16.76 -20.71
N SER A 6 -6.94 -17.45 -19.58
CA SER A 6 -8.13 -18.23 -19.34
C SER A 6 -9.36 -17.33 -19.19
N GLY A 7 -9.33 -16.47 -18.17
CA GLY A 7 -10.43 -15.57 -17.95
C GLY A 7 -11.50 -16.18 -17.06
N SER A 8 -11.08 -16.81 -15.97
CA SER A 8 -12.02 -17.44 -15.05
C SER A 8 -12.84 -16.40 -14.31
N GLN A 9 -13.84 -16.86 -13.56
CA GLN A 9 -14.70 -15.97 -12.80
C GLN A 9 -15.29 -16.68 -11.58
N PRO A 10 -15.58 -15.90 -10.52
CA PRO A 10 -16.13 -16.44 -9.28
C PRO A 10 -17.57 -16.89 -9.45
N ASP A 11 -17.86 -18.13 -9.03
CA ASP A 11 -19.20 -18.69 -9.14
C ASP A 11 -19.48 -19.65 -7.98
N HIS A 12 -20.74 -19.71 -7.57
CA HIS A 12 -21.14 -20.59 -6.47
C HIS A 12 -20.25 -20.37 -5.24
N GLY A 13 -19.96 -19.11 -4.95
CA GLY A 13 -19.13 -18.78 -3.80
C GLY A 13 -18.95 -17.29 -3.62
N ARG A 14 -19.75 -16.71 -2.74
CA ARG A 14 -19.68 -15.28 -2.47
C ARG A 14 -18.45 -14.95 -1.64
N LEU A 15 -17.40 -14.48 -2.31
CA LEU A 15 -16.16 -14.12 -1.62
C LEU A 15 -16.13 -12.63 -1.30
N SER A 16 -15.00 -12.17 -0.77
CA SER A 16 -14.84 -10.77 -0.40
C SER A 16 -13.46 -10.26 -0.81
N PRO A 17 -13.33 -8.92 -0.89
CA PRO A 17 -12.07 -8.28 -1.26
C PRO A 17 -11.01 -8.41 -0.18
N PRO A 18 -9.77 -8.03 -0.51
CA PRO A 18 -8.64 -8.09 0.43
C PRO A 18 -8.76 -7.06 1.55
N GLU A 19 -8.13 -7.35 2.68
CA GLU A 19 -8.16 -6.45 3.83
C GLU A 19 -6.91 -5.56 3.86
N ALA A 20 -6.94 -4.56 4.73
CA ALA A 20 -5.80 -3.65 4.86
C ALA A 20 -4.57 -4.38 5.41
N PRO A 21 -3.47 -4.33 4.64
CA PRO A 21 -2.22 -4.98 5.01
C PRO A 21 -1.54 -4.29 6.19
N ASP A 22 -0.61 -4.99 6.82
CA ASP A 22 0.12 -4.44 7.97
C ASP A 22 0.64 -3.04 7.66
N ARG A 23 1.21 -2.40 8.66
CA ARG A 23 1.74 -1.05 8.51
C ARG A 23 3.12 -1.09 7.85
N PRO A 24 3.26 -0.37 6.73
CA PRO A 24 4.52 -0.30 5.98
C PRO A 24 5.60 0.47 6.73
N THR A 25 6.84 0.02 6.61
CA THR A 25 7.96 0.67 7.28
C THR A 25 8.63 1.69 6.36
N ILE A 26 9.46 2.55 6.95
CA ILE A 26 10.16 3.57 6.19
C ILE A 26 11.65 3.55 6.47
N SER A 27 12.44 3.33 5.43
CA SER A 27 13.90 3.27 5.57
C SER A 27 14.57 4.28 4.64
N THR A 28 15.88 4.41 4.77
CA THR A 28 16.64 5.33 3.93
C THR A 28 17.11 4.66 2.64
N ALA A 29 16.43 4.96 1.55
CA ALA A 29 16.78 4.38 0.26
C ALA A 29 17.45 5.42 -0.64
N SER A 30 16.95 6.66 -0.61
CA SER A 30 17.49 7.73 -1.42
C SER A 30 17.08 9.09 -0.86
N GLU A 31 17.72 10.14 -1.37
CA GLU A 31 17.41 11.50 -0.92
C GLU A 31 16.05 11.95 -1.46
N THR A 32 15.57 11.26 -2.47
CA THR A 32 14.28 11.60 -3.08
C THR A 32 13.31 10.43 -2.97
N SER A 33 13.78 9.31 -2.45
CA SER A 33 12.94 8.12 -2.29
C SER A 33 13.27 7.41 -0.99
N VAL A 34 12.46 6.41 -0.65
CA VAL A 34 12.65 5.64 0.57
C VAL A 34 12.16 4.21 0.41
N TYR A 35 12.79 3.29 1.11
CA TYR A 35 12.43 1.87 1.04
C TYR A 35 11.25 1.58 1.97
N VAL A 36 10.14 1.15 1.38
CA VAL A 36 8.94 0.82 2.15
C VAL A 36 8.65 -0.67 2.11
N THR A 37 8.42 -1.26 3.28
CA THR A 37 8.13 -2.68 3.37
C THR A 37 6.88 -2.93 4.20
N TRP A 38 5.93 -3.65 3.61
CA TRP A 38 4.67 -3.96 4.30
C TRP A 38 4.45 -5.47 4.38
N ILE A 39 3.46 -5.88 5.16
CA ILE A 39 3.15 -7.29 5.32
C ILE A 39 1.65 -7.55 5.18
N PRO A 40 1.25 -8.16 4.05
CA PRO A 40 -0.16 -8.46 3.78
C PRO A 40 -0.70 -9.56 4.68
N ARG A 41 -1.95 -9.43 5.09
CA ARG A 41 -2.59 -10.42 5.96
C ARG A 41 -3.66 -11.20 5.20
N GLY A 42 -4.77 -10.52 4.90
CA GLY A 42 -5.85 -11.16 4.19
C GLY A 42 -5.90 -10.78 2.72
N ASN A 43 -6.44 -11.66 1.90
CA ASN A 43 -6.54 -11.41 0.46
C ASN A 43 -7.99 -11.45 0.00
N GLY A 44 -8.91 -11.57 0.95
CA GLY A 44 -10.32 -11.61 0.62
C GLY A 44 -10.77 -12.99 0.17
N GLY A 45 -9.83 -13.94 0.16
CA GLY A 45 -10.16 -15.29 -0.27
C GLY A 45 -9.53 -15.65 -1.60
N PHE A 46 -9.21 -14.63 -2.39
CA PHE A 46 -8.60 -14.84 -3.70
C PHE A 46 -7.15 -14.38 -3.70
N PRO A 47 -6.38 -14.85 -4.70
CA PRO A 47 -4.96 -14.50 -4.83
C PRO A 47 -4.77 -13.04 -5.23
N ILE A 48 -4.10 -12.29 -4.37
CA ILE A 48 -3.83 -10.87 -4.64
C ILE A 48 -3.29 -10.67 -6.04
N GLN A 49 -3.76 -9.63 -6.71
CA GLN A 49 -3.31 -9.32 -8.06
C GLN A 49 -2.16 -8.33 -8.05
N SER A 50 -2.34 -7.23 -7.34
CA SER A 50 -1.31 -6.19 -7.23
C SER A 50 -1.52 -5.34 -6.00
N PHE A 51 -0.49 -4.57 -5.63
CA PHE A 51 -0.56 -3.70 -4.47
C PHE A 51 -0.48 -2.24 -4.88
N ARG A 52 -0.74 -1.35 -3.92
CA ARG A 52 -0.69 0.09 -4.19
C ARG A 52 -0.19 0.85 -2.96
N VAL A 53 0.66 1.84 -3.21
CA VAL A 53 1.23 2.64 -2.13
C VAL A 53 0.81 4.11 -2.25
N GLU A 54 0.37 4.69 -1.15
CA GLU A 54 -0.06 6.08 -1.13
C GLU A 54 0.67 6.87 -0.06
N TYR A 55 0.68 8.19 -0.19
CA TYR A 55 1.34 9.07 0.77
C TYR A 55 0.56 10.36 0.97
N LYS A 56 0.57 10.87 2.18
CA LYS A 56 -0.12 12.12 2.51
C LYS A 56 0.80 13.10 3.20
N LYS A 57 0.77 14.35 2.75
CA LYS A 57 1.61 15.40 3.33
C LYS A 57 1.11 15.80 4.71
N LEU A 58 2.04 16.04 5.63
CA LEU A 58 1.68 16.43 6.99
C LEU A 58 2.03 17.90 7.24
N LYS A 59 3.23 18.29 6.85
CA LYS A 59 3.68 19.67 7.03
C LYS A 59 2.58 20.65 6.65
N LYS A 60 1.78 20.29 5.64
CA LYS A 60 0.69 21.12 5.19
C LYS A 60 -0.43 20.29 4.57
N VAL A 61 -1.59 20.90 4.39
CA VAL A 61 -2.73 20.21 3.80
C VAL A 61 -2.33 19.43 2.55
N GLY A 62 -3.21 18.53 2.11
CA GLY A 62 -2.92 17.74 0.94
C GLY A 62 -3.39 16.30 1.08
N ASP A 63 -4.54 15.99 0.51
CA ASP A 63 -5.09 14.64 0.57
C ASP A 63 -4.03 13.60 0.21
N TRP A 64 -4.41 12.33 0.31
CA TRP A 64 -3.49 11.25 -0.02
C TRP A 64 -3.17 11.23 -1.51
N ILE A 65 -1.96 10.77 -1.84
CA ILE A 65 -1.52 10.71 -3.23
C ILE A 65 -0.99 9.32 -3.57
N LEU A 66 -1.06 8.97 -4.85
CA LEU A 66 -0.58 7.67 -5.31
C LEU A 66 0.90 7.71 -5.64
N ALA A 67 1.70 6.96 -4.89
CA ALA A 67 3.14 6.92 -5.10
C ALA A 67 3.50 5.92 -6.20
N THR A 68 3.12 4.67 -6.00
CA THR A 68 3.40 3.62 -6.97
C THR A 68 2.22 2.67 -7.13
N SER A 69 2.37 1.67 -8.00
CA SER A 69 1.30 0.71 -8.24
C SER A 69 1.78 -0.39 -9.18
N ALA A 70 0.95 -1.42 -9.35
CA ALA A 70 1.28 -2.53 -10.22
C ALA A 70 2.38 -3.40 -9.61
N ILE A 71 2.37 -3.51 -8.28
CA ILE A 71 3.37 -4.31 -7.58
C ILE A 71 2.91 -5.77 -7.45
N PRO A 72 3.85 -6.70 -7.65
CA PRO A 72 3.57 -8.13 -7.56
C PRO A 72 3.31 -8.58 -6.13
N PRO A 73 2.62 -9.72 -5.97
CA PRO A 73 2.30 -10.28 -4.66
C PRO A 73 3.53 -10.81 -3.94
N SER A 74 4.58 -11.09 -4.69
CA SER A 74 5.82 -11.60 -4.12
C SER A 74 6.71 -10.47 -3.62
N ARG A 75 6.37 -9.24 -4.02
CA ARG A 75 7.13 -8.07 -3.61
C ARG A 75 6.42 -7.34 -2.48
N LEU A 76 6.93 -7.48 -1.27
CA LEU A 76 6.35 -6.83 -0.09
C LEU A 76 7.17 -5.62 0.32
N SER A 77 8.08 -5.19 -0.56
CA SER A 77 8.94 -4.04 -0.29
C SER A 77 9.33 -3.34 -1.58
N VAL A 78 9.15 -2.02 -1.62
CA VAL A 78 9.51 -1.24 -2.80
C VAL A 78 10.01 0.15 -2.41
N GLU A 79 10.73 0.80 -3.31
CA GLU A 79 11.26 2.13 -3.06
C GLU A 79 10.37 3.20 -3.69
N ILE A 80 9.76 4.02 -2.85
CA ILE A 80 8.89 5.09 -3.33
C ILE A 80 9.69 6.31 -3.75
N THR A 81 9.85 6.49 -5.05
CA THR A 81 10.60 7.62 -5.58
C THR A 81 9.67 8.71 -6.09
N GLY A 82 10.21 9.91 -6.29
CA GLY A 82 9.40 11.01 -6.77
C GLY A 82 8.80 11.83 -5.64
N LEU A 83 9.57 12.02 -4.58
CA LEU A 83 9.10 12.79 -3.43
C LEU A 83 9.77 14.15 -3.37
N GLU A 84 9.36 14.97 -2.41
CA GLU A 84 9.91 16.31 -2.25
C GLU A 84 10.56 16.47 -0.87
N LYS A 85 11.76 17.02 -0.84
CA LYS A 85 12.49 17.23 0.41
C LYS A 85 11.80 18.29 1.27
N GLY A 86 12.10 18.28 2.56
CA GLY A 86 11.51 19.25 3.46
C GLY A 86 10.01 19.08 3.59
N ILE A 87 9.51 17.94 3.12
CA ILE A 87 8.07 17.65 3.18
C ILE A 87 7.81 16.34 3.91
N SER A 88 7.22 16.43 5.10
CA SER A 88 6.92 15.25 5.89
C SER A 88 5.63 14.59 5.42
N TYR A 89 5.67 13.27 5.27
CA TYR A 89 4.51 12.51 4.82
C TYR A 89 4.58 11.06 5.28
N LYS A 90 3.45 10.37 5.22
CA LYS A 90 3.39 8.98 5.63
C LYS A 90 3.23 8.06 4.42
N PHE A 91 3.19 6.76 4.67
CA PHE A 91 3.03 5.77 3.60
C PHE A 91 2.02 4.70 3.99
N ARG A 92 1.38 4.11 2.97
CA ARG A 92 0.39 3.07 3.21
C ARG A 92 0.39 2.05 2.07
N VAL A 93 -0.35 0.97 2.25
CA VAL A 93 -0.44 -0.08 1.25
C VAL A 93 -1.87 -0.57 1.08
N ARG A 94 -2.26 -0.83 -0.16
CA ARG A 94 -3.61 -1.30 -0.44
C ARG A 94 -3.57 -2.56 -1.32
N ALA A 95 -4.38 -3.55 -0.95
CA ALA A 95 -4.44 -4.80 -1.70
C ALA A 95 -5.55 -4.78 -2.73
N LEU A 96 -5.24 -5.19 -3.95
CA LEU A 96 -6.23 -5.21 -5.03
C LEU A 96 -6.28 -6.59 -5.69
N ASN A 97 -7.45 -7.21 -5.66
CA ASN A 97 -7.63 -8.52 -6.25
C ASN A 97 -8.75 -8.51 -7.29
N MET A 98 -9.11 -9.69 -7.79
CA MET A 98 -10.18 -9.80 -8.77
C MET A 98 -11.54 -9.50 -8.15
N LEU A 99 -11.54 -9.15 -6.87
CA LEU A 99 -12.77 -8.83 -6.17
C LEU A 99 -12.85 -7.34 -5.86
N GLY A 100 -11.70 -6.70 -5.75
CA GLY A 100 -11.66 -5.28 -5.46
C GLY A 100 -10.43 -4.87 -4.69
N GLU A 101 -10.45 -3.68 -4.11
CA GLU A 101 -9.32 -3.17 -3.35
C GLU A 101 -9.60 -3.24 -1.84
N SER A 102 -8.54 -3.24 -1.05
CA SER A 102 -8.68 -3.31 0.41
C SER A 102 -8.60 -1.91 1.02
N GLU A 103 -8.81 -1.84 2.33
CA GLU A 103 -8.77 -0.56 3.04
C GLU A 103 -7.34 -0.04 3.13
N PRO A 104 -7.21 1.28 3.32
CA PRO A 104 -5.91 1.94 3.43
C PRO A 104 -5.17 1.58 4.71
N SER A 105 -4.16 0.73 4.59
CA SER A 105 -3.38 0.30 5.75
C SER A 105 -3.04 1.49 6.64
N ALA A 106 -2.76 1.20 7.91
CA ALA A 106 -2.41 2.24 8.87
C ALA A 106 -1.32 3.15 8.33
N PRO A 107 -1.45 4.46 8.60
CA PRO A 107 -0.47 5.46 8.15
C PRO A 107 0.86 5.33 8.88
N SER A 108 1.84 4.73 8.21
CA SER A 108 3.16 4.55 8.78
C SER A 108 3.68 5.85 9.39
N ARG A 109 4.63 5.73 10.31
CA ARG A 109 5.21 6.90 10.96
C ARG A 109 5.65 7.93 9.93
N PRO A 110 5.65 9.21 10.34
CA PRO A 110 6.04 10.32 9.47
C PRO A 110 7.54 10.33 9.18
N TYR A 111 7.89 10.36 7.90
CA TYR A 111 9.28 10.36 7.48
C TYR A 111 9.63 11.65 6.75
N VAL A 112 10.50 12.45 7.35
CA VAL A 112 10.91 13.72 6.74
C VAL A 112 12.12 13.51 5.83
N VAL A 113 11.88 13.59 4.52
CA VAL A 113 12.94 13.43 3.53
C VAL A 113 13.87 14.63 3.52
N SER A 114 15.07 14.45 4.05
CA SER A 114 16.06 15.53 4.10
C SER A 114 17.18 15.28 3.09
N GLY A 115 18.01 16.30 2.90
CA GLY A 115 19.12 16.17 1.96
C GLY A 115 20.29 15.41 2.53
N SER A 116 20.37 14.12 2.22
CA SER A 116 21.45 13.28 2.72
C SER A 116 21.42 11.90 2.06
N GLY A 117 22.46 11.11 2.30
CA GLY A 117 22.52 9.78 1.72
C GLY A 117 23.56 8.91 2.40
N PRO A 118 23.59 7.62 2.03
CA PRO A 118 24.53 6.66 2.59
C PRO A 118 25.96 6.92 2.14
N SER A 119 26.79 7.41 3.07
CA SER A 119 28.19 7.70 2.76
C SER A 119 28.87 6.50 2.10
N SER A 120 29.39 6.71 0.89
CA SER A 120 30.07 5.65 0.16
C SER A 120 30.85 6.22 -1.02
N GLY A 121 32.11 5.80 -1.13
CA GLY A 121 32.96 6.28 -2.20
C GLY A 121 34.31 6.76 -1.72
N GLY A 1 -44.24 2.05 -19.27
CA GLY A 1 -42.80 2.07 -19.43
C GLY A 1 -42.08 1.67 -18.16
N SER A 2 -41.04 0.85 -18.30
CA SER A 2 -40.27 0.39 -17.16
C SER A 2 -38.89 -0.11 -17.59
N SER A 3 -37.87 0.25 -16.82
CA SER A 3 -36.51 -0.16 -17.12
C SER A 3 -36.38 -1.67 -17.17
N GLY A 4 -35.65 -2.18 -18.16
CA GLY A 4 -35.48 -3.61 -18.30
C GLY A 4 -35.20 -4.28 -16.96
N SER A 5 -35.64 -5.54 -16.84
CA SER A 5 -35.45 -6.29 -15.61
C SER A 5 -34.22 -7.19 -15.71
N SER A 6 -33.84 -7.80 -14.59
CA SER A 6 -32.68 -8.67 -14.55
C SER A 6 -32.82 -9.70 -13.43
N GLY A 7 -32.70 -10.97 -13.79
CA GLY A 7 -32.81 -12.04 -12.81
C GLY A 7 -31.49 -12.34 -12.13
N SER A 8 -31.52 -12.46 -10.80
CA SER A 8 -30.32 -12.74 -10.04
C SER A 8 -30.04 -14.24 -10.00
N GLN A 9 -28.81 -14.62 -10.34
CA GLN A 9 -28.42 -16.03 -10.35
C GLN A 9 -27.91 -16.45 -8.98
N PRO A 10 -28.15 -17.73 -8.63
CA PRO A 10 -27.72 -18.29 -7.34
C PRO A 10 -26.20 -18.45 -7.26
N ASP A 11 -25.62 -18.00 -6.15
CA ASP A 11 -24.18 -18.10 -5.94
C ASP A 11 -23.86 -19.13 -4.87
N HIS A 12 -22.75 -19.84 -5.05
CA HIS A 12 -22.33 -20.85 -4.08
C HIS A 12 -21.04 -20.43 -3.38
N GLY A 13 -20.14 -19.82 -4.13
CA GLY A 13 -18.87 -19.37 -3.57
C GLY A 13 -18.84 -17.88 -3.33
N ARG A 14 -19.33 -17.45 -2.16
CA ARG A 14 -19.36 -16.04 -1.82
C ARG A 14 -18.06 -15.63 -1.13
N LEU A 15 -17.20 -14.92 -1.85
CA LEU A 15 -15.94 -14.47 -1.31
C LEU A 15 -15.97 -12.97 -1.01
N SER A 16 -14.83 -12.42 -0.61
CA SER A 16 -14.73 -11.00 -0.29
C SER A 16 -13.37 -10.44 -0.71
N PRO A 17 -13.29 -9.11 -0.83
CA PRO A 17 -12.06 -8.42 -1.21
C PRO A 17 -10.99 -8.49 -0.13
N PRO A 18 -9.77 -8.08 -0.46
CA PRO A 18 -8.64 -8.08 0.46
C PRO A 18 -8.79 -7.03 1.56
N GLU A 19 -8.15 -7.28 2.70
CA GLU A 19 -8.21 -6.36 3.83
C GLU A 19 -6.98 -5.48 3.88
N ALA A 20 -6.98 -4.51 4.79
CA ALA A 20 -5.85 -3.59 4.94
C ALA A 20 -4.61 -4.33 5.44
N PRO A 21 -3.53 -4.26 4.65
CA PRO A 21 -2.27 -4.92 5.00
C PRO A 21 -1.56 -4.24 6.17
N ASP A 22 -0.62 -4.96 6.77
CA ASP A 22 0.13 -4.43 7.91
C ASP A 22 0.64 -3.03 7.62
N ARG A 23 1.20 -2.39 8.64
CA ARG A 23 1.72 -1.03 8.50
C ARG A 23 3.09 -1.04 7.84
N PRO A 24 3.22 -0.32 6.72
CA PRO A 24 4.48 -0.23 5.97
C PRO A 24 5.54 0.56 6.72
N THR A 25 6.81 0.13 6.59
CA THR A 25 7.91 0.81 7.25
C THR A 25 8.59 1.81 6.33
N ILE A 26 9.43 2.67 6.90
CA ILE A 26 10.14 3.67 6.11
C ILE A 26 11.63 3.64 6.41
N SER A 27 12.43 3.36 5.39
CA SER A 27 13.89 3.31 5.54
C SER A 27 14.56 4.31 4.62
N THR A 28 15.90 4.36 4.69
CA THR A 28 16.67 5.29 3.87
C THR A 28 17.14 4.61 2.59
N ALA A 29 16.42 4.84 1.50
CA ALA A 29 16.77 4.26 0.21
C ALA A 29 17.49 5.27 -0.67
N SER A 30 17.02 6.51 -0.65
CA SER A 30 17.60 7.57 -1.46
C SER A 30 17.23 8.94 -0.90
N GLU A 31 17.72 9.99 -1.56
CA GLU A 31 17.43 11.36 -1.14
C GLU A 31 16.06 11.81 -1.64
N THR A 32 15.57 11.15 -2.68
CA THR A 32 14.28 11.49 -3.25
C THR A 32 13.30 10.32 -3.16
N SER A 33 13.76 9.25 -2.51
CA SER A 33 12.92 8.05 -2.34
C SER A 33 13.19 7.39 -0.99
N VAL A 34 12.41 6.36 -0.68
CA VAL A 34 12.57 5.63 0.57
C VAL A 34 12.08 4.20 0.44
N TYR A 35 12.79 3.28 1.09
CA TYR A 35 12.43 1.87 1.04
C TYR A 35 11.25 1.57 1.96
N VAL A 36 10.17 1.06 1.38
CA VAL A 36 8.97 0.74 2.15
C VAL A 36 8.71 -0.76 2.13
N THR A 37 8.48 -1.34 3.31
CA THR A 37 8.21 -2.77 3.43
C THR A 37 6.95 -3.02 4.24
N TRP A 38 5.97 -3.67 3.63
CA TRP A 38 4.71 -3.98 4.30
C TRP A 38 4.46 -5.48 4.32
N ILE A 39 3.44 -5.90 5.06
CA ILE A 39 3.10 -7.31 5.17
C ILE A 39 1.59 -7.52 5.04
N PRO A 40 1.17 -8.14 3.93
CA PRO A 40 -0.24 -8.40 3.65
C PRO A 40 -0.81 -9.49 4.57
N ARG A 41 -1.96 -9.20 5.17
CA ARG A 41 -2.61 -10.14 6.08
C ARG A 41 -3.66 -10.96 5.34
N GLY A 42 -4.75 -10.32 4.96
CA GLY A 42 -5.82 -11.01 4.26
C GLY A 42 -5.85 -10.67 2.77
N ASN A 43 -6.29 -11.62 1.96
CA ASN A 43 -6.37 -11.42 0.52
C ASN A 43 -7.81 -11.54 0.03
N GLY A 44 -8.75 -11.60 0.97
CA GLY A 44 -10.14 -11.71 0.61
C GLY A 44 -10.52 -13.10 0.15
N GLY A 45 -9.55 -14.02 0.19
CA GLY A 45 -9.81 -15.38 -0.23
C GLY A 45 -9.16 -15.71 -1.56
N PHE A 46 -8.88 -14.68 -2.34
CA PHE A 46 -8.25 -14.87 -3.64
C PHE A 46 -6.80 -14.35 -3.63
N PRO A 47 -6.02 -14.79 -4.62
CA PRO A 47 -4.61 -14.38 -4.75
C PRO A 47 -4.47 -12.92 -5.15
N ILE A 48 -3.90 -12.12 -4.25
CA ILE A 48 -3.69 -10.70 -4.52
C ILE A 48 -3.12 -10.48 -5.91
N GLN A 49 -3.78 -9.60 -6.68
CA GLN A 49 -3.34 -9.29 -8.03
C GLN A 49 -2.22 -8.27 -8.03
N SER A 50 -2.41 -7.19 -7.26
CA SER A 50 -1.42 -6.13 -7.16
C SER A 50 -1.67 -5.26 -5.94
N PHE A 51 -0.65 -4.52 -5.52
CA PHE A 51 -0.77 -3.64 -4.36
C PHE A 51 -0.78 -2.18 -4.80
N ARG A 52 -0.91 -1.28 -3.82
CA ARG A 52 -0.93 0.15 -4.10
C ARG A 52 -0.37 0.94 -2.93
N VAL A 53 0.68 1.72 -3.20
CA VAL A 53 1.31 2.53 -2.17
C VAL A 53 0.95 4.00 -2.32
N GLU A 54 0.43 4.59 -1.26
CA GLU A 54 0.04 6.00 -1.27
C GLU A 54 0.59 6.74 -0.05
N TYR A 55 0.93 8.01 -0.24
CA TYR A 55 1.47 8.82 0.85
C TYR A 55 0.59 10.03 1.11
N LYS A 56 0.93 10.80 2.14
CA LYS A 56 0.17 11.99 2.50
C LYS A 56 1.09 13.05 3.11
N LYS A 57 0.91 14.29 2.68
CA LYS A 57 1.71 15.40 3.18
C LYS A 57 1.16 15.93 4.49
N LEU A 58 2.00 15.97 5.51
CA LEU A 58 1.60 16.46 6.83
C LEU A 58 1.71 17.98 6.91
N LYS A 59 2.86 18.50 6.49
CA LYS A 59 3.10 19.95 6.51
C LYS A 59 2.71 20.57 5.19
N LYS A 60 1.52 20.24 4.69
CA LYS A 60 1.04 20.78 3.43
C LYS A 60 -0.48 20.68 3.34
N VAL A 61 -1.04 21.11 2.22
CA VAL A 61 -2.48 21.06 2.01
C VAL A 61 -2.85 19.88 1.12
N GLY A 62 -1.92 19.44 0.28
CA GLY A 62 -2.18 18.32 -0.61
C GLY A 62 -2.65 17.09 0.13
N ASP A 63 -3.66 16.43 -0.41
CA ASP A 63 -4.20 15.22 0.21
C ASP A 63 -3.40 13.99 -0.20
N TRP A 64 -3.85 12.82 0.24
CA TRP A 64 -3.17 11.57 -0.08
C TRP A 64 -2.89 11.47 -1.57
N ILE A 65 -1.66 11.06 -1.91
CA ILE A 65 -1.27 10.92 -3.30
C ILE A 65 -0.85 9.49 -3.62
N LEU A 66 -0.67 9.20 -4.90
CA LEU A 66 -0.27 7.87 -5.34
C LEU A 66 1.19 7.83 -5.73
N ALA A 67 1.97 6.98 -5.06
CA ALA A 67 3.39 6.86 -5.35
C ALA A 67 3.65 5.86 -6.47
N THR A 68 3.37 4.59 -6.19
CA THR A 68 3.57 3.53 -7.17
C THR A 68 2.33 2.66 -7.30
N SER A 69 2.42 1.62 -8.12
CA SER A 69 1.30 0.70 -8.33
C SER A 69 1.71 -0.47 -9.21
N ALA A 70 0.75 -1.34 -9.50
CA ALA A 70 1.02 -2.51 -10.33
C ALA A 70 2.11 -3.39 -9.71
N ILE A 71 2.23 -3.33 -8.39
CA ILE A 71 3.22 -4.12 -7.67
C ILE A 71 2.79 -5.58 -7.55
N PRO A 72 3.73 -6.50 -7.76
CA PRO A 72 3.47 -7.94 -7.68
C PRO A 72 3.21 -8.40 -6.24
N PRO A 73 2.51 -9.53 -6.09
CA PRO A 73 2.19 -10.11 -4.78
C PRO A 73 3.42 -10.64 -4.07
N SER A 74 4.44 -11.00 -4.83
CA SER A 74 5.68 -11.52 -4.27
C SER A 74 6.56 -10.41 -3.72
N ARG A 75 6.29 -9.17 -4.16
CA ARG A 75 7.04 -8.02 -3.72
C ARG A 75 6.33 -7.30 -2.57
N LEU A 76 6.83 -7.52 -1.36
CA LEU A 76 6.24 -6.90 -0.18
C LEU A 76 7.05 -5.69 0.26
N SER A 77 7.94 -5.22 -0.62
CA SER A 77 8.77 -4.07 -0.32
C SER A 77 9.23 -3.39 -1.61
N VAL A 78 9.10 -2.07 -1.65
CA VAL A 78 9.51 -1.29 -2.82
C VAL A 78 10.04 0.08 -2.43
N GLU A 79 10.75 0.72 -3.34
CA GLU A 79 11.31 2.04 -3.09
C GLU A 79 10.43 3.14 -3.68
N ILE A 80 9.78 3.91 -2.82
CA ILE A 80 8.91 4.99 -3.26
C ILE A 80 9.72 6.19 -3.71
N THR A 81 9.76 6.41 -5.03
CA THR A 81 10.50 7.52 -5.60
C THR A 81 9.56 8.68 -5.95
N GLY A 82 10.14 9.84 -6.23
CA GLY A 82 9.35 10.99 -6.58
C GLY A 82 8.78 11.70 -5.36
N LEU A 83 9.62 11.88 -4.34
CA LEU A 83 9.21 12.54 -3.11
C LEU A 83 9.64 14.00 -3.10
N GLU A 84 9.38 14.68 -1.99
CA GLU A 84 9.76 16.08 -1.85
C GLU A 84 10.46 16.33 -0.52
N LYS A 85 11.70 16.80 -0.59
CA LYS A 85 12.48 17.09 0.60
C LYS A 85 11.83 18.19 1.44
N GLY A 86 12.14 18.20 2.73
CA GLY A 86 11.57 19.20 3.62
C GLY A 86 10.06 19.09 3.71
N ILE A 87 9.52 17.99 3.24
CA ILE A 87 8.08 17.76 3.28
C ILE A 87 7.75 16.43 3.95
N SER A 88 7.33 16.51 5.21
CA SER A 88 6.97 15.32 5.97
C SER A 88 5.73 14.65 5.40
N TYR A 89 5.71 13.33 5.39
CA TYR A 89 4.59 12.58 4.87
C TYR A 89 4.64 11.12 5.31
N LYS A 90 3.51 10.43 5.21
CA LYS A 90 3.42 9.03 5.60
C LYS A 90 3.28 8.13 4.38
N PHE A 91 3.09 6.84 4.62
CA PHE A 91 2.93 5.87 3.55
C PHE A 91 1.94 4.78 3.93
N ARG A 92 1.27 4.23 2.93
CA ARG A 92 0.28 3.17 3.16
C ARG A 92 0.35 2.12 2.06
N VAL A 93 -0.43 1.05 2.22
CA VAL A 93 -0.47 -0.02 1.24
C VAL A 93 -1.89 -0.57 1.07
N ARG A 94 -2.28 -0.78 -0.18
CA ARG A 94 -3.61 -1.30 -0.49
C ARG A 94 -3.53 -2.55 -1.34
N ALA A 95 -4.42 -3.51 -1.07
CA ALA A 95 -4.44 -4.76 -1.83
C ALA A 95 -5.58 -4.76 -2.83
N LEU A 96 -5.26 -5.12 -4.07
CA LEU A 96 -6.26 -5.18 -5.14
C LEU A 96 -6.29 -6.56 -5.79
N ASN A 97 -7.44 -7.21 -5.71
CA ASN A 97 -7.60 -8.54 -6.29
C ASN A 97 -8.77 -8.56 -7.28
N MET A 98 -9.09 -9.75 -7.77
CA MET A 98 -10.19 -9.91 -8.72
C MET A 98 -11.53 -9.63 -8.05
N LEU A 99 -11.50 -9.33 -6.76
CA LEU A 99 -12.71 -9.04 -6.01
C LEU A 99 -12.84 -7.54 -5.72
N GLY A 100 -11.70 -6.86 -5.68
CA GLY A 100 -11.70 -5.43 -5.42
C GLY A 100 -10.47 -4.97 -4.67
N GLU A 101 -10.52 -3.77 -4.11
CA GLU A 101 -9.39 -3.22 -3.36
C GLU A 101 -9.65 -3.29 -1.85
N SER A 102 -8.56 -3.27 -1.08
CA SER A 102 -8.68 -3.33 0.38
C SER A 102 -8.62 -1.94 0.98
N GLU A 103 -8.81 -1.87 2.30
CA GLU A 103 -8.78 -0.58 3.00
C GLU A 103 -7.36 -0.04 3.07
N PRO A 104 -7.26 1.29 3.29
CA PRO A 104 -5.95 1.96 3.38
C PRO A 104 -5.19 1.59 4.65
N SER A 105 -4.14 0.78 4.47
CA SER A 105 -3.32 0.35 5.60
C SER A 105 -3.00 1.52 6.52
N ALA A 106 -2.75 1.21 7.79
CA ALA A 106 -2.41 2.24 8.78
C ALA A 106 -1.34 3.18 8.25
N PRO A 107 -1.49 4.48 8.53
CA PRO A 107 -0.54 5.50 8.09
C PRO A 107 0.79 5.41 8.83
N SER A 108 1.74 4.71 8.23
CA SER A 108 3.07 4.54 8.83
C SER A 108 3.55 5.85 9.44
N ARG A 109 4.50 5.75 10.38
CA ARG A 109 5.04 6.91 11.04
C ARG A 109 5.51 7.96 10.03
N PRO A 110 5.48 9.23 10.43
CA PRO A 110 5.89 10.35 9.57
C PRO A 110 7.40 10.35 9.31
N TYR A 111 7.77 10.45 8.04
CA TYR A 111 9.17 10.46 7.66
C TYR A 111 9.53 11.76 6.94
N VAL A 112 10.44 12.52 7.53
CA VAL A 112 10.88 13.79 6.94
C VAL A 112 12.12 13.60 6.07
N VAL A 113 11.91 13.58 4.76
CA VAL A 113 13.01 13.41 3.82
C VAL A 113 13.93 14.63 3.82
N SER A 114 15.12 14.48 4.41
CA SER A 114 16.08 15.56 4.48
C SER A 114 17.16 15.40 3.42
N GLY A 115 17.58 14.16 3.19
CA GLY A 115 18.61 13.88 2.20
C GLY A 115 19.64 12.90 2.71
N SER A 116 20.59 13.40 3.51
CA SER A 116 21.65 12.57 4.05
C SER A 116 21.08 11.27 4.65
N GLY A 117 21.95 10.29 4.85
CA GLY A 117 21.51 9.03 5.40
C GLY A 117 22.50 7.90 5.16
N PRO A 118 22.29 6.76 5.82
CA PRO A 118 23.16 5.59 5.69
C PRO A 118 23.06 4.94 4.31
N SER A 119 23.56 3.71 4.20
CA SER A 119 23.53 2.98 2.93
C SER A 119 23.15 1.52 3.17
N SER A 120 22.43 0.94 2.22
CA SER A 120 22.02 -0.45 2.31
C SER A 120 23.20 -1.36 2.60
N GLY A 121 24.25 -1.21 1.80
CA GLY A 121 25.44 -2.03 1.99
C GLY A 121 25.47 -3.23 1.05
N GLY A 1 -18.43 5.37 -1.36
CA GLY A 1 -18.48 4.98 0.03
C GLY A 1 -17.36 4.03 0.41
N SER A 2 -17.63 3.14 1.36
CA SER A 2 -16.64 2.18 1.81
C SER A 2 -17.31 0.98 2.49
N SER A 3 -16.68 -0.19 2.38
CA SER A 3 -17.22 -1.41 2.97
C SER A 3 -16.16 -2.51 2.98
N GLY A 4 -16.38 -3.50 3.84
CA GLY A 4 -15.44 -4.61 3.94
C GLY A 4 -15.80 -5.58 5.04
N SER A 5 -15.88 -6.86 4.70
CA SER A 5 -16.22 -7.90 5.66
C SER A 5 -15.44 -9.18 5.40
N SER A 6 -14.76 -9.66 6.43
CA SER A 6 -13.96 -10.88 6.31
C SER A 6 -13.56 -11.41 7.68
N GLY A 7 -13.52 -12.73 7.81
CA GLY A 7 -13.15 -13.34 9.07
C GLY A 7 -13.65 -14.76 9.20
N SER A 8 -13.28 -15.62 8.24
CA SER A 8 -13.71 -17.00 8.25
C SER A 8 -12.93 -17.82 7.23
N GLN A 9 -12.99 -19.14 7.35
CA GLN A 9 -12.29 -20.03 6.44
C GLN A 9 -12.63 -19.71 4.98
N PRO A 10 -11.62 -19.72 4.12
CA PRO A 10 -11.79 -19.43 2.69
C PRO A 10 -12.56 -20.53 1.96
N ASP A 11 -13.83 -20.26 1.67
CA ASP A 11 -14.66 -21.23 0.97
C ASP A 11 -14.96 -20.77 -0.46
N HIS A 12 -15.31 -21.71 -1.33
CA HIS A 12 -15.62 -21.40 -2.71
C HIS A 12 -17.03 -20.84 -2.84
N GLY A 13 -17.13 -19.66 -3.44
CA GLY A 13 -18.44 -19.04 -3.61
C GLY A 13 -18.42 -17.57 -3.24
N ARG A 14 -19.36 -17.16 -2.38
CA ARG A 14 -19.45 -15.77 -1.95
C ARG A 14 -18.16 -15.32 -1.27
N LEU A 15 -17.19 -14.90 -2.08
CA LEU A 15 -15.91 -14.44 -1.55
C LEU A 15 -15.94 -12.95 -1.23
N SER A 16 -14.81 -12.42 -0.81
CA SER A 16 -14.71 -10.99 -0.47
C SER A 16 -13.35 -10.44 -0.86
N PRO A 17 -13.26 -9.10 -0.96
CA PRO A 17 -12.02 -8.42 -1.33
C PRO A 17 -10.97 -8.50 -0.23
N PRO A 18 -9.74 -8.08 -0.54
CA PRO A 18 -8.62 -8.09 0.40
C PRO A 18 -8.79 -7.06 1.51
N GLU A 19 -8.13 -7.29 2.65
CA GLU A 19 -8.22 -6.38 3.78
C GLU A 19 -6.96 -5.51 3.86
N ALA A 20 -7.04 -4.45 4.66
CA ALA A 20 -5.92 -3.54 4.83
C ALA A 20 -4.69 -4.26 5.36
N PRO A 21 -3.58 -4.19 4.61
CA PRO A 21 -2.32 -4.83 4.99
C PRO A 21 -1.67 -4.18 6.20
N ASP A 22 -0.72 -4.89 6.81
CA ASP A 22 -0.03 -4.37 7.99
C ASP A 22 0.53 -2.98 7.72
N ARG A 23 1.13 -2.37 8.73
CA ARG A 23 1.70 -1.04 8.61
C ARG A 23 3.07 -1.09 7.94
N PRO A 24 3.21 -0.37 6.82
CA PRO A 24 4.46 -0.31 6.07
C PRO A 24 5.55 0.45 6.80
N THR A 25 6.79 -0.03 6.68
CA THR A 25 7.92 0.61 7.35
C THR A 25 8.60 1.60 6.42
N ILE A 26 9.41 2.48 7.01
CA ILE A 26 10.13 3.49 6.23
C ILE A 26 11.63 3.41 6.47
N SER A 27 12.39 3.37 5.38
CA SER A 27 13.85 3.28 5.46
C SER A 27 14.51 4.24 4.48
N THR A 28 15.81 4.46 4.67
CA THR A 28 16.55 5.36 3.80
C THR A 28 16.97 4.65 2.51
N ALA A 29 16.35 5.04 1.40
CA ALA A 29 16.65 4.45 0.10
C ALA A 29 17.33 5.45 -0.82
N SER A 30 16.91 6.71 -0.71
CA SER A 30 17.48 7.77 -1.54
C SER A 30 17.12 9.15 -0.98
N GLU A 31 17.54 10.20 -1.69
CA GLU A 31 17.26 11.56 -1.27
C GLU A 31 15.90 12.02 -1.79
N THR A 32 15.35 11.27 -2.75
CA THR A 32 14.06 11.60 -3.33
C THR A 32 13.08 10.44 -3.18
N SER A 33 13.55 9.34 -2.60
CA SER A 33 12.72 8.17 -2.40
C SER A 33 13.03 7.49 -1.07
N VAL A 34 12.27 6.45 -0.74
CA VAL A 34 12.46 5.73 0.50
C VAL A 34 11.98 4.29 0.38
N TYR A 35 12.68 3.37 1.03
CA TYR A 35 12.31 1.96 0.99
C TYR A 35 11.14 1.66 1.92
N VAL A 36 10.09 1.08 1.38
CA VAL A 36 8.90 0.75 2.16
C VAL A 36 8.63 -0.74 2.13
N THR A 37 8.40 -1.33 3.31
CA THR A 37 8.12 -2.75 3.42
C THR A 37 6.86 -3.00 4.24
N TRP A 38 5.86 -3.61 3.61
CA TRP A 38 4.60 -3.92 4.29
C TRP A 38 4.40 -5.43 4.39
N ILE A 39 3.39 -5.83 5.16
CA ILE A 39 3.08 -7.23 5.34
C ILE A 39 1.58 -7.49 5.17
N PRO A 40 1.22 -8.12 4.03
CA PRO A 40 -0.17 -8.45 3.72
C PRO A 40 -0.73 -9.54 4.63
N ARG A 41 -1.94 -9.32 5.13
CA ARG A 41 -2.58 -10.29 6.02
C ARG A 41 -3.67 -11.06 5.27
N GLY A 42 -4.77 -10.36 4.95
CA GLY A 42 -5.86 -11.00 4.25
C GLY A 42 -5.92 -10.60 2.79
N ASN A 43 -6.30 -11.55 1.94
CA ASN A 43 -6.39 -11.29 0.50
C ASN A 43 -7.83 -11.43 0.01
N GLY A 44 -8.76 -11.47 0.96
CA GLY A 44 -10.17 -11.59 0.61
C GLY A 44 -10.53 -13.00 0.17
N GLY A 45 -9.54 -13.89 0.14
CA GLY A 45 -9.78 -15.26 -0.25
C GLY A 45 -9.12 -15.60 -1.58
N PHE A 46 -8.83 -14.58 -2.37
CA PHE A 46 -8.19 -14.77 -3.67
C PHE A 46 -6.75 -14.26 -3.65
N PRO A 47 -5.95 -14.72 -4.62
CA PRO A 47 -4.54 -14.31 -4.74
C PRO A 47 -4.38 -12.86 -5.15
N ILE A 48 -3.84 -12.05 -4.24
CA ILE A 48 -3.64 -10.63 -4.51
C ILE A 48 -3.08 -10.41 -5.92
N GLN A 49 -3.75 -9.55 -6.68
CA GLN A 49 -3.32 -9.25 -8.05
C GLN A 49 -2.19 -8.21 -8.06
N SER A 50 -2.37 -7.16 -7.27
CA SER A 50 -1.38 -6.09 -7.20
C SER A 50 -1.61 -5.20 -5.98
N PHE A 51 -0.58 -4.49 -5.56
CA PHE A 51 -0.68 -3.60 -4.40
C PHE A 51 -0.68 -2.14 -4.84
N ARG A 52 -0.91 -1.25 -3.88
CA ARG A 52 -0.94 0.19 -4.16
C ARG A 52 -0.44 0.98 -2.96
N VAL A 53 0.57 1.82 -3.20
CA VAL A 53 1.14 2.64 -2.13
C VAL A 53 0.73 4.10 -2.29
N GLU A 54 0.43 4.75 -1.17
CA GLU A 54 0.02 6.15 -1.18
C GLU A 54 0.72 6.93 -0.07
N TYR A 55 0.93 8.22 -0.29
CA TYR A 55 1.58 9.08 0.68
C TYR A 55 0.72 10.29 1.00
N LYS A 56 1.06 10.97 2.10
CA LYS A 56 0.31 12.16 2.50
C LYS A 56 1.26 13.21 3.11
N LYS A 57 1.10 14.46 2.67
CA LYS A 57 1.94 15.54 3.17
C LYS A 57 1.41 16.06 4.51
N LEU A 58 2.33 16.32 5.43
CA LEU A 58 1.98 16.83 6.75
C LEU A 58 2.16 18.33 6.83
N LYS A 59 3.24 18.83 6.24
CA LYS A 59 3.53 20.26 6.23
C LYS A 59 2.38 21.05 5.61
N LYS A 60 2.24 20.93 4.29
CA LYS A 60 1.19 21.62 3.56
C LYS A 60 -0.03 20.74 3.41
N VAL A 61 -1.02 21.22 2.67
CA VAL A 61 -2.25 20.48 2.43
C VAL A 61 -1.98 18.98 2.40
N GLY A 62 -2.41 18.28 3.44
CA GLY A 62 -2.21 16.84 3.51
C GLY A 62 -3.27 16.07 2.75
N ASP A 63 -2.84 15.39 1.69
CA ASP A 63 -3.76 14.61 0.87
C ASP A 63 -3.10 13.30 0.42
N TRP A 64 -3.87 12.21 0.47
CA TRP A 64 -3.36 10.91 0.08
C TRP A 64 -3.19 10.84 -1.44
N ILE A 65 -1.96 10.60 -1.88
CA ILE A 65 -1.66 10.51 -3.30
C ILE A 65 -1.14 9.12 -3.67
N LEU A 66 -1.00 8.86 -4.96
CA LEU A 66 -0.51 7.58 -5.45
C LEU A 66 0.93 7.68 -5.91
N ALA A 67 1.77 6.77 -5.43
CA ALA A 67 3.18 6.74 -5.80
C ALA A 67 3.46 5.66 -6.83
N THR A 68 3.39 4.40 -6.40
CA THR A 68 3.64 3.28 -7.28
C THR A 68 2.39 2.41 -7.44
N SER A 69 2.46 1.45 -8.35
CA SER A 69 1.34 0.56 -8.61
C SER A 69 1.76 -0.62 -9.48
N ALA A 70 0.90 -1.62 -9.56
CA ALA A 70 1.18 -2.81 -10.36
C ALA A 70 2.27 -3.66 -9.72
N ILE A 71 2.35 -3.58 -8.39
CA ILE A 71 3.35 -4.35 -7.65
C ILE A 71 2.91 -5.80 -7.49
N PRO A 72 3.86 -6.73 -7.67
CA PRO A 72 3.60 -8.17 -7.55
C PRO A 72 3.33 -8.59 -6.11
N PRO A 73 2.64 -9.72 -5.95
CA PRO A 73 2.31 -10.27 -4.63
C PRO A 73 3.53 -10.79 -3.89
N SER A 74 4.59 -11.07 -4.63
CA SER A 74 5.83 -11.58 -4.04
C SER A 74 6.69 -10.43 -3.51
N ARG A 75 6.49 -9.24 -4.06
CA ARG A 75 7.23 -8.07 -3.63
C ARG A 75 6.52 -7.34 -2.50
N LEU A 76 6.98 -7.59 -1.27
CA LEU A 76 6.38 -6.96 -0.10
C LEU A 76 7.17 -5.72 0.31
N SER A 77 8.02 -5.24 -0.60
CA SER A 77 8.82 -4.06 -0.33
C SER A 77 9.22 -3.37 -1.63
N VAL A 78 9.13 -2.04 -1.65
CA VAL A 78 9.48 -1.27 -2.83
C VAL A 78 9.99 0.12 -2.45
N GLU A 79 10.66 0.78 -3.39
CA GLU A 79 11.21 2.11 -3.15
C GLU A 79 10.28 3.18 -3.71
N ILE A 80 9.67 3.96 -2.83
CA ILE A 80 8.77 5.03 -3.24
C ILE A 80 9.54 6.27 -3.69
N THR A 81 9.65 6.45 -5.01
CA THR A 81 10.36 7.60 -5.56
C THR A 81 9.39 8.71 -5.95
N GLY A 82 9.94 9.88 -6.25
CA GLY A 82 9.11 11.01 -6.63
C GLY A 82 8.57 11.77 -5.44
N LEU A 83 9.41 11.94 -4.42
CA LEU A 83 9.01 12.65 -3.21
C LEU A 83 9.61 14.05 -3.18
N GLU A 84 9.39 14.76 -2.07
CA GLU A 84 9.92 16.12 -1.92
C GLU A 84 10.70 16.25 -0.61
N LYS A 85 11.90 16.81 -0.70
CA LYS A 85 12.74 17.00 0.48
C LYS A 85 12.18 18.10 1.37
N GLY A 86 12.54 18.04 2.65
CA GLY A 86 12.07 19.05 3.59
C GLY A 86 10.57 18.98 3.81
N ILE A 87 9.94 17.90 3.33
CA ILE A 87 8.51 17.73 3.47
C ILE A 87 8.19 16.39 4.14
N SER A 88 7.58 16.46 5.32
CA SER A 88 7.22 15.26 6.05
C SER A 88 5.91 14.67 5.53
N TYR A 89 5.90 13.35 5.36
CA TYR A 89 4.72 12.65 4.87
C TYR A 89 4.69 11.20 5.33
N LYS A 90 3.53 10.58 5.24
CA LYS A 90 3.37 9.19 5.66
C LYS A 90 3.21 8.28 4.44
N PHE A 91 3.09 6.98 4.70
CA PHE A 91 2.94 6.00 3.63
C PHE A 91 1.88 4.96 3.99
N ARG A 92 1.35 4.27 2.98
CA ARG A 92 0.34 3.26 3.19
C ARG A 92 0.42 2.18 2.12
N VAL A 93 -0.44 1.17 2.23
CA VAL A 93 -0.47 0.08 1.27
C VAL A 93 -1.88 -0.47 1.10
N ARG A 94 -2.27 -0.75 -0.14
CA ARG A 94 -3.59 -1.27 -0.44
C ARG A 94 -3.51 -2.51 -1.33
N ALA A 95 -4.37 -3.48 -1.06
CA ALA A 95 -4.38 -4.72 -1.83
C ALA A 95 -5.52 -4.72 -2.85
N LEU A 96 -5.20 -5.08 -4.09
CA LEU A 96 -6.19 -5.11 -5.15
C LEU A 96 -6.22 -6.48 -5.82
N ASN A 97 -7.38 -7.14 -5.76
CA ASN A 97 -7.55 -8.45 -6.37
C ASN A 97 -8.69 -8.46 -7.36
N MET A 98 -9.01 -9.64 -7.88
CA MET A 98 -10.10 -9.78 -8.85
C MET A 98 -11.45 -9.50 -8.20
N LEU A 99 -11.43 -9.21 -6.91
CA LEU A 99 -12.66 -8.93 -6.16
C LEU A 99 -12.77 -7.44 -5.85
N GLY A 100 -11.63 -6.76 -5.79
CA GLY A 100 -11.62 -5.34 -5.50
C GLY A 100 -10.39 -4.91 -4.73
N GLU A 101 -10.44 -3.70 -4.16
CA GLU A 101 -9.31 -3.19 -3.39
C GLU A 101 -9.58 -3.33 -1.89
N SER A 102 -8.49 -3.32 -1.11
CA SER A 102 -8.61 -3.46 0.33
C SER A 102 -8.64 -2.09 1.01
N GLU A 103 -8.84 -2.09 2.33
CA GLU A 103 -8.89 -0.85 3.10
C GLU A 103 -7.51 -0.20 3.17
N PRO A 104 -7.49 1.12 3.46
CA PRO A 104 -6.25 1.88 3.57
C PRO A 104 -5.44 1.49 4.80
N SER A 105 -4.31 0.82 4.58
CA SER A 105 -3.45 0.39 5.67
C SER A 105 -3.14 1.56 6.61
N ALA A 106 -2.85 1.23 7.86
CA ALA A 106 -2.53 2.26 8.86
C ALA A 106 -1.42 3.18 8.36
N PRO A 107 -1.57 4.48 8.65
CA PRO A 107 -0.59 5.50 8.24
C PRO A 107 0.73 5.37 9.00
N SER A 108 1.70 4.71 8.37
CA SER A 108 3.01 4.52 8.98
C SER A 108 3.52 5.81 9.59
N ARG A 109 4.57 5.71 10.40
CA ARG A 109 5.16 6.88 11.05
C ARG A 109 5.63 7.90 10.02
N PRO A 110 5.64 9.18 10.43
CA PRO A 110 6.06 10.28 9.55
C PRO A 110 7.55 10.25 9.26
N TYR A 111 7.91 10.45 8.00
CA TYR A 111 9.31 10.45 7.59
C TYR A 111 9.67 11.74 6.88
N VAL A 112 10.69 12.42 7.39
CA VAL A 112 11.15 13.68 6.80
C VAL A 112 12.34 13.45 5.88
N VAL A 113 12.09 13.45 4.57
CA VAL A 113 13.15 13.25 3.59
C VAL A 113 14.08 14.46 3.54
N SER A 114 15.28 14.31 4.09
CA SER A 114 16.25 15.39 4.11
C SER A 114 17.49 15.00 3.29
N GLY A 115 17.66 15.67 2.15
CA GLY A 115 18.80 15.39 1.29
C GLY A 115 19.20 13.92 1.33
N SER A 116 20.50 13.67 1.18
CA SER A 116 21.00 12.29 1.19
C SER A 116 21.16 11.78 2.62
N GLY A 117 20.68 10.57 2.86
CA GLY A 117 20.77 9.98 4.18
C GLY A 117 22.09 9.25 4.40
N PRO A 118 22.11 8.36 5.40
CA PRO A 118 23.31 7.58 5.73
C PRO A 118 23.65 6.55 4.66
N SER A 119 24.85 6.00 4.72
CA SER A 119 25.30 5.00 3.76
C SER A 119 25.79 3.75 4.47
N SER A 120 25.33 2.59 3.99
CA SER A 120 25.73 1.31 4.58
C SER A 120 26.93 0.72 3.86
N GLY A 121 28.10 0.84 4.47
CA GLY A 121 29.31 0.31 3.87
C GLY A 121 29.66 0.99 2.56
N GLY A 1 -47.51 -29.73 -22.77
CA GLY A 1 -46.14 -29.75 -23.26
C GLY A 1 -45.41 -28.45 -22.97
N SER A 2 -46.09 -27.34 -23.16
CA SER A 2 -45.50 -26.02 -22.93
C SER A 2 -44.59 -26.05 -21.71
N SER A 3 -43.66 -25.10 -21.65
CA SER A 3 -42.71 -25.01 -20.55
C SER A 3 -42.76 -23.63 -19.90
N GLY A 4 -42.34 -23.56 -18.64
CA GLY A 4 -42.35 -22.29 -17.93
C GLY A 4 -41.13 -21.46 -18.23
N SER A 5 -40.82 -20.51 -17.34
CA SER A 5 -39.68 -19.63 -17.53
C SER A 5 -38.45 -20.20 -16.83
N SER A 6 -37.31 -20.19 -17.55
CA SER A 6 -36.07 -20.71 -17.01
C SER A 6 -35.32 -19.63 -16.23
N GLY A 7 -34.36 -20.05 -15.42
CA GLY A 7 -33.58 -19.11 -14.63
C GLY A 7 -32.08 -19.32 -14.78
N SER A 8 -31.32 -18.27 -14.54
CA SER A 8 -29.86 -18.34 -14.65
C SER A 8 -29.29 -19.32 -13.63
N GLN A 9 -28.16 -19.93 -13.99
CA GLN A 9 -27.51 -20.88 -13.10
C GLN A 9 -27.09 -20.22 -11.79
N PRO A 10 -27.26 -20.96 -10.68
CA PRO A 10 -26.92 -20.46 -9.34
C PRO A 10 -25.40 -20.34 -9.15
N ASP A 11 -25.00 -19.50 -8.20
CA ASP A 11 -23.59 -19.29 -7.91
C ASP A 11 -23.31 -19.40 -6.42
N HIS A 12 -22.40 -20.30 -6.06
CA HIS A 12 -22.05 -20.51 -4.66
C HIS A 12 -20.61 -20.08 -4.39
N GLY A 13 -20.33 -19.71 -3.15
CA GLY A 13 -18.99 -19.29 -2.78
C GLY A 13 -18.86 -17.77 -2.76
N ARG A 14 -19.55 -17.13 -1.82
CA ARG A 14 -19.51 -15.68 -1.70
C ARG A 14 -18.19 -15.23 -1.06
N LEU A 15 -17.24 -14.85 -1.90
CA LEU A 15 -15.94 -14.40 -1.43
C LEU A 15 -15.97 -12.91 -1.09
N SER A 16 -14.82 -12.37 -0.70
CA SER A 16 -14.71 -10.96 -0.35
C SER A 16 -13.34 -10.40 -0.75
N PRO A 17 -13.26 -9.06 -0.84
CA PRO A 17 -12.01 -8.38 -1.21
C PRO A 17 -10.95 -8.48 -0.11
N PRO A 18 -9.73 -8.06 -0.45
CA PRO A 18 -8.60 -8.09 0.49
C PRO A 18 -8.75 -7.07 1.60
N GLU A 19 -8.17 -7.37 2.77
CA GLU A 19 -8.24 -6.48 3.91
C GLU A 19 -7.03 -5.56 3.96
N ALA A 20 -7.03 -4.62 4.89
CA ALA A 20 -5.93 -3.67 5.05
C ALA A 20 -4.67 -4.38 5.52
N PRO A 21 -3.58 -4.25 4.73
CA PRO A 21 -2.30 -4.88 5.04
C PRO A 21 -1.61 -4.22 6.24
N ASP A 22 -0.66 -4.93 6.83
CA ASP A 22 0.07 -4.41 7.98
C ASP A 22 0.62 -3.02 7.70
N ARG A 23 1.23 -2.41 8.71
CA ARG A 23 1.79 -1.07 8.58
C ARG A 23 3.16 -1.12 7.90
N PRO A 24 3.30 -0.40 6.77
CA PRO A 24 4.54 -0.35 6.01
C PRO A 24 5.64 0.40 6.75
N THR A 25 6.88 -0.08 6.62
CA THR A 25 8.02 0.55 7.27
C THR A 25 8.70 1.56 6.34
N ILE A 26 9.45 2.48 6.93
CA ILE A 26 10.15 3.50 6.15
C ILE A 26 11.66 3.46 6.42
N SER A 27 12.43 3.20 5.38
CA SER A 27 13.87 3.12 5.50
C SER A 27 14.55 4.18 4.62
N THR A 28 15.88 4.14 4.57
CA THR A 28 16.64 5.09 3.78
C THR A 28 17.15 4.46 2.49
N ALA A 29 16.45 4.73 1.39
CA ALA A 29 16.82 4.19 0.09
C ALA A 29 17.51 5.24 -0.77
N SER A 30 17.03 6.48 -0.68
CA SER A 30 17.61 7.57 -1.45
C SER A 30 17.22 8.92 -0.85
N GLU A 31 17.68 10.00 -1.48
CA GLU A 31 17.37 11.34 -1.00
C GLU A 31 16.00 11.79 -1.48
N THR A 32 15.51 11.16 -2.55
CA THR A 32 14.20 11.49 -3.09
C THR A 32 13.24 10.30 -2.98
N SER A 33 13.74 9.19 -2.47
CA SER A 33 12.94 7.99 -2.32
C SER A 33 13.29 7.25 -1.03
N VAL A 34 12.41 6.34 -0.62
CA VAL A 34 12.63 5.57 0.61
C VAL A 34 12.13 4.14 0.45
N TYR A 35 12.83 3.20 1.07
CA TYR A 35 12.46 1.79 1.00
C TYR A 35 11.25 1.51 1.89
N VAL A 36 10.14 1.15 1.25
CA VAL A 36 8.91 0.85 1.97
C VAL A 36 8.62 -0.66 1.97
N THR A 37 8.46 -1.23 3.16
CA THR A 37 8.19 -2.66 3.30
C THR A 37 6.93 -2.90 4.10
N TRP A 38 5.96 -3.57 3.49
CA TRP A 38 4.69 -3.87 4.15
C TRP A 38 4.49 -5.38 4.28
N ILE A 39 3.49 -5.77 5.05
CA ILE A 39 3.18 -7.19 5.26
C ILE A 39 1.69 -7.45 5.13
N PRO A 40 1.30 -8.07 4.00
CA PRO A 40 -0.11 -8.40 3.73
C PRO A 40 -0.63 -9.51 4.64
N ARG A 41 -1.88 -9.38 5.05
CA ARG A 41 -2.51 -10.37 5.93
C ARG A 41 -3.60 -11.13 5.20
N GLY A 42 -4.70 -10.44 4.90
CA GLY A 42 -5.80 -11.08 4.19
C GLY A 42 -5.90 -10.65 2.74
N ASN A 43 -6.25 -11.59 1.87
CA ASN A 43 -6.36 -11.30 0.45
C ASN A 43 -7.81 -11.40 -0.01
N GLY A 44 -8.73 -11.53 0.95
CA GLY A 44 -10.14 -11.63 0.64
C GLY A 44 -10.53 -13.02 0.18
N GLY A 45 -9.56 -13.92 0.15
CA GLY A 45 -9.82 -15.29 -0.28
C GLY A 45 -9.16 -15.62 -1.61
N PHE A 46 -8.90 -14.60 -2.41
CA PHE A 46 -8.27 -14.78 -3.71
C PHE A 46 -6.83 -14.29 -3.69
N PRO A 47 -6.04 -14.74 -4.68
CA PRO A 47 -4.62 -14.35 -4.81
C PRO A 47 -4.46 -12.89 -5.20
N ILE A 48 -3.91 -12.08 -4.29
CA ILE A 48 -3.69 -10.67 -4.55
C ILE A 48 -3.13 -10.44 -5.95
N GLN A 49 -3.79 -9.57 -6.70
CA GLN A 49 -3.36 -9.26 -8.06
C GLN A 49 -2.23 -8.24 -8.06
N SER A 50 -2.41 -7.16 -7.30
CA SER A 50 -1.41 -6.10 -7.21
C SER A 50 -1.65 -5.23 -5.98
N PHE A 51 -0.63 -4.48 -5.59
CA PHE A 51 -0.72 -3.61 -4.43
C PHE A 51 -0.73 -2.14 -4.86
N ARG A 52 -0.90 -1.25 -3.89
CA ARG A 52 -0.92 0.18 -4.16
C ARG A 52 -0.39 0.98 -2.98
N VAL A 53 0.63 1.79 -3.23
CA VAL A 53 1.23 2.61 -2.19
C VAL A 53 0.83 4.07 -2.32
N GLU A 54 0.43 4.68 -1.21
CA GLU A 54 0.01 6.07 -1.21
C GLU A 54 0.68 6.84 -0.08
N TYR A 55 0.67 8.16 -0.17
CA TYR A 55 1.27 9.01 0.85
C TYR A 55 0.52 10.34 0.97
N LYS A 56 0.47 10.86 2.19
CA LYS A 56 -0.22 12.12 2.45
C LYS A 56 0.74 13.14 3.06
N LYS A 57 0.74 14.36 2.51
CA LYS A 57 1.61 15.42 3.00
C LYS A 57 1.06 16.01 4.30
N LEU A 58 1.91 16.09 5.32
CA LEU A 58 1.51 16.64 6.61
C LEU A 58 1.66 18.15 6.63
N LYS A 59 0.97 18.79 7.56
CA LYS A 59 1.02 20.25 7.69
C LYS A 59 0.58 20.93 6.40
N LYS A 60 -0.28 20.25 5.64
CA LYS A 60 -0.78 20.79 4.39
C LYS A 60 -2.17 20.24 4.08
N VAL A 61 -2.87 20.89 3.15
CA VAL A 61 -4.21 20.47 2.76
C VAL A 61 -4.19 19.67 1.47
N GLY A 62 -4.99 18.61 1.42
CA GLY A 62 -5.05 17.78 0.23
C GLY A 62 -5.02 16.29 0.56
N ASP A 63 -5.96 15.55 -0.01
CA ASP A 63 -6.06 14.12 0.23
C ASP A 63 -4.71 13.44 -0.05
N TRP A 64 -4.66 12.13 0.19
CA TRP A 64 -3.43 11.37 -0.04
C TRP A 64 -3.03 11.42 -1.50
N ILE A 65 -1.89 10.81 -1.82
CA ILE A 65 -1.39 10.79 -3.19
C ILE A 65 -0.94 9.38 -3.59
N LEU A 66 -0.78 9.16 -4.89
CA LEU A 66 -0.36 7.86 -5.40
C LEU A 66 1.11 7.89 -5.78
N ALA A 67 1.89 6.98 -5.20
CA ALA A 67 3.32 6.90 -5.48
C ALA A 67 3.60 5.88 -6.58
N THR A 68 3.36 4.60 -6.28
CA THR A 68 3.58 3.54 -7.23
C THR A 68 2.33 2.65 -7.37
N SER A 69 2.42 1.67 -8.26
CA SER A 69 1.30 0.76 -8.50
C SER A 69 1.72 -0.40 -9.40
N ALA A 70 0.88 -1.42 -9.48
CA ALA A 70 1.16 -2.59 -10.30
C ALA A 70 2.27 -3.44 -9.69
N ILE A 71 2.30 -3.51 -8.36
CA ILE A 71 3.30 -4.29 -7.66
C ILE A 71 2.87 -5.74 -7.49
N PRO A 72 3.82 -6.67 -7.70
CA PRO A 72 3.56 -8.10 -7.58
C PRO A 72 3.31 -8.53 -6.14
N PRO A 73 2.61 -9.66 -5.97
CA PRO A 73 2.30 -10.20 -4.65
C PRO A 73 3.52 -10.75 -3.94
N SER A 74 4.56 -11.05 -4.71
CA SER A 74 5.80 -11.58 -4.15
C SER A 74 6.70 -10.46 -3.67
N ARG A 75 6.35 -9.23 -4.01
CA ARG A 75 7.13 -8.06 -3.62
C ARG A 75 6.45 -7.32 -2.47
N LEU A 76 6.98 -7.51 -1.26
CA LEU A 76 6.41 -6.86 -0.08
C LEU A 76 7.25 -5.64 0.31
N SER A 77 8.17 -5.25 -0.57
CA SER A 77 9.03 -4.10 -0.31
C SER A 77 9.45 -3.44 -1.62
N VAL A 78 9.28 -2.12 -1.70
CA VAL A 78 9.65 -1.37 -2.90
C VAL A 78 10.16 0.01 -2.54
N GLU A 79 10.82 0.66 -3.50
CA GLU A 79 11.37 1.99 -3.29
C GLU A 79 10.43 3.06 -3.84
N ILE A 80 9.87 3.87 -2.95
CA ILE A 80 8.95 4.93 -3.34
C ILE A 80 9.71 6.18 -3.77
N THR A 81 9.89 6.36 -5.07
CA THR A 81 10.60 7.51 -5.60
C THR A 81 9.63 8.62 -6.00
N GLY A 82 10.15 9.82 -6.22
CA GLY A 82 9.33 10.94 -6.59
C GLY A 82 8.76 11.68 -5.40
N LEU A 83 9.55 11.76 -4.33
CA LEU A 83 9.11 12.44 -3.11
C LEU A 83 9.59 13.88 -3.10
N GLU A 84 9.20 14.63 -2.07
CA GLU A 84 9.59 16.02 -1.93
C GLU A 84 10.33 16.26 -0.63
N LYS A 85 11.57 16.72 -0.74
CA LYS A 85 12.39 17.00 0.43
C LYS A 85 11.77 18.09 1.30
N GLY A 86 12.13 18.10 2.58
CA GLY A 86 11.59 19.10 3.49
C GLY A 86 10.09 19.00 3.63
N ILE A 87 9.52 17.90 3.17
CA ILE A 87 8.07 17.69 3.25
C ILE A 87 7.75 16.38 3.96
N SER A 88 7.30 16.49 5.21
CA SER A 88 6.95 15.32 6.00
C SER A 88 5.68 14.65 5.47
N TYR A 89 5.72 13.33 5.34
CA TYR A 89 4.58 12.58 4.84
C TYR A 89 4.63 11.13 5.30
N LYS A 90 3.50 10.45 5.21
CA LYS A 90 3.42 9.05 5.61
C LYS A 90 3.22 8.14 4.40
N PHE A 91 3.19 6.83 4.64
CA PHE A 91 3.01 5.86 3.56
C PHE A 91 1.96 4.83 3.94
N ARG A 92 1.37 4.19 2.93
CA ARG A 92 0.35 3.18 3.15
C ARG A 92 0.38 2.12 2.05
N VAL A 93 -0.40 1.06 2.24
CA VAL A 93 -0.47 -0.02 1.27
C VAL A 93 -1.90 -0.52 1.10
N ARG A 94 -2.25 -0.87 -0.14
CA ARG A 94 -3.59 -1.35 -0.44
C ARG A 94 -3.53 -2.62 -1.29
N ALA A 95 -4.43 -3.57 -1.01
CA ALA A 95 -4.47 -4.82 -1.76
C ALA A 95 -5.61 -4.80 -2.78
N LEU A 96 -5.26 -5.07 -4.03
CA LEU A 96 -6.24 -5.09 -5.11
C LEU A 96 -6.29 -6.46 -5.78
N ASN A 97 -7.45 -7.11 -5.70
CA ASN A 97 -7.63 -8.43 -6.30
C ASN A 97 -8.79 -8.42 -7.29
N MET A 98 -9.12 -9.60 -7.80
CA MET A 98 -10.22 -9.73 -8.75
C MET A 98 -11.55 -9.46 -8.08
N LEU A 99 -11.52 -9.19 -6.78
CA LEU A 99 -12.73 -8.91 -6.02
C LEU A 99 -12.84 -7.42 -5.70
N GLY A 100 -11.69 -6.75 -5.66
CA GLY A 100 -11.68 -5.32 -5.36
C GLY A 100 -10.44 -4.90 -4.60
N GLU A 101 -10.47 -3.68 -4.07
CA GLU A 101 -9.33 -3.16 -3.31
C GLU A 101 -9.59 -3.26 -1.81
N SER A 102 -8.50 -3.25 -1.03
CA SER A 102 -8.60 -3.34 0.42
C SER A 102 -8.60 -1.95 1.05
N GLU A 103 -8.80 -1.90 2.36
CA GLU A 103 -8.82 -0.64 3.09
C GLU A 103 -7.43 -0.04 3.16
N PRO A 104 -7.36 1.28 3.42
CA PRO A 104 -6.10 2.01 3.52
C PRO A 104 -5.30 1.63 4.77
N SER A 105 -4.24 0.85 4.57
CA SER A 105 -3.40 0.40 5.68
C SER A 105 -3.10 1.56 6.62
N ALA A 106 -2.78 1.22 7.86
CA ALA A 106 -2.45 2.24 8.87
C ALA A 106 -1.39 3.20 8.35
N PRO A 107 -1.57 4.49 8.66
CA PRO A 107 -0.63 5.54 8.24
C PRO A 107 0.70 5.44 8.97
N SER A 108 1.64 4.69 8.38
CA SER A 108 2.95 4.51 8.97
C SER A 108 3.48 5.82 9.54
N ARG A 109 4.34 5.73 10.56
CA ARG A 109 4.90 6.92 11.19
C ARG A 109 5.37 7.92 10.14
N PRO A 110 5.39 9.21 10.52
CA PRO A 110 5.81 10.29 9.62
C PRO A 110 7.31 10.25 9.32
N TYR A 111 7.65 10.39 8.06
CA TYR A 111 9.05 10.36 7.63
C TYR A 111 9.42 11.66 6.91
N VAL A 112 10.35 12.40 7.51
CA VAL A 112 10.80 13.66 6.93
C VAL A 112 12.04 13.45 6.06
N VAL A 113 11.86 13.54 4.75
CA VAL A 113 12.97 13.37 3.81
C VAL A 113 13.85 14.61 3.77
N SER A 114 15.07 14.47 4.27
CA SER A 114 16.02 15.58 4.30
C SER A 114 17.20 15.31 3.37
N GLY A 115 17.55 14.04 3.23
CA GLY A 115 18.66 13.66 2.37
C GLY A 115 18.89 12.17 2.33
N SER A 116 19.95 11.75 1.66
CA SER A 116 20.29 10.33 1.55
C SER A 116 21.45 9.98 2.46
N GLY A 117 21.83 8.70 2.48
CA GLY A 117 22.92 8.25 3.32
C GLY A 117 23.90 7.38 2.55
N PRO A 118 24.66 6.55 3.31
CA PRO A 118 25.66 5.65 2.72
C PRO A 118 25.01 4.51 1.95
N SER A 119 25.23 4.48 0.63
CA SER A 119 24.67 3.44 -0.22
C SER A 119 25.41 2.11 -0.02
N SER A 120 24.68 1.01 -0.17
CA SER A 120 25.26 -0.31 -0.02
C SER A 120 25.37 -1.03 -1.36
N GLY A 121 26.59 -1.34 -1.76
CA GLY A 121 26.81 -2.03 -3.02
C GLY A 121 27.88 -3.09 -2.93
N GLY A 1 -38.72 -7.89 13.34
CA GLY A 1 -37.62 -7.79 12.40
C GLY A 1 -36.85 -9.09 12.27
N SER A 2 -37.55 -10.14 11.86
CA SER A 2 -36.92 -11.46 11.70
C SER A 2 -36.71 -11.78 10.22
N SER A 3 -35.47 -12.10 9.86
CA SER A 3 -35.14 -12.43 8.48
C SER A 3 -34.92 -13.94 8.32
N GLY A 4 -35.23 -14.44 7.13
CA GLY A 4 -35.06 -15.86 6.86
C GLY A 4 -33.62 -16.23 6.53
N SER A 5 -32.92 -16.81 7.50
CA SER A 5 -31.53 -17.20 7.30
C SER A 5 -31.17 -18.42 8.15
N SER A 6 -30.49 -19.37 7.55
CA SER A 6 -30.09 -20.59 8.25
C SER A 6 -28.59 -20.82 8.13
N GLY A 7 -28.09 -21.81 8.86
CA GLY A 7 -26.67 -22.11 8.84
C GLY A 7 -26.36 -23.32 7.97
N SER A 8 -25.26 -23.23 7.22
CA SER A 8 -24.86 -24.33 6.34
C SER A 8 -23.44 -24.11 5.84
N GLN A 9 -22.71 -25.21 5.62
CA GLN A 9 -21.33 -25.14 5.14
C GLN A 9 -21.19 -24.06 4.07
N PRO A 10 -20.03 -23.38 4.07
CA PRO A 10 -19.74 -22.32 3.12
C PRO A 10 -19.54 -22.85 1.70
N ASP A 11 -20.46 -22.49 0.80
CA ASP A 11 -20.37 -22.93 -0.58
C ASP A 11 -19.45 -22.02 -1.39
N HIS A 12 -18.25 -22.51 -1.66
CA HIS A 12 -17.27 -21.74 -2.43
C HIS A 12 -17.95 -20.93 -3.52
N GLY A 13 -17.87 -19.61 -3.41
CA GLY A 13 -18.48 -18.74 -4.39
C GLY A 13 -18.45 -17.28 -3.97
N ARG A 14 -19.43 -16.87 -3.16
CA ARG A 14 -19.51 -15.50 -2.69
C ARG A 14 -18.27 -15.13 -1.88
N LEU A 15 -17.23 -14.66 -2.56
CA LEU A 15 -15.99 -14.27 -1.92
C LEU A 15 -16.01 -12.78 -1.57
N SER A 16 -14.88 -12.29 -1.05
CA SER A 16 -14.76 -10.88 -0.68
C SER A 16 -13.38 -10.35 -1.02
N PRO A 17 -13.26 -9.01 -1.09
CA PRO A 17 -12.00 -8.34 -1.41
C PRO A 17 -10.97 -8.47 -0.30
N PRO A 18 -9.72 -8.08 -0.59
CA PRO A 18 -8.63 -8.15 0.38
C PRO A 18 -8.79 -7.13 1.51
N GLU A 19 -8.12 -7.39 2.62
CA GLU A 19 -8.19 -6.50 3.77
C GLU A 19 -6.94 -5.62 3.86
N ALA A 20 -7.02 -4.57 4.67
CA ALA A 20 -5.90 -3.65 4.84
C ALA A 20 -4.67 -4.37 5.38
N PRO A 21 -3.57 -4.33 4.61
CA PRO A 21 -2.31 -4.97 5.00
C PRO A 21 -1.64 -4.28 6.18
N ASP A 22 -0.66 -4.95 6.77
CA ASP A 22 0.07 -4.40 7.91
C ASP A 22 0.59 -3.00 7.60
N ARG A 23 1.13 -2.34 8.61
CA ARG A 23 1.68 -0.99 8.43
C ARG A 23 3.07 -1.04 7.82
N PRO A 24 3.22 -0.35 6.67
CA PRO A 24 4.50 -0.29 5.95
C PRO A 24 5.55 0.52 6.71
N THR A 25 6.80 0.05 6.66
CA THR A 25 7.90 0.74 7.33
C THR A 25 8.59 1.72 6.39
N ILE A 26 9.46 2.55 6.96
CA ILE A 26 10.18 3.54 6.17
C ILE A 26 11.68 3.47 6.45
N SER A 27 12.48 3.44 5.39
CA SER A 27 13.93 3.37 5.53
C SER A 27 14.61 4.28 4.51
N THR A 28 15.91 4.51 4.70
CA THR A 28 16.69 5.35 3.80
C THR A 28 17.08 4.61 2.53
N ALA A 29 16.44 4.96 1.43
CA ALA A 29 16.73 4.32 0.14
C ALA A 29 17.39 5.31 -0.82
N SER A 30 16.97 6.57 -0.75
CA SER A 30 17.52 7.60 -1.63
C SER A 30 17.17 8.99 -1.11
N GLU A 31 17.63 10.01 -1.82
CA GLU A 31 17.37 11.39 -1.42
C GLU A 31 16.00 11.85 -1.91
N THR A 32 15.44 11.10 -2.86
CA THR A 32 14.13 11.43 -3.42
C THR A 32 13.16 10.27 -3.24
N SER A 33 13.64 9.18 -2.68
CA SER A 33 12.82 7.99 -2.46
C SER A 33 13.14 7.35 -1.12
N VAL A 34 12.32 6.37 -0.72
CA VAL A 34 12.53 5.67 0.54
C VAL A 34 12.07 4.22 0.44
N TYR A 35 12.78 3.33 1.13
CA TYR A 35 12.44 1.90 1.11
C TYR A 35 11.26 1.61 2.03
N VAL A 36 10.18 1.10 1.45
CA VAL A 36 8.98 0.76 2.22
C VAL A 36 8.71 -0.73 2.19
N THR A 37 8.45 -1.31 3.37
CA THR A 37 8.17 -2.73 3.48
C THR A 37 6.89 -2.98 4.26
N TRP A 38 5.96 -3.70 3.66
CA TRP A 38 4.69 -4.01 4.30
C TRP A 38 4.46 -5.51 4.37
N ILE A 39 3.42 -5.92 5.08
CA ILE A 39 3.10 -7.34 5.23
C ILE A 39 1.60 -7.58 5.11
N PRO A 40 1.18 -8.14 3.96
CA PRO A 40 -0.22 -8.43 3.69
C PRO A 40 -0.76 -9.56 4.54
N ARG A 41 -1.96 -9.38 5.09
CA ARG A 41 -2.58 -10.39 5.93
C ARG A 41 -3.65 -11.16 5.17
N GLY A 42 -4.76 -10.49 4.87
CA GLY A 42 -5.84 -11.13 4.15
C GLY A 42 -5.87 -10.73 2.68
N ASN A 43 -6.39 -11.61 1.84
CA ASN A 43 -6.48 -11.34 0.41
C ASN A 43 -7.92 -11.44 -0.07
N GLY A 44 -8.86 -11.48 0.87
CA GLY A 44 -10.26 -11.57 0.53
C GLY A 44 -10.66 -12.95 0.07
N GLY A 45 -9.70 -13.87 0.03
CA GLY A 45 -9.97 -15.23 -0.38
C GLY A 45 -9.32 -15.56 -1.71
N PHE A 46 -8.95 -14.54 -2.47
CA PHE A 46 -8.32 -14.73 -3.77
C PHE A 46 -6.88 -14.24 -3.75
N PRO A 47 -6.10 -14.70 -4.74
CA PRO A 47 -4.68 -14.32 -4.86
C PRO A 47 -4.49 -12.86 -5.25
N ILE A 48 -3.90 -12.08 -4.35
CA ILE A 48 -3.66 -10.66 -4.59
C ILE A 48 -3.10 -10.44 -5.99
N GLN A 49 -3.68 -9.48 -6.70
CA GLN A 49 -3.22 -9.17 -8.05
C GLN A 49 -2.09 -8.15 -8.03
N SER A 50 -2.28 -7.08 -7.25
CA SER A 50 -1.27 -6.04 -7.13
C SER A 50 -1.54 -5.16 -5.91
N PHE A 51 -0.50 -4.47 -5.45
CA PHE A 51 -0.62 -3.59 -4.28
C PHE A 51 -0.57 -2.13 -4.71
N ARG A 52 -0.81 -1.23 -3.76
CA ARG A 52 -0.80 0.20 -4.03
C ARG A 52 -0.37 0.98 -2.78
N VAL A 53 0.67 1.80 -2.93
CA VAL A 53 1.17 2.60 -1.83
C VAL A 53 0.72 4.05 -1.95
N GLU A 54 0.29 4.64 -0.84
CA GLU A 54 -0.17 6.02 -0.83
C GLU A 54 0.43 6.78 0.35
N TYR A 55 0.69 8.07 0.15
CA TYR A 55 1.27 8.91 1.20
C TYR A 55 0.39 10.13 1.45
N LYS A 56 0.77 10.92 2.46
CA LYS A 56 0.03 12.12 2.80
C LYS A 56 0.97 13.20 3.34
N LYS A 57 0.92 14.38 2.71
CA LYS A 57 1.76 15.50 3.11
C LYS A 57 1.24 16.13 4.40
N LEU A 58 2.12 16.24 5.39
CA LEU A 58 1.75 16.82 6.68
C LEU A 58 2.11 18.31 6.72
N LYS A 59 3.40 18.61 6.57
CA LYS A 59 3.86 19.99 6.58
C LYS A 59 2.89 20.91 5.86
N LYS A 60 2.37 20.43 4.74
CA LYS A 60 1.41 21.21 3.94
C LYS A 60 0.10 20.45 3.77
N VAL A 61 -0.95 21.16 3.36
CA VAL A 61 -2.25 20.55 3.15
C VAL A 61 -2.25 19.66 1.92
N GLY A 62 -3.20 18.73 1.86
CA GLY A 62 -3.30 17.84 0.72
C GLY A 62 -3.67 16.42 1.14
N ASP A 63 -4.73 15.89 0.54
CA ASP A 63 -5.19 14.55 0.85
C ASP A 63 -4.14 13.52 0.48
N TRP A 64 -4.48 12.24 0.62
CA TRP A 64 -3.56 11.16 0.30
C TRP A 64 -3.28 11.11 -1.20
N ILE A 65 -2.01 10.90 -1.55
CA ILE A 65 -1.61 10.83 -2.95
C ILE A 65 -1.10 9.44 -3.30
N LEU A 66 -1.02 9.16 -4.60
CA LEU A 66 -0.55 7.87 -5.07
C LEU A 66 0.93 7.93 -5.47
N ALA A 67 1.72 6.99 -4.96
CA ALA A 67 3.15 6.95 -5.26
C ALA A 67 3.45 5.88 -6.30
N THR A 68 3.33 4.61 -5.89
CA THR A 68 3.59 3.50 -6.78
C THR A 68 2.40 2.55 -6.85
N SER A 69 2.40 1.68 -7.86
CA SER A 69 1.31 0.73 -8.05
C SER A 69 1.73 -0.40 -8.99
N ALA A 70 0.88 -1.41 -9.09
CA ALA A 70 1.16 -2.56 -9.95
C ALA A 70 2.26 -3.44 -9.36
N ILE A 71 2.40 -3.39 -8.04
CA ILE A 71 3.40 -4.19 -7.35
C ILE A 71 2.98 -5.65 -7.25
N PRO A 72 3.93 -6.56 -7.49
CA PRO A 72 3.69 -8.00 -7.43
C PRO A 72 3.43 -8.49 -6.01
N PRO A 73 2.74 -9.64 -5.88
CA PRO A 73 2.41 -10.23 -4.59
C PRO A 73 3.65 -10.78 -3.88
N SER A 74 4.73 -10.98 -4.64
CA SER A 74 5.97 -11.51 -4.08
C SER A 74 6.84 -10.39 -3.54
N ARG A 75 6.54 -9.16 -3.96
CA ARG A 75 7.30 -7.99 -3.52
C ARG A 75 6.59 -7.29 -2.37
N LEU A 76 7.03 -7.58 -1.15
CA LEU A 76 6.44 -6.98 0.05
C LEU A 76 7.19 -5.71 0.44
N SER A 77 8.08 -5.26 -0.44
CA SER A 77 8.85 -4.05 -0.18
C SER A 77 9.30 -3.40 -1.49
N VAL A 78 9.21 -2.08 -1.55
CA VAL A 78 9.60 -1.34 -2.75
C VAL A 78 10.16 0.03 -2.39
N GLU A 79 10.78 0.69 -3.36
CA GLU A 79 11.36 2.01 -3.14
C GLU A 79 10.46 3.11 -3.69
N ILE A 80 9.76 3.80 -2.79
CA ILE A 80 8.85 4.86 -3.19
C ILE A 80 9.62 6.09 -3.67
N THR A 81 9.70 6.25 -4.98
CA THR A 81 10.40 7.38 -5.58
C THR A 81 9.44 8.46 -6.02
N GLY A 82 9.95 9.67 -6.22
CA GLY A 82 9.11 10.78 -6.65
C GLY A 82 8.56 11.58 -5.48
N LEU A 83 9.38 11.74 -4.45
CA LEU A 83 8.97 12.49 -3.26
C LEU A 83 9.53 13.90 -3.28
N GLU A 84 9.16 14.69 -2.28
CA GLU A 84 9.63 16.07 -2.18
C GLU A 84 10.40 16.29 -0.89
N LYS A 85 11.67 16.64 -1.02
CA LYS A 85 12.52 16.89 0.14
C LYS A 85 11.95 18.02 1.00
N GLY A 86 12.22 17.96 2.30
CA GLY A 86 11.73 18.99 3.20
C GLY A 86 10.24 18.93 3.40
N ILE A 87 9.63 17.82 2.97
CA ILE A 87 8.19 17.64 3.10
C ILE A 87 7.87 16.35 3.82
N SER A 88 7.37 16.46 5.06
CA SER A 88 7.02 15.30 5.85
C SER A 88 5.74 14.64 5.34
N TYR A 89 5.72 13.31 5.34
CA TYR A 89 4.56 12.57 4.86
C TYR A 89 4.61 11.11 5.33
N LYS A 90 3.50 10.41 5.19
CA LYS A 90 3.43 9.01 5.59
C LYS A 90 3.25 8.11 4.37
N PHE A 91 3.11 6.81 4.63
CA PHE A 91 2.92 5.84 3.55
C PHE A 91 2.01 4.70 3.99
N ARG A 92 1.32 4.09 3.03
CA ARG A 92 0.42 2.99 3.32
C ARG A 92 0.45 1.94 2.21
N VAL A 93 -0.37 0.90 2.36
CA VAL A 93 -0.42 -0.16 1.36
C VAL A 93 -1.86 -0.66 1.18
N ARG A 94 -2.23 -0.92 -0.06
CA ARG A 94 -3.57 -1.40 -0.37
C ARG A 94 -3.52 -2.67 -1.22
N ALA A 95 -4.46 -3.58 -0.98
CA ALA A 95 -4.52 -4.83 -1.72
C ALA A 95 -5.61 -4.79 -2.78
N LEU A 96 -5.23 -5.08 -4.03
CA LEU A 96 -6.17 -5.07 -5.14
C LEU A 96 -6.21 -6.43 -5.82
N ASN A 97 -7.38 -7.07 -5.78
CA ASN A 97 -7.55 -8.39 -6.40
C ASN A 97 -8.69 -8.36 -7.42
N MET A 98 -9.03 -9.54 -7.94
CA MET A 98 -10.10 -9.65 -8.92
C MET A 98 -11.46 -9.37 -8.28
N LEU A 99 -11.45 -9.09 -6.98
CA LEU A 99 -12.67 -8.80 -6.25
C LEU A 99 -12.79 -7.31 -5.94
N GLY A 100 -11.65 -6.64 -5.85
CA GLY A 100 -11.64 -5.21 -5.56
C GLY A 100 -10.41 -4.79 -4.78
N GLU A 101 -10.46 -3.61 -4.18
CA GLU A 101 -9.34 -3.09 -3.41
C GLU A 101 -9.67 -3.10 -1.91
N SER A 102 -8.62 -3.15 -1.09
CA SER A 102 -8.78 -3.16 0.36
C SER A 102 -8.59 -1.77 0.95
N GLU A 103 -8.87 -1.64 2.24
CA GLU A 103 -8.73 -0.36 2.92
C GLU A 103 -7.26 0.03 3.05
N PRO A 104 -7.01 1.33 3.22
CA PRO A 104 -5.64 1.87 3.36
C PRO A 104 -5.00 1.47 4.68
N SER A 105 -3.92 0.70 4.60
CA SER A 105 -3.22 0.25 5.79
C SER A 105 -2.83 1.44 6.67
N ALA A 106 -2.79 1.22 7.98
CA ALA A 106 -2.42 2.27 8.92
C ALA A 106 -1.40 3.22 8.32
N PRO A 107 -1.54 4.51 8.61
CA PRO A 107 -0.63 5.55 8.11
C PRO A 107 0.76 5.46 8.73
N SER A 108 1.68 4.83 8.02
CA SER A 108 3.05 4.66 8.50
C SER A 108 3.55 5.96 9.13
N ARG A 109 4.43 5.82 10.12
CA ARG A 109 4.99 6.98 10.81
C ARG A 109 5.45 8.03 9.81
N PRO A 110 5.43 9.31 10.24
CA PRO A 110 5.84 10.43 9.40
C PRO A 110 7.34 10.44 9.14
N TYR A 111 7.72 10.36 7.86
CA TYR A 111 9.13 10.35 7.48
C TYR A 111 9.50 11.65 6.77
N VAL A 112 10.45 12.39 7.34
CA VAL A 112 10.90 13.63 6.75
C VAL A 112 12.12 13.42 5.86
N VAL A 113 11.91 13.43 4.55
CA VAL A 113 12.99 13.24 3.59
C VAL A 113 13.89 14.46 3.53
N SER A 114 15.11 14.32 4.04
CA SER A 114 16.07 15.42 4.05
C SER A 114 17.36 15.02 3.36
N GLY A 115 17.24 14.44 2.17
CA GLY A 115 18.40 14.02 1.42
C GLY A 115 18.76 12.57 1.69
N SER A 116 19.88 12.12 1.12
CA SER A 116 20.33 10.75 1.29
C SER A 116 21.40 10.66 2.38
N GLY A 117 21.23 9.72 3.30
CA GLY A 117 22.18 9.56 4.37
C GLY A 117 21.59 8.83 5.57
N PRO A 118 22.46 8.35 6.47
CA PRO A 118 22.04 7.63 7.67
C PRO A 118 21.34 8.54 8.68
N SER A 119 20.02 8.63 8.57
CA SER A 119 19.23 9.47 9.46
C SER A 119 19.72 10.92 9.43
N SER A 120 19.99 11.41 8.22
CA SER A 120 20.46 12.78 8.05
C SER A 120 19.33 13.77 8.24
N GLY A 121 19.58 14.79 9.07
CA GLY A 121 18.56 15.79 9.31
C GLY A 121 18.79 17.06 8.51
N GLY A 1 -23.21 -44.77 -23.44
CA GLY A 1 -24.21 -43.72 -23.49
C GLY A 1 -25.59 -44.21 -23.12
N SER A 2 -25.83 -44.39 -21.83
CA SER A 2 -27.12 -44.86 -21.34
C SER A 2 -27.46 -44.22 -20.00
N SER A 3 -28.64 -43.62 -19.92
CA SER A 3 -29.10 -42.98 -18.69
C SER A 3 -28.18 -41.81 -18.33
N GLY A 4 -27.83 -41.00 -19.32
CA GLY A 4 -26.95 -39.87 -19.09
C GLY A 4 -27.73 -38.61 -18.76
N SER A 5 -27.21 -37.82 -17.81
CA SER A 5 -27.86 -36.59 -17.39
C SER A 5 -26.87 -35.42 -17.42
N SER A 6 -27.30 -34.31 -17.99
CA SER A 6 -26.46 -33.12 -18.08
C SER A 6 -26.52 -32.31 -16.79
N GLY A 7 -25.58 -31.39 -16.63
CA GLY A 7 -25.54 -30.55 -15.44
C GLY A 7 -24.32 -29.67 -15.39
N SER A 8 -24.33 -28.69 -14.49
CA SER A 8 -23.21 -27.77 -14.33
C SER A 8 -23.08 -27.31 -12.88
N GLN A 9 -21.84 -27.08 -12.46
CA GLN A 9 -21.58 -26.64 -11.10
C GLN A 9 -20.97 -25.24 -11.09
N PRO A 10 -21.36 -24.43 -10.09
CA PRO A 10 -20.86 -23.05 -9.95
C PRO A 10 -19.39 -23.01 -9.55
N ASP A 11 -18.67 -22.03 -10.07
CA ASP A 11 -17.25 -21.87 -9.75
C ASP A 11 -17.01 -20.62 -8.91
N HIS A 12 -17.63 -19.52 -9.31
CA HIS A 12 -17.48 -18.26 -8.59
C HIS A 12 -18.26 -18.29 -7.27
N GLY A 13 -17.54 -18.51 -6.18
CA GLY A 13 -18.16 -18.57 -4.88
C GLY A 13 -18.36 -17.18 -4.27
N ARG A 14 -19.05 -17.13 -3.13
CA ARG A 14 -19.31 -15.87 -2.45
C ARG A 14 -18.08 -15.41 -1.68
N LEU A 15 -16.99 -15.15 -2.41
CA LEU A 15 -15.76 -14.70 -1.79
C LEU A 15 -15.82 -13.22 -1.42
N SER A 16 -14.71 -12.68 -0.95
CA SER A 16 -14.65 -11.27 -0.56
C SER A 16 -13.30 -10.66 -0.92
N PRO A 17 -13.25 -9.33 -0.98
CA PRO A 17 -12.02 -8.60 -1.30
C PRO A 17 -10.98 -8.69 -0.20
N PRO A 18 -9.75 -8.25 -0.52
CA PRO A 18 -8.63 -8.27 0.44
C PRO A 18 -8.82 -7.26 1.56
N GLU A 19 -8.12 -7.48 2.67
CA GLU A 19 -8.20 -6.59 3.82
C GLU A 19 -6.96 -5.70 3.91
N ALA A 20 -7.09 -4.59 4.62
CA ALA A 20 -5.99 -3.65 4.79
C ALA A 20 -4.75 -4.35 5.35
N PRO A 21 -3.64 -4.27 4.61
CA PRO A 21 -2.37 -4.89 5.01
C PRO A 21 -1.74 -4.19 6.22
N ASP A 22 -0.79 -4.86 6.85
CA ASP A 22 -0.10 -4.30 8.01
C ASP A 22 0.43 -2.90 7.71
N ARG A 23 1.01 -2.27 8.71
CA ARG A 23 1.56 -0.93 8.56
C ARG A 23 2.93 -0.97 7.89
N PRO A 24 3.07 -0.25 6.77
CA PRO A 24 4.32 -0.19 6.01
C PRO A 24 5.41 0.57 6.75
N THR A 25 6.65 0.11 6.63
CA THR A 25 7.78 0.75 7.29
C THR A 25 8.49 1.72 6.36
N ILE A 26 9.35 2.55 6.91
CA ILE A 26 10.10 3.52 6.12
C ILE A 26 11.60 3.36 6.33
N SER A 27 12.31 3.05 5.25
CA SER A 27 13.76 2.87 5.31
C SER A 27 14.47 3.89 4.44
N THR A 28 15.79 3.98 4.59
CA THR A 28 16.59 4.92 3.82
C THR A 28 17.02 4.31 2.49
N ALA A 29 16.34 4.69 1.42
CA ALA A 29 16.66 4.19 0.08
C ALA A 29 17.39 5.24 -0.75
N SER A 30 17.01 6.50 -0.56
CA SER A 30 17.63 7.60 -1.29
C SER A 30 17.13 8.94 -0.78
N GLU A 31 17.73 10.02 -1.28
CA GLU A 31 17.35 11.36 -0.87
C GLU A 31 16.06 11.80 -1.56
N THR A 32 15.69 11.08 -2.61
CA THR A 32 14.48 11.39 -3.36
C THR A 32 13.44 10.29 -3.23
N SER A 33 13.85 9.18 -2.61
CA SER A 33 12.95 8.04 -2.43
C SER A 33 13.23 7.35 -1.09
N VAL A 34 12.37 6.41 -0.73
CA VAL A 34 12.51 5.67 0.52
C VAL A 34 12.04 4.23 0.37
N TYR A 35 12.68 3.33 1.09
CA TYR A 35 12.32 1.91 1.05
C TYR A 35 11.14 1.60 1.96
N VAL A 36 10.02 1.20 1.35
CA VAL A 36 8.82 0.88 2.11
C VAL A 36 8.56 -0.62 2.12
N THR A 37 8.33 -1.17 3.30
CA THR A 37 8.07 -2.60 3.45
C THR A 37 6.79 -2.85 4.25
N TRP A 38 5.84 -3.53 3.63
CA TRP A 38 4.57 -3.84 4.29
C TRP A 38 4.37 -5.35 4.42
N ILE A 39 3.35 -5.74 5.17
CA ILE A 39 3.05 -7.15 5.37
C ILE A 39 1.57 -7.43 5.19
N PRO A 40 1.22 -8.07 4.07
CA PRO A 40 -0.17 -8.41 3.75
C PRO A 40 -0.72 -9.51 4.66
N ARG A 41 -1.95 -9.33 5.12
CA ARG A 41 -2.60 -10.30 6.00
C ARG A 41 -3.64 -11.11 5.23
N GLY A 42 -4.74 -10.46 4.87
CA GLY A 42 -5.80 -11.14 4.15
C GLY A 42 -5.87 -10.70 2.70
N ASN A 43 -6.22 -11.63 1.82
CA ASN A 43 -6.34 -11.34 0.39
C ASN A 43 -7.78 -11.46 -0.07
N GLY A 44 -8.68 -11.70 0.87
CA GLY A 44 -10.09 -11.83 0.53
C GLY A 44 -10.44 -13.22 0.04
N GLY A 45 -9.45 -14.11 0.03
CA GLY A 45 -9.68 -15.47 -0.42
C GLY A 45 -8.99 -15.78 -1.72
N PHE A 46 -8.75 -14.74 -2.53
CA PHE A 46 -8.09 -14.91 -3.82
C PHE A 46 -6.66 -14.37 -3.77
N PRO A 47 -5.83 -14.80 -4.73
CA PRO A 47 -4.44 -14.36 -4.82
C PRO A 47 -4.30 -12.89 -5.21
N ILE A 48 -3.80 -12.08 -4.29
CA ILE A 48 -3.61 -10.65 -4.54
C ILE A 48 -3.06 -10.41 -5.94
N GLN A 49 -3.71 -9.53 -6.68
CA GLN A 49 -3.27 -9.19 -8.04
C GLN A 49 -2.17 -8.15 -8.02
N SER A 50 -2.40 -7.07 -7.26
CA SER A 50 -1.42 -5.99 -7.16
C SER A 50 -1.67 -5.15 -5.92
N PHE A 51 -0.66 -4.37 -5.53
CA PHE A 51 -0.77 -3.51 -4.35
C PHE A 51 -0.86 -2.04 -4.76
N ARG A 52 -1.00 -1.18 -3.76
CA ARG A 52 -1.10 0.26 -4.01
C ARG A 52 -0.54 1.05 -2.84
N VAL A 53 0.49 1.85 -3.12
CA VAL A 53 1.13 2.67 -2.08
C VAL A 53 0.75 4.13 -2.23
N GLU A 54 0.31 4.74 -1.14
CA GLU A 54 -0.08 6.15 -1.15
C GLU A 54 0.55 6.90 0.02
N TYR A 55 0.84 8.18 -0.18
CA TYR A 55 1.44 9.00 0.85
C TYR A 55 0.58 10.24 1.14
N LYS A 56 0.96 10.99 2.16
CA LYS A 56 0.23 12.20 2.54
C LYS A 56 1.17 13.24 3.13
N LYS A 57 1.01 14.49 2.69
CA LYS A 57 1.84 15.58 3.18
C LYS A 57 1.31 16.12 4.51
N LEU A 58 2.20 16.26 5.48
CA LEU A 58 1.83 16.76 6.80
C LEU A 58 2.13 18.25 6.91
N LYS A 59 3.41 18.60 6.78
CA LYS A 59 3.84 20.00 6.87
C LYS A 59 2.79 20.92 6.24
N LYS A 60 2.53 20.74 4.96
CA LYS A 60 1.56 21.56 4.25
C LYS A 60 0.27 20.77 4.00
N VAL A 61 -0.82 21.50 3.77
CA VAL A 61 -2.12 20.87 3.51
C VAL A 61 -2.10 20.09 2.19
N GLY A 62 -2.63 18.88 2.23
CA GLY A 62 -2.67 18.05 1.04
C GLY A 62 -3.22 16.66 1.31
N ASP A 63 -4.22 16.26 0.54
CA ASP A 63 -4.83 14.95 0.70
C ASP A 63 -3.85 13.84 0.34
N TRP A 64 -4.32 12.59 0.38
CA TRP A 64 -3.47 11.45 0.05
C TRP A 64 -3.21 11.38 -1.44
N ILE A 65 -1.98 11.03 -1.80
CA ILE A 65 -1.58 10.92 -3.19
C ILE A 65 -1.12 9.52 -3.54
N LEU A 66 -0.99 9.24 -4.83
CA LEU A 66 -0.55 7.92 -5.28
C LEU A 66 0.92 7.94 -5.69
N ALA A 67 1.74 7.15 -5.02
CA ALA A 67 3.15 7.08 -5.31
C ALA A 67 3.44 6.07 -6.42
N THR A 68 3.26 4.79 -6.11
CA THR A 68 3.49 3.72 -7.08
C THR A 68 2.29 2.79 -7.16
N SER A 69 2.41 1.76 -8.00
CA SER A 69 1.33 0.79 -8.17
C SER A 69 1.77 -0.35 -9.08
N ALA A 70 0.85 -1.27 -9.36
CA ALA A 70 1.13 -2.41 -10.22
C ALA A 70 2.24 -3.27 -9.62
N ILE A 71 2.29 -3.34 -8.29
CA ILE A 71 3.29 -4.12 -7.60
C ILE A 71 2.85 -5.58 -7.47
N PRO A 72 3.80 -6.51 -7.68
CA PRO A 72 3.54 -7.95 -7.60
C PRO A 72 3.28 -8.40 -6.16
N PRO A 73 2.61 -9.55 -6.03
CA PRO A 73 2.28 -10.13 -4.72
C PRO A 73 3.52 -10.64 -3.98
N SER A 74 4.51 -11.08 -4.75
CA SER A 74 5.75 -11.61 -4.18
C SER A 74 6.62 -10.48 -3.64
N ARG A 75 6.29 -9.25 -4.03
CA ARG A 75 7.05 -8.09 -3.57
C ARG A 75 6.33 -7.39 -2.42
N LEU A 76 6.93 -7.46 -1.24
CA LEU A 76 6.35 -6.83 -0.05
C LEU A 76 7.14 -5.60 0.35
N SER A 77 8.09 -5.21 -0.50
CA SER A 77 8.92 -4.04 -0.23
C SER A 77 9.39 -3.39 -1.53
N VAL A 78 9.23 -2.07 -1.62
CA VAL A 78 9.63 -1.34 -2.81
C VAL A 78 10.19 0.04 -2.44
N GLU A 79 10.68 0.76 -3.44
CA GLU A 79 11.25 2.08 -3.23
C GLU A 79 10.37 3.15 -3.86
N ILE A 80 9.79 4.01 -3.04
CA ILE A 80 8.92 5.09 -3.52
C ILE A 80 9.74 6.31 -3.92
N THR A 81 9.90 6.51 -5.23
CA THR A 81 10.65 7.64 -5.75
C THR A 81 9.73 8.78 -6.15
N GLY A 82 10.31 9.94 -6.41
CA GLY A 82 9.53 11.10 -6.81
C GLY A 82 8.97 11.86 -5.62
N LEU A 83 9.77 11.98 -4.57
CA LEU A 83 9.35 12.69 -3.37
C LEU A 83 9.99 14.06 -3.29
N GLU A 84 9.51 14.89 -2.37
CA GLU A 84 10.04 16.24 -2.19
C GLU A 84 10.75 16.38 -0.86
N LYS A 85 11.99 16.86 -0.89
CA LYS A 85 12.78 17.04 0.32
C LYS A 85 12.19 18.16 1.18
N GLY A 86 12.44 18.07 2.49
CA GLY A 86 11.93 19.08 3.40
C GLY A 86 10.43 19.00 3.59
N ILE A 87 9.84 17.89 3.12
CA ILE A 87 8.40 17.70 3.23
C ILE A 87 8.08 16.38 3.93
N SER A 88 7.53 16.47 5.14
CA SER A 88 7.18 15.28 5.90
C SER A 88 5.89 14.65 5.39
N TYR A 89 5.87 13.32 5.33
CA TYR A 89 4.71 12.60 4.84
C TYR A 89 4.74 11.15 5.31
N LYS A 90 3.61 10.46 5.15
CA LYS A 90 3.51 9.05 5.55
C LYS A 90 3.33 8.16 4.34
N PHE A 91 3.15 6.87 4.59
CA PHE A 91 2.96 5.90 3.51
C PHE A 91 1.96 4.82 3.92
N ARG A 92 1.28 4.25 2.93
CA ARG A 92 0.29 3.21 3.18
C ARG A 92 0.34 2.13 2.10
N VAL A 93 -0.51 1.13 2.23
CA VAL A 93 -0.56 0.04 1.27
C VAL A 93 -1.98 -0.50 1.11
N ARG A 94 -2.36 -0.83 -0.11
CA ARG A 94 -3.69 -1.35 -0.39
C ARG A 94 -3.61 -2.62 -1.24
N ALA A 95 -4.48 -3.58 -0.94
CA ALA A 95 -4.50 -4.83 -1.69
C ALA A 95 -5.64 -4.84 -2.70
N LEU A 96 -5.30 -5.10 -3.96
CA LEU A 96 -6.30 -5.14 -5.02
C LEU A 96 -6.30 -6.49 -5.73
N ASN A 97 -7.43 -7.19 -5.68
CA ASN A 97 -7.55 -8.49 -6.31
C ASN A 97 -8.71 -8.50 -7.31
N MET A 98 -8.99 -9.69 -7.86
CA MET A 98 -10.06 -9.83 -8.83
C MET A 98 -11.42 -9.60 -8.17
N LEU A 99 -11.41 -9.36 -6.86
CA LEU A 99 -12.64 -9.12 -6.12
C LEU A 99 -12.79 -7.64 -5.78
N GLY A 100 -11.66 -6.94 -5.71
CA GLY A 100 -11.69 -5.52 -5.39
C GLY A 100 -10.48 -5.09 -4.59
N GLU A 101 -10.54 -3.87 -4.05
CA GLU A 101 -9.43 -3.33 -3.26
C GLU A 101 -9.74 -3.42 -1.77
N SER A 102 -8.69 -3.41 -0.94
CA SER A 102 -8.86 -3.48 0.50
C SER A 102 -8.77 -2.09 1.14
N GLU A 103 -9.16 -2.01 2.40
CA GLU A 103 -9.13 -0.74 3.12
C GLU A 103 -7.71 -0.20 3.21
N PRO A 104 -7.60 1.13 3.42
CA PRO A 104 -6.30 1.80 3.53
C PRO A 104 -5.56 1.43 4.80
N SER A 105 -4.41 0.77 4.65
CA SER A 105 -3.62 0.35 5.80
C SER A 105 -3.30 1.54 6.70
N ALA A 106 -2.97 1.26 7.96
CA ALA A 106 -2.64 2.31 8.92
C ALA A 106 -1.52 3.19 8.40
N PRO A 107 -1.61 4.50 8.69
CA PRO A 107 -0.61 5.48 8.25
C PRO A 107 0.72 5.32 8.98
N SER A 108 1.69 4.70 8.31
CA SER A 108 3.01 4.48 8.89
C SER A 108 3.58 5.78 9.47
N ARG A 109 4.53 5.64 10.38
CA ARG A 109 5.16 6.79 11.01
C ARG A 109 5.63 7.80 9.96
N PRO A 110 5.65 9.09 10.33
CA PRO A 110 6.07 10.17 9.44
C PRO A 110 7.57 10.12 9.14
N TYR A 111 7.92 10.33 7.88
CA TYR A 111 9.31 10.31 7.46
C TYR A 111 9.68 11.61 6.75
N VAL A 112 10.62 12.35 7.33
CA VAL A 112 11.07 13.61 6.75
C VAL A 112 12.28 13.40 5.86
N VAL A 113 12.05 13.44 4.54
CA VAL A 113 13.12 13.26 3.57
C VAL A 113 14.07 14.45 3.58
N SER A 114 15.31 14.20 4.01
CA SER A 114 16.31 15.26 4.06
C SER A 114 17.44 14.99 3.08
N GLY A 115 17.96 16.05 2.47
CA GLY A 115 19.04 15.91 1.51
C GLY A 115 20.21 15.14 2.07
N SER A 116 21.16 15.87 2.68
CA SER A 116 22.35 15.24 3.25
C SER A 116 22.00 13.90 3.88
N GLY A 117 22.56 12.83 3.32
CA GLY A 117 22.30 11.50 3.85
C GLY A 117 23.48 10.56 3.66
N PRO A 118 23.23 9.25 3.81
CA PRO A 118 24.27 8.22 3.66
C PRO A 118 24.72 8.06 2.22
N SER A 119 25.96 7.63 2.03
CA SER A 119 26.52 7.44 0.71
C SER A 119 26.32 6.00 0.23
N SER A 120 26.85 5.06 1.01
CA SER A 120 26.74 3.64 0.67
C SER A 120 27.11 2.76 1.86
N GLY A 121 26.15 1.98 2.32
CA GLY A 121 26.39 1.10 3.46
C GLY A 121 25.11 0.69 4.16
#